data_6E7W
#
_entry.id   6E7W
#
_cell.length_a   268.131
_cell.length_b   59.590
_cell.length_c   145.495
_cell.angle_alpha   90.000
_cell.angle_beta   116.620
_cell.angle_gamma   90.000
#
_symmetry.space_group_name_H-M   'C 1 2 1'
#
loop_
_entity.id
_entity.type
_entity.pdbx_description
1 polymer 'Glutamate receptor ionotropic, NMDA 1'
2 polymer 'Glutamate receptor ionotropic, NMDA 2B'
3 branched alpha-D-mannopyranose-(1-3)-[alpha-D-mannopyranose-(1-6)]beta-D-mannopyranose-(1-4)-2-acetamido-2-deoxy-beta-D-glucopyranose-(1-4)-2-acetamido-2-deoxy-beta-D-glucopyranose
4 non-polymer 2-acetamido-2-deoxy-beta-D-glucopyranose
5 non-polymer 'SODIUM ION'
6 non-polymer 'CHLORIDE ION'
7 non-polymer N-{4-[(2S)-3-{[2-(3,4-dichlorophenyl)ethyl](propan-2-yl)amino}-2-hydroxypropoxy]phenyl}methanesulfonamide
8 water water
#
loop_
_entity_poly.entity_id
_entity_poly.type
_entity_poly.pdbx_seq_one_letter_code
_entity_poly.pdbx_strand_id
1 'polypeptide(L)'
;DPKIVNIGAVLSTKKHEQIFREAVNQANKRHFTRKIQLQATSVTHRPNAIQMALSVCEDLISSQVYAILVSHPPAPTDHL
TPTPISYTAGFYRIPVIGLTTRMSIYSDKSIHLSFLRTVPPYSHQALVWFEMMRLFNWNHVILIVSDDHEGRAAQKKLET
LLEGKESKSKKRNYENLDQLSYDNKRGPKADKVLQFEPGTKNLTALLLEAKELEARVIILSASEDDATAVYKSAAMLDMT
GAGYVWLVGEREISGSALRYAPDGIIGLQLINGKNESAHISDAVAVVAQAIHELFEMENITDPPRGCVGNTNIWKTGPLF
KRVLMSSKYPDGVTGRIEFNEDGDRKFAQYSIMNLQNRKLVQVGIFNGSYIIQNDRKIIWPGGET
;
A,C
2 'polypeptide(L)'
;PPSIGIAVILVGTSDEVAIKDAHEKDDFHHLSVVPRVELVAMNETDPKSIITRICDLMSDRKIQGVVFADDTDQEAIAQI
LDFISAQTLTPILGIHGGSSMIMADKDESSMFFQFGPSIEQQASVMLNIMEEYDWYIFSIVTTYFPGYQDFVNKIRSTIE
NSFVGWELEEVLLLDMSLDDGDSKIQNQLKKLQSPIILLYCTKEEATYIFEVANSVGLTGYGYTWIVPSLVAGDTDTVPS
EFPTGLISVSYDEWDYGLPARVRDGIAIITTAASDMLSEHSFIPEPKSSCYNTHEKRIYQSNMLNRYLINVTFEGRDLSF
SEDGYQMHPKLVIILLNKERKWERVGKWKDKSLQMKYYVWPRM
;
B,D
#
# COMPACT_ATOMS: atom_id res chain seq x y z
N ASP A 1 27.21 40.06 38.72
CA ASP A 1 26.37 39.26 37.81
C ASP A 1 26.55 39.73 36.36
N PRO A 2 27.13 38.88 35.51
CA PRO A 2 27.20 39.11 34.08
C PRO A 2 25.92 38.71 33.36
N LYS A 3 25.88 38.93 32.06
CA LYS A 3 24.78 38.45 31.24
C LYS A 3 25.07 37.05 30.72
N ILE A 4 24.09 36.17 30.85
CA ILE A 4 24.27 34.77 30.47
C ILE A 4 23.77 34.52 29.06
N VAL A 5 24.70 34.14 28.18
CA VAL A 5 24.38 33.86 26.79
C VAL A 5 24.55 32.37 26.49
N ASN A 6 23.47 31.73 26.06
CA ASN A 6 23.47 30.28 25.86
C ASN A 6 23.96 29.94 24.46
N ILE A 7 24.91 29.01 24.40
CA ILE A 7 25.17 28.25 23.18
C ILE A 7 24.42 26.92 23.22
N GLY A 8 23.91 26.51 22.06
CA GLY A 8 23.18 25.26 21.94
C GLY A 8 23.99 24.21 21.19
N ALA A 9 23.66 22.94 21.42
CA ALA A 9 24.32 21.84 20.73
C ALA A 9 23.39 20.63 20.60
N VAL A 10 23.40 20.03 19.42
CA VAL A 10 22.79 18.72 19.21
C VAL A 10 23.84 17.70 18.83
N LEU A 11 24.13 16.78 19.74
CA LEU A 11 25.33 15.97 19.66
C LEU A 11 24.98 14.49 19.84
N SER A 12 25.91 13.62 19.46
CA SER A 12 25.59 12.22 19.22
C SER A 12 25.39 11.48 20.54
N THR A 13 26.29 11.73 21.49
CA THR A 13 26.29 10.98 22.74
C THR A 13 26.35 11.92 23.93
N LYS A 14 26.29 11.35 25.12
CA LYS A 14 26.33 12.13 26.35
C LYS A 14 27.77 12.39 26.79
N LYS A 15 28.69 11.59 26.26
CA LYS A 15 30.11 11.90 26.35
C LYS A 15 30.41 13.22 25.63
N HIS A 16 29.80 13.40 24.47
CA HIS A 16 30.03 14.58 23.66
C HIS A 16 29.33 15.80 24.24
N GLU A 17 28.14 15.60 24.81
CA GLU A 17 27.48 16.64 25.59
C GLU A 17 28.40 17.17 26.67
N GLN A 18 29.12 16.27 27.33
CA GLN A 18 29.99 16.63 28.44
C GLN A 18 31.23 17.35 27.95
N ILE A 19 31.71 16.96 26.77
CA ILE A 19 32.82 17.63 26.11
C ILE A 19 32.44 19.06 25.74
N PHE A 20 31.20 19.24 25.32
CA PHE A 20 30.70 20.55 24.91
C PHE A 20 30.60 21.49 26.11
N ARG A 21 30.10 20.96 27.22
CA ARG A 21 30.07 21.70 28.48
C ARG A 21 31.47 22.16 28.87
N GLU A 22 32.42 21.23 28.85
CA GLU A 22 33.78 21.50 29.29
C GLU A 22 34.46 22.51 28.36
N ALA A 23 34.10 22.46 27.08
CA ALA A 23 34.61 23.41 26.10
C ALA A 23 34.12 24.82 26.41
N VAL A 24 32.86 24.93 26.77
CA VAL A 24 32.25 26.22 27.05
C VAL A 24 32.78 26.79 28.36
N ASN A 25 33.01 25.91 29.34
CA ASN A 25 33.59 26.31 30.61
C ASN A 25 35.00 26.84 30.42
N GLN A 26 35.75 26.21 29.52
CA GLN A 26 37.11 26.64 29.20
C GLN A 26 37.10 28.01 28.55
N ALA A 27 36.17 28.22 27.62
CA ALA A 27 36.03 29.51 26.95
C ALA A 27 35.76 30.63 27.96
N ASN A 28 34.96 30.32 28.98
CA ASN A 28 34.64 31.29 30.01
C ASN A 28 35.87 31.58 30.88
N LYS A 29 36.68 30.56 31.12
CA LYS A 29 37.93 30.73 31.83
C LYS A 29 38.91 31.58 31.01
N ARG A 30 38.91 31.33 29.71
CA ARG A 30 39.93 31.89 28.82
C ARG A 30 39.62 33.36 28.51
N HIS A 31 38.33 33.68 28.41
CA HIS A 31 37.90 35.01 28.00
C HIS A 31 37.67 35.92 29.20
N PHE A 32 37.52 37.21 28.93
CA PHE A 32 37.06 38.16 29.93
C PHE A 32 35.53 38.14 30.00
N THR A 33 35.00 37.62 31.10
CA THR A 33 33.59 37.25 31.16
C THR A 33 32.88 37.96 32.32
N ARG A 34 33.12 39.26 32.44
CA ARG A 34 32.35 40.08 33.39
C ARG A 34 31.06 40.58 32.76
N LYS A 35 31.12 40.95 31.48
CA LYS A 35 29.96 41.47 30.78
C LYS A 35 29.08 40.33 30.26
N ILE A 36 29.66 39.50 29.39
CA ILE A 36 28.97 38.31 28.90
C ILE A 36 29.67 37.04 29.35
N GLN A 37 28.88 36.00 29.61
CA GLN A 37 29.43 34.69 29.95
C GLN A 37 28.53 33.58 29.42
N LEU A 38 29.15 32.58 28.80
CA LEU A 38 28.43 31.60 28.00
C LEU A 38 27.82 30.52 28.89
N GLN A 39 26.75 29.91 28.41
CA GLN A 39 26.19 28.73 29.05
C GLN A 39 25.86 27.63 28.04
N ALA A 40 26.32 26.43 28.33
CA ALA A 40 26.13 25.30 27.43
C ALA A 40 24.75 24.68 27.62
N THR A 41 23.99 24.61 26.52
CA THR A 41 22.73 23.90 26.51
C THR A 41 22.67 22.93 25.33
N SER A 42 22.37 21.67 25.61
CA SER A 42 22.58 20.61 24.63
C SER A 42 21.59 19.46 24.78
N VAL A 43 21.77 18.47 23.91
CA VAL A 43 20.75 17.48 23.61
C VAL A 43 21.33 16.52 22.59
N THR A 44 20.87 15.27 22.62
CA THR A 44 21.29 14.29 21.62
C THR A 44 20.20 14.12 20.55
N HIS A 45 20.62 13.68 19.38
CA HIS A 45 19.72 13.55 18.24
C HIS A 45 18.48 12.74 18.62
N ARG A 46 17.33 13.20 18.15
CA ARG A 46 16.08 12.47 18.34
C ARG A 46 15.86 11.50 17.20
N PRO A 47 14.98 10.51 17.42
CA PRO A 47 14.95 9.33 16.56
C PRO A 47 14.37 9.62 15.18
N ASN A 48 13.67 10.74 15.04
CA ASN A 48 13.17 11.18 13.73
C ASN A 48 13.12 12.69 13.62
N ALA A 49 12.82 13.17 12.41
CA ALA A 49 13.08 14.57 12.05
C ALA A 49 12.10 15.50 12.76
N ILE A 50 10.86 15.05 12.86
CA ILE A 50 9.80 15.88 13.43
C ILE A 50 10.00 16.05 14.93
N GLN A 51 10.40 14.97 15.59
CA GLN A 51 10.73 15.00 17.00
C GLN A 51 11.95 15.88 17.24
N MET A 52 12.92 15.79 16.34
CA MET A 52 14.14 16.58 16.43
C MET A 52 13.82 18.07 16.35
N ALA A 53 13.00 18.45 15.38
CA ALA A 53 12.59 19.84 15.22
C ALA A 53 11.95 20.36 16.51
N LEU A 54 11.04 19.57 17.06
CA LEU A 54 10.38 19.94 18.31
C LEU A 54 11.41 20.16 19.42
N SER A 55 12.38 19.25 19.52
CA SER A 55 13.36 19.32 20.60
C SER A 55 14.17 20.61 20.50
N VAL A 56 14.49 21.02 19.28
CA VAL A 56 15.17 22.28 19.05
C VAL A 56 14.38 23.43 19.63
N CYS A 57 13.05 23.36 19.52
CA CYS A 57 12.17 24.40 20.05
C CYS A 57 12.08 24.30 21.56
N GLU A 58 11.82 23.10 22.07
CA GLU A 58 11.52 22.90 23.48
C GLU A 58 12.77 23.04 24.33
N ASP A 59 13.88 22.52 23.83
CA ASP A 59 15.06 22.28 24.65
C ASP A 59 16.12 23.35 24.44
N LEU A 60 16.16 23.92 23.24
CA LEU A 60 17.24 24.83 22.86
C LEU A 60 16.75 26.27 22.73
N ILE A 61 15.87 26.51 21.77
CA ILE A 61 15.41 27.86 21.48
C ILE A 61 14.63 28.42 22.66
N SER A 62 14.14 27.54 23.52
CA SER A 62 13.45 27.94 24.74
C SER A 62 14.43 28.53 25.74
N SER A 63 15.72 28.29 25.52
CA SER A 63 16.76 28.85 26.38
C SER A 63 17.45 30.03 25.71
N GLN A 64 16.88 30.47 24.59
CA GLN A 64 17.43 31.59 23.85
C GLN A 64 18.90 31.36 23.52
N VAL A 65 19.14 30.35 22.69
CA VAL A 65 20.49 30.06 22.22
C VAL A 65 20.88 30.98 21.07
N TYR A 66 22.08 31.53 21.15
CA TYR A 66 22.59 32.44 20.13
C TYR A 66 23.06 31.66 18.91
N ALA A 67 23.45 30.41 19.13
CA ALA A 67 23.89 29.53 18.05
C ALA A 67 23.69 28.07 18.46
N ILE A 68 23.75 27.18 17.48
CA ILE A 68 23.56 25.76 17.73
C ILE A 68 24.58 24.92 16.97
N LEU A 69 25.47 24.26 17.71
CA LEU A 69 26.36 23.25 17.13
C LEU A 69 25.59 21.96 16.85
N VAL A 70 25.91 21.33 15.72
CA VAL A 70 25.26 20.08 15.35
C VAL A 70 26.27 19.10 14.76
N SER A 71 26.18 17.85 15.20
CA SER A 71 27.01 16.79 14.65
C SER A 71 26.18 15.87 13.77
N HIS A 72 26.88 15.04 12.98
CA HIS A 72 26.25 13.96 12.25
C HIS A 72 26.19 12.71 13.12
N PRO A 73 24.97 12.19 13.36
CA PRO A 73 24.76 11.11 14.31
C PRO A 73 25.45 9.81 13.88
N PRO A 74 25.34 8.76 14.70
CA PRO A 74 25.89 7.45 14.39
C PRO A 74 24.98 6.63 13.47
N ALA A 75 23.67 6.75 13.66
CA ALA A 75 22.71 6.07 12.80
C ALA A 75 22.20 7.03 11.72
N HIS A 79 20.26 8.42 8.35
CA HIS A 79 18.88 8.79 8.06
C HIS A 79 18.45 10.00 8.89
N LEU A 80 19.26 10.37 9.87
CA LEU A 80 19.02 11.57 10.66
C LEU A 80 20.07 12.63 10.35
N THR A 81 19.64 13.70 9.67
CA THR A 81 20.55 14.75 9.24
C THR A 81 20.41 15.98 10.14
N PRO A 82 21.30 16.96 9.96
CA PRO A 82 21.19 18.23 10.68
C PRO A 82 20.00 19.06 10.21
N THR A 83 19.25 18.55 9.25
CA THR A 83 18.41 19.40 8.41
C THR A 83 17.26 20.02 9.19
N PRO A 84 16.64 19.24 10.09
CA PRO A 84 15.54 19.77 10.91
C PRO A 84 16.02 20.83 11.88
N ILE A 85 17.29 20.75 12.27
CA ILE A 85 17.88 21.74 13.14
C ILE A 85 18.19 23.02 12.37
N SER A 86 18.63 22.86 11.13
CA SER A 86 18.92 24.00 10.28
C SER A 86 17.64 24.74 9.94
N TYR A 87 16.59 23.98 9.61
CA TYR A 87 15.29 24.57 9.29
C TYR A 87 14.76 25.39 10.46
N THR A 88 14.67 24.75 11.63
CA THR A 88 13.98 25.35 12.76
C THR A 88 14.76 26.53 13.32
N ALA A 89 16.08 26.36 13.44
CA ALA A 89 16.96 27.45 13.79
C ALA A 89 16.93 28.54 12.71
N GLY A 90 16.86 28.10 11.45
CA GLY A 90 16.89 29.03 10.33
C GLY A 90 15.65 29.91 10.27
N PHE A 91 14.52 29.33 10.69
CA PHE A 91 13.29 30.09 10.81
C PHE A 91 13.49 31.38 11.59
N TYR A 92 14.40 31.34 12.57
CA TYR A 92 14.63 32.49 13.44
C TYR A 92 15.94 33.20 13.10
N ARG A 93 16.66 32.66 12.11
CA ARG A 93 17.97 33.18 11.75
C ARG A 93 18.98 33.01 12.88
N ILE A 94 18.78 31.97 13.68
CA ILE A 94 19.82 31.49 14.58
C ILE A 94 20.82 30.63 13.84
N PRO A 95 22.11 31.03 13.86
CA PRO A 95 23.14 30.31 13.13
C PRO A 95 23.31 28.87 13.62
N VAL A 96 23.62 27.98 12.68
CA VAL A 96 23.94 26.60 13.01
C VAL A 96 25.34 26.25 12.53
N ILE A 97 26.12 25.63 13.42
CA ILE A 97 27.47 25.19 13.07
C ILE A 97 27.51 23.67 12.92
N GLY A 98 27.61 23.22 11.67
CA GLY A 98 27.78 21.80 11.38
C GLY A 98 29.18 21.32 11.70
N LEU A 99 29.27 20.20 12.41
CA LEU A 99 30.56 19.75 12.96
C LEU A 99 31.20 18.72 12.04
N THR A 100 30.39 17.90 11.37
CA THR A 100 30.91 16.72 10.68
C THR A 100 30.13 16.41 9.40
N THR A 101 29.07 17.16 9.15
CA THR A 101 28.31 17.00 7.92
C THR A 101 29.09 17.52 6.71
N ARG A 102 29.04 16.77 5.62
CA ARG A 102 29.99 16.97 4.52
C ARG A 102 29.32 16.96 3.16
N MET A 103 28.03 16.64 3.14
CA MET A 103 27.24 16.78 1.92
C MET A 103 27.22 18.23 1.45
N SER A 104 27.31 18.42 0.14
CA SER A 104 27.50 19.75 -0.44
C SER A 104 26.20 20.56 -0.38
N ILE A 105 25.08 19.85 -0.23
CA ILE A 105 23.77 20.49 -0.26
C ILE A 105 23.66 21.56 0.82
N TYR A 106 24.45 21.42 1.88
CA TYR A 106 24.37 22.33 3.02
C TYR A 106 25.07 23.65 2.71
N SER A 107 25.62 23.76 1.51
CA SER A 107 26.25 24.99 1.05
C SER A 107 25.24 25.86 0.31
N ASP A 108 24.05 25.32 0.09
CA ASP A 108 22.99 26.03 -0.60
C ASP A 108 22.27 27.00 0.35
N LYS A 109 22.47 28.28 0.11
CA LYS A 109 21.99 29.34 1.01
C LYS A 109 20.47 29.35 1.07
N SER A 110 19.83 29.02 -0.05
CA SER A 110 18.37 29.05 -0.14
C SER A 110 17.76 28.06 0.83
N ILE A 111 18.41 26.91 0.97
CA ILE A 111 17.89 25.83 1.79
C ILE A 111 18.39 25.96 3.23
N HIS A 112 19.59 26.50 3.39
CA HIS A 112 20.20 26.64 4.70
C HIS A 112 20.77 28.05 4.90
N LEU A 113 19.94 28.94 5.44
CA LEU A 113 20.30 30.36 5.56
C LEU A 113 21.49 30.55 6.48
N SER A 114 21.36 30.00 7.68
CA SER A 114 22.30 30.29 8.76
C SER A 114 23.07 29.04 9.14
N PHE A 115 23.89 28.55 8.20
CA PHE A 115 24.59 27.30 8.39
C PHE A 115 26.05 27.45 7.98
N LEU A 116 26.93 27.43 8.98
CA LEU A 116 28.35 27.21 8.73
C LEU A 116 28.73 25.79 9.14
N ARG A 117 29.95 25.40 8.84
CA ARG A 117 30.49 24.13 9.33
C ARG A 117 32.01 24.15 9.36
N THR A 118 32.57 23.33 10.24
CA THR A 118 33.99 23.34 10.52
C THR A 118 34.70 22.24 9.75
N VAL A 119 33.93 21.45 9.01
CA VAL A 119 34.47 20.59 7.97
C VAL A 119 33.96 21.02 6.60
N PRO A 120 34.77 20.78 5.55
CA PRO A 120 34.38 21.15 4.20
C PRO A 120 33.41 20.14 3.60
N PRO A 121 32.59 20.60 2.65
CA PRO A 121 31.82 19.68 1.83
C PRO A 121 32.72 18.80 0.96
N TYR A 122 32.19 17.67 0.51
CA TYR A 122 32.94 16.73 -0.31
C TYR A 122 33.46 17.41 -1.57
N SER A 123 32.69 18.35 -2.10
CA SER A 123 32.99 18.96 -3.38
C SER A 123 34.32 19.69 -3.32
N HIS A 124 34.75 20.04 -2.10
CA HIS A 124 35.95 20.82 -1.90
C HIS A 124 37.20 19.97 -2.10
N GLN A 125 36.99 18.66 -2.26
CA GLN A 125 38.08 17.75 -2.57
C GLN A 125 38.69 18.07 -3.94
N ALA A 126 37.96 18.84 -4.73
CA ALA A 126 38.46 19.31 -6.03
C ALA A 126 39.68 20.21 -5.86
N LEU A 127 39.69 21.00 -4.79
CA LEU A 127 40.83 21.84 -4.48
C LEU A 127 42.10 21.01 -4.42
N VAL A 128 42.00 19.83 -3.82
CA VAL A 128 43.17 18.97 -3.62
C VAL A 128 43.53 18.28 -4.93
N TRP A 129 42.52 17.79 -5.63
CA TRP A 129 42.71 17.26 -6.98
C TRP A 129 43.50 18.25 -7.84
N PHE A 130 43.06 19.50 -7.84
CA PHE A 130 43.64 20.51 -8.72
C PHE A 130 45.11 20.72 -8.42
N GLU A 131 45.45 20.72 -7.13
CA GLU A 131 46.83 20.94 -6.71
C GLU A 131 47.70 19.73 -7.04
N MET A 132 47.09 18.55 -7.06
CA MET A 132 47.77 17.34 -7.50
C MET A 132 48.01 17.37 -9.00
N MET A 133 47.05 17.92 -9.74
CA MET A 133 47.14 17.99 -11.19
C MET A 133 48.28 18.92 -11.62
N ARG A 134 48.43 20.03 -10.91
CA ARG A 134 49.58 20.89 -11.08
C ARG A 134 50.87 20.16 -10.70
N LEU A 135 50.84 19.48 -9.56
CA LEU A 135 52.04 18.86 -9.01
C LEU A 135 52.54 17.75 -9.92
N PHE A 136 51.66 16.81 -10.25
CA PHE A 136 52.03 15.67 -11.08
C PHE A 136 51.82 15.97 -12.56
N ASN A 137 51.55 17.24 -12.87
CA ASN A 137 51.45 17.69 -14.25
C ASN A 137 50.52 16.79 -15.06
N TRP A 138 49.34 16.52 -14.51
CA TRP A 138 48.24 15.97 -15.28
C TRP A 138 47.42 17.08 -15.91
N ASN A 139 47.71 17.38 -17.18
CA ASN A 139 47.14 18.56 -17.82
C ASN A 139 45.88 18.18 -18.61
N HIS A 140 45.63 16.88 -18.71
CA HIS A 140 44.42 16.38 -19.35
C HIS A 140 43.76 15.30 -18.51
N VAL A 141 42.53 15.52 -18.10
CA VAL A 141 41.82 14.59 -17.23
C VAL A 141 40.40 14.35 -17.73
N ILE A 142 39.94 13.11 -17.60
CA ILE A 142 38.51 12.80 -17.66
C ILE A 142 37.89 12.84 -16.27
N LEU A 143 36.65 13.33 -16.19
CA LEU A 143 35.97 13.47 -14.93
C LEU A 143 34.62 12.76 -14.95
N ILE A 144 34.54 11.64 -14.26
CA ILE A 144 33.27 10.93 -14.08
C ILE A 144 32.62 11.31 -12.76
N VAL A 145 31.34 11.65 -12.81
CA VAL A 145 30.61 12.08 -11.62
C VAL A 145 29.18 11.53 -11.64
N SER A 146 28.67 11.18 -10.47
CA SER A 146 27.27 10.81 -10.33
C SER A 146 26.37 12.01 -10.62
N ASP A 147 25.30 11.77 -11.37
CA ASP A 147 24.30 12.80 -11.63
C ASP A 147 23.37 12.96 -10.44
N ASP A 148 23.93 13.36 -9.30
CA ASP A 148 23.15 13.91 -8.21
C ASP A 148 23.76 15.22 -7.75
N HIS A 149 23.18 15.81 -6.71
CA HIS A 149 23.63 17.11 -6.22
C HIS A 149 25.13 17.07 -5.94
N GLU A 150 25.57 16.03 -5.24
CA GLU A 150 26.93 15.95 -4.76
C GLU A 150 27.90 15.82 -5.92
N GLY A 151 27.57 14.94 -6.86
CA GLY A 151 28.41 14.72 -8.03
C GLY A 151 28.59 15.98 -8.85
N ARG A 152 27.49 16.69 -9.08
CA ARG A 152 27.52 17.90 -9.87
C ARG A 152 28.22 19.03 -9.12
N ALA A 153 28.16 18.97 -7.80
CA ALA A 153 28.87 19.94 -6.97
C ALA A 153 30.36 19.84 -7.16
N ALA A 154 30.86 18.61 -7.27
CA ALA A 154 32.28 18.37 -7.48
C ALA A 154 32.69 18.85 -8.86
N GLN A 155 31.85 18.60 -9.86
CA GLN A 155 32.10 19.06 -11.22
C GLN A 155 32.15 20.59 -11.26
N LYS A 156 31.11 21.23 -10.74
CA LYS A 156 31.07 22.69 -10.67
C LYS A 156 32.36 23.24 -10.07
N LYS A 157 32.82 22.61 -9.00
CA LYS A 157 33.91 23.16 -8.21
C LYS A 157 35.25 22.99 -8.91
N LEU A 158 35.45 21.82 -9.52
CA LEU A 158 36.67 21.56 -10.27
C LEU A 158 36.75 22.44 -11.51
N GLU A 159 35.62 22.57 -12.20
CA GLU A 159 35.57 23.34 -13.44
C GLU A 159 35.86 24.82 -13.19
N THR A 160 35.41 25.33 -12.06
CA THR A 160 35.72 26.69 -11.66
C THR A 160 37.22 26.89 -11.53
N LEU A 161 37.90 25.86 -11.00
CA LEU A 161 39.33 25.94 -10.77
C LEU A 161 40.10 25.82 -12.08
N LEU A 162 39.51 25.13 -13.05
CA LEU A 162 40.15 24.93 -14.35
C LEU A 162 39.88 26.12 -15.27
N GLU A 163 38.66 26.61 -15.25
CA GLU A 163 38.35 27.91 -15.85
C GLU A 163 38.67 29.04 -14.88
N GLY A 164 39.94 29.13 -14.50
CA GLY A 164 40.34 29.97 -13.37
C GLY A 164 40.68 31.38 -13.80
N GLY A 187 48.17 25.53 -17.86
CA GLY A 187 46.98 25.19 -17.09
C GLY A 187 46.40 23.85 -17.50
N PRO A 188 45.85 23.12 -16.53
CA PRO A 188 45.25 21.81 -16.83
C PRO A 188 43.79 21.93 -17.26
N LYS A 189 43.31 20.93 -18.00
CA LYS A 189 41.99 20.98 -18.60
C LYS A 189 41.25 19.66 -18.41
N ALA A 190 39.92 19.71 -18.46
CA ALA A 190 39.11 18.51 -18.45
C ALA A 190 38.65 18.15 -19.86
N ASP A 191 39.20 17.07 -20.41
CA ASP A 191 38.96 16.70 -21.80
C ASP A 191 37.50 16.29 -22.02
N LYS A 192 36.87 15.80 -20.95
CA LYS A 192 35.46 15.44 -21.00
C LYS A 192 34.90 15.30 -19.59
N VAL A 193 33.58 15.44 -19.48
CA VAL A 193 32.89 15.17 -18.22
C VAL A 193 31.73 14.21 -18.44
N LEU A 194 31.73 13.10 -17.71
CA LEU A 194 30.72 12.08 -17.89
C LEU A 194 29.89 11.91 -16.62
N GLN A 195 28.58 11.77 -16.80
CA GLN A 195 27.67 11.62 -15.68
C GLN A 195 26.84 10.35 -15.83
N PHE A 196 26.63 9.65 -14.73
CA PHE A 196 25.83 8.42 -14.75
C PHE A 196 24.71 8.50 -13.72
N GLU A 197 23.63 7.76 -13.98
CA GLU A 197 22.48 7.75 -13.09
C GLU A 197 22.81 6.99 -11.82
N PRO A 198 22.79 7.69 -10.67
CA PRO A 198 23.06 7.05 -9.38
C PRO A 198 22.20 5.80 -9.18
N GLY A 199 22.87 4.66 -9.01
CA GLY A 199 22.18 3.39 -8.81
C GLY A 199 22.44 2.42 -9.93
N THR A 200 23.10 2.89 -10.98
CA THR A 200 23.39 2.06 -12.15
C THR A 200 24.56 1.12 -11.85
N LYS A 201 24.48 -0.09 -12.39
CA LYS A 201 25.51 -1.10 -12.18
C LYS A 201 26.26 -1.40 -13.46
N ASN A 202 25.54 -1.37 -14.58
CA ASN A 202 26.15 -1.59 -15.89
C ASN A 202 26.66 -0.27 -16.47
N LEU A 203 27.86 0.14 -16.02
CA LEU A 203 28.45 1.40 -16.46
C LEU A 203 29.49 1.16 -17.56
N THR A 204 29.40 0.00 -18.19
CA THR A 204 30.28 -0.33 -19.31
C THR A 204 30.09 0.66 -20.44
N ALA A 205 28.85 1.07 -20.67
CA ALA A 205 28.54 2.04 -21.71
C ALA A 205 29.30 3.35 -21.47
N LEU A 206 29.23 3.84 -20.24
CA LEU A 206 29.81 5.13 -19.89
C LEU A 206 31.34 5.06 -19.96
N LEU A 207 31.91 3.96 -19.49
CA LEU A 207 33.34 3.86 -19.31
C LEU A 207 34.04 3.59 -20.65
N LEU A 208 33.34 2.93 -21.55
CA LEU A 208 33.81 2.78 -22.92
C LEU A 208 33.98 4.13 -23.59
N GLU A 209 33.07 5.06 -23.29
CA GLU A 209 33.17 6.42 -23.79
C GLU A 209 34.44 7.09 -23.27
N ALA A 210 34.80 6.78 -22.02
CA ALA A 210 36.01 7.32 -21.41
C ALA A 210 37.25 6.64 -21.97
N LYS A 211 37.13 5.36 -22.29
CA LYS A 211 38.25 4.57 -22.78
C LYS A 211 38.76 5.12 -24.11
N GLU A 212 37.86 5.78 -24.84
CA GLU A 212 38.13 6.11 -26.24
C GLU A 212 38.87 7.44 -26.36
N LEU A 213 38.90 8.20 -25.27
CA LEU A 213 39.68 9.43 -25.22
C LEU A 213 41.15 9.15 -24.93
N GLU A 214 42.00 10.12 -25.23
CA GLU A 214 43.44 9.93 -25.09
C GLU A 214 43.86 10.06 -23.63
N ALA A 215 43.19 10.94 -22.89
CA ALA A 215 43.48 11.15 -21.47
C ALA A 215 43.33 9.85 -20.70
N ARG A 216 44.31 9.57 -19.83
CA ARG A 216 44.28 8.37 -19.01
C ARG A 216 44.34 8.72 -17.52
N VAL A 217 43.94 9.95 -17.19
CA VAL A 217 43.74 10.33 -15.80
C VAL A 217 42.26 10.53 -15.51
N ILE A 218 41.72 9.69 -14.64
CA ILE A 218 40.28 9.66 -14.40
C ILE A 218 39.95 10.08 -12.97
N ILE A 219 39.13 11.12 -12.86
CA ILE A 219 38.69 11.61 -11.55
C ILE A 219 37.24 11.23 -11.31
N LEU A 220 36.95 10.68 -10.14
CA LEU A 220 35.64 10.12 -9.86
C LEU A 220 35.01 10.80 -8.64
N SER A 221 33.78 11.29 -8.83
CA SER A 221 32.91 11.61 -7.70
C SER A 221 31.70 10.69 -7.70
N ALA A 222 31.54 9.93 -6.63
CA ALA A 222 30.44 8.99 -6.52
C ALA A 222 30.28 8.55 -5.07
N SER A 223 29.08 8.08 -4.73
CA SER A 223 28.85 7.44 -3.44
C SER A 223 29.61 6.13 -3.35
N GLU A 224 29.57 5.51 -2.18
CA GLU A 224 30.24 4.23 -1.97
C GLU A 224 29.80 3.19 -2.99
N ASP A 225 28.50 2.94 -3.04
CA ASP A 225 27.96 1.87 -3.85
C ASP A 225 28.15 2.16 -5.33
N ASP A 226 28.09 3.44 -5.69
CA ASP A 226 28.19 3.83 -7.09
C ASP A 226 29.63 3.73 -7.57
N ALA A 227 30.57 4.03 -6.68
CA ALA A 227 31.98 3.87 -6.98
C ALA A 227 32.33 2.40 -7.18
N THR A 228 31.68 1.54 -6.41
CA THR A 228 31.85 0.10 -6.57
C THR A 228 31.47 -0.33 -7.98
N ALA A 229 30.33 0.15 -8.45
CA ALA A 229 29.87 -0.16 -9.79
C ALA A 229 30.89 0.29 -10.83
N VAL A 230 31.39 1.51 -10.67
CA VAL A 230 32.40 2.04 -11.59
C VAL A 230 33.64 1.17 -11.57
N TYR A 231 34.12 0.83 -10.38
CA TYR A 231 35.37 0.11 -10.22
C TYR A 231 35.31 -1.25 -10.91
N LYS A 232 34.21 -1.95 -10.72
CA LYS A 232 34.02 -3.26 -11.34
C LYS A 232 34.04 -3.14 -12.86
N SER A 233 33.18 -2.29 -13.39
CA SER A 233 33.05 -2.13 -14.84
C SER A 233 34.37 -1.71 -15.45
N ALA A 234 35.10 -0.83 -14.76
CA ALA A 234 36.39 -0.34 -15.23
C ALA A 234 37.41 -1.48 -15.30
N ALA A 235 37.25 -2.47 -14.43
CA ALA A 235 38.19 -3.57 -14.36
C ALA A 235 37.97 -4.54 -15.52
N MET A 236 36.71 -4.86 -15.79
CA MET A 236 36.36 -5.64 -16.96
C MET A 236 36.98 -5.05 -18.23
N LEU A 237 36.93 -3.72 -18.34
CA LEU A 237 37.38 -3.04 -19.55
C LEU A 237 38.88 -2.74 -19.49
N ASP A 238 39.55 -3.28 -18.47
CA ASP A 238 41.00 -3.20 -18.39
C ASP A 238 41.47 -1.75 -18.35
N MET A 239 40.74 -0.91 -17.61
CA MET A 239 41.08 0.49 -17.49
C MET A 239 41.66 0.80 -16.11
N THR A 240 41.98 -0.26 -15.37
CA THR A 240 42.55 -0.11 -14.03
C THR A 240 44.03 -0.48 -14.02
N GLY A 241 44.55 -0.83 -15.19
CA GLY A 241 45.92 -1.29 -15.31
C GLY A 241 46.90 -0.15 -15.51
N ALA A 242 48.06 -0.47 -16.09
CA ALA A 242 49.11 0.53 -16.29
C ALA A 242 48.72 1.49 -17.40
N GLY A 243 49.21 2.72 -17.31
CA GLY A 243 48.70 3.82 -18.12
C GLY A 243 47.77 4.72 -17.35
N TYR A 244 46.80 4.12 -16.65
CA TYR A 244 45.68 4.87 -16.08
C TYR A 244 46.01 5.38 -14.68
N VAL A 245 45.63 6.61 -14.40
CA VAL A 245 45.63 7.14 -13.05
C VAL A 245 44.20 7.36 -12.57
N TRP A 246 43.89 6.81 -11.39
CA TRP A 246 42.59 7.04 -10.78
C TRP A 246 42.72 7.95 -9.57
N LEU A 247 41.91 9.00 -9.55
CA LEU A 247 42.00 10.04 -8.53
C LEU A 247 40.61 10.34 -7.98
N VAL A 248 40.37 9.92 -6.76
CA VAL A 248 39.04 10.02 -6.17
C VAL A 248 39.10 10.70 -4.80
N GLY A 249 37.97 10.72 -4.11
CA GLY A 249 37.89 11.35 -2.80
C GLY A 249 37.72 10.32 -1.70
N GLU A 250 36.95 10.69 -0.68
CA GLU A 250 36.91 9.92 0.56
C GLU A 250 35.82 8.85 0.49
N ARG A 251 34.68 9.19 -0.08
CA ARG A 251 33.56 8.26 -0.16
C ARG A 251 33.92 7.07 -1.03
N GLU A 252 34.78 7.31 -2.03
CA GLU A 252 35.01 6.35 -3.09
C GLU A 252 36.11 5.37 -2.70
N ILE A 253 36.68 5.57 -1.52
CA ILE A 253 37.55 4.57 -0.90
C ILE A 253 37.10 4.28 0.52
N SER A 254 35.79 4.17 0.72
CA SER A 254 35.22 3.84 2.01
C SER A 254 34.36 2.57 1.91
N GLY A 255 34.27 1.84 3.01
CA GLY A 255 33.46 0.63 3.05
C GLY A 255 33.61 -0.20 1.79
N SER A 256 32.50 -0.40 1.08
CA SER A 256 32.45 -1.41 0.02
C SER A 256 33.15 -0.92 -1.25
N ALA A 257 33.33 0.38 -1.36
CA ALA A 257 34.12 0.94 -2.46
C ALA A 257 35.57 0.47 -2.36
N LEU A 258 36.10 0.52 -1.15
CA LEU A 258 37.46 0.06 -0.88
C LEU A 258 37.66 -1.37 -1.35
N ARG A 259 36.57 -2.15 -1.31
CA ARG A 259 36.66 -3.59 -1.36
C ARG A 259 36.81 -4.08 -2.80
N TYR A 260 36.63 -3.16 -3.75
CA TYR A 260 36.78 -3.48 -5.17
C TYR A 260 37.68 -2.48 -5.87
N ALA A 261 38.10 -1.45 -5.15
CA ALA A 261 38.92 -0.39 -5.74
C ALA A 261 40.17 -0.98 -6.36
N PRO A 262 40.53 -0.52 -7.58
CA PRO A 262 41.76 -0.95 -8.24
C PRO A 262 43.00 -0.50 -7.47
N ASP A 263 44.03 -1.35 -7.47
CA ASP A 263 45.29 -1.02 -6.83
C ASP A 263 46.00 0.12 -7.57
N GLY A 264 46.54 1.06 -6.80
CA GLY A 264 47.20 2.23 -7.38
C GLY A 264 46.36 3.49 -7.25
N ILE A 265 45.08 3.31 -6.96
CA ILE A 265 44.16 4.44 -6.85
C ILE A 265 44.67 5.44 -5.81
N ILE A 266 44.47 6.73 -6.11
CA ILE A 266 44.71 7.78 -5.12
C ILE A 266 43.39 8.36 -4.63
N GLY A 267 43.26 8.48 -3.32
CA GLY A 267 42.04 9.03 -2.72
C GLY A 267 42.36 9.90 -1.51
N LEU A 268 41.32 10.39 -0.85
CA LEU A 268 41.50 11.38 0.20
C LEU A 268 40.76 10.96 1.48
N GLN A 269 41.33 11.35 2.62
CA GLN A 269 40.60 11.30 3.89
C GLN A 269 40.77 12.61 4.65
N LEU A 270 39.64 13.20 5.04
CA LEU A 270 39.66 14.46 5.77
C LEU A 270 40.15 14.23 7.21
N ILE A 271 41.31 14.79 7.52
CA ILE A 271 41.95 14.54 8.81
C ILE A 271 41.10 15.11 9.94
N ASN A 272 40.75 14.24 10.89
CA ASN A 272 39.86 14.61 11.99
C ASN A 272 38.42 14.77 11.50
N GLY A 273 38.17 14.34 10.27
CA GLY A 273 36.88 14.56 9.62
C GLY A 273 35.74 14.00 10.44
N LYS A 274 36.06 13.05 11.32
CA LYS A 274 35.02 12.33 12.07
C LYS A 274 35.28 12.39 13.57
N ASN A 275 36.22 13.23 13.97
CA ASN A 275 36.43 13.51 15.38
C ASN A 275 35.45 14.57 15.87
N GLU A 276 34.27 14.13 16.27
CA GLU A 276 33.26 15.03 16.83
C GLU A 276 33.84 15.86 17.97
N SER A 277 34.63 15.22 18.83
CA SER A 277 35.18 15.89 20.00
C SER A 277 36.07 17.05 19.59
N ALA A 278 36.93 16.83 18.60
CA ALA A 278 37.83 17.86 18.11
C ALA A 278 37.05 19.07 17.57
N HIS A 279 35.97 18.79 16.86
CA HIS A 279 35.22 19.84 16.18
C HIS A 279 34.33 20.60 17.15
N ILE A 280 33.89 19.92 18.21
CA ILE A 280 33.23 20.59 19.33
C ILE A 280 34.18 21.60 19.96
N SER A 281 35.43 21.21 20.12
CA SER A 281 36.42 22.06 20.75
C SER A 281 36.64 23.33 19.95
N ASP A 282 36.77 23.17 18.63
CA ASP A 282 37.08 24.30 17.75
C ASP A 282 35.83 25.14 17.49
N ALA A 283 34.70 24.47 17.29
CA ALA A 283 33.43 25.16 17.09
C ALA A 283 33.14 26.10 18.26
N VAL A 284 33.32 25.60 19.47
CA VAL A 284 33.02 26.39 20.66
C VAL A 284 33.97 27.57 20.77
N ALA A 285 35.24 27.34 20.45
CA ALA A 285 36.24 28.39 20.47
C ALA A 285 35.84 29.51 19.51
N VAL A 286 35.49 29.14 18.28
CA VAL A 286 35.08 30.10 17.27
C VAL A 286 33.85 30.87 17.73
N VAL A 287 32.83 30.14 18.19
CA VAL A 287 31.57 30.75 18.57
C VAL A 287 31.75 31.67 19.77
N ALA A 288 32.59 31.26 20.72
CA ALA A 288 32.87 32.07 21.89
C ALA A 288 33.52 33.39 21.48
N GLN A 289 34.57 33.30 20.67
CA GLN A 289 35.21 34.47 20.08
C GLN A 289 34.18 35.39 19.45
N ALA A 290 33.28 34.81 18.65
CA ALA A 290 32.34 35.58 17.86
C ALA A 290 31.33 36.28 18.75
N ILE A 291 30.92 35.60 19.82
CA ILE A 291 29.99 36.18 20.79
C ILE A 291 30.56 37.44 21.41
N HIS A 292 31.81 37.36 21.85
CA HIS A 292 32.46 38.49 22.49
C HIS A 292 32.70 39.62 21.50
N GLU A 293 32.89 39.25 20.23
CA GLU A 293 33.06 40.24 19.17
C GLU A 293 31.73 40.90 18.84
N LEU A 294 30.64 40.13 18.94
CA LEU A 294 29.31 40.65 18.73
C LEU A 294 28.98 41.75 19.74
N PHE A 295 29.36 41.52 20.99
CA PHE A 295 28.87 42.35 22.09
C PHE A 295 29.75 43.58 22.29
N GLU A 296 30.75 43.73 21.44
CA GLU A 296 31.42 45.01 21.26
C GLU A 296 30.52 46.00 20.53
N MET A 297 29.59 45.47 19.75
CA MET A 297 28.73 46.29 18.91
C MET A 297 27.47 46.69 19.66
N GLU A 298 26.74 47.63 19.09
CA GLU A 298 25.66 48.29 19.82
C GLU A 298 24.30 47.75 19.37
N ASN A 299 23.35 47.77 20.29
CA ASN A 299 21.97 47.43 19.98
C ASN A 299 21.86 45.96 19.61
N ILE A 300 22.44 45.11 20.45
CA ILE A 300 22.32 43.66 20.29
C ILE A 300 21.06 43.15 20.99
N THR A 301 20.19 42.49 20.24
CA THR A 301 18.96 41.94 20.80
C THR A 301 19.12 40.47 21.16
N ASP A 302 18.25 39.99 22.05
CA ASP A 302 18.21 38.57 22.37
C ASP A 302 17.44 37.81 21.31
N PRO A 303 17.82 36.55 21.08
CA PRO A 303 16.96 35.61 20.36
C PRO A 303 15.63 35.40 21.08
N PRO A 304 14.59 34.99 20.34
CA PRO A 304 13.28 34.72 20.91
C PRO A 304 13.32 33.58 21.93
N ARG A 305 12.65 33.78 23.07
CA ARG A 305 12.58 32.76 24.10
C ARG A 305 11.47 31.75 23.79
N GLY A 306 11.86 30.66 23.14
CA GLY A 306 10.92 29.61 22.78
C GLY A 306 10.33 29.82 21.39
N CYS A 307 9.61 28.82 20.90
CA CYS A 307 9.07 28.88 19.55
C CYS A 307 7.62 29.35 19.57
N VAL A 308 6.84 28.85 20.53
CA VAL A 308 5.41 29.11 20.55
C VAL A 308 5.12 30.60 20.57
N GLY A 309 4.39 31.07 19.58
CA GLY A 309 3.90 32.44 19.56
C GLY A 309 4.88 33.40 18.90
N ASN A 310 6.03 32.87 18.49
CA ASN A 310 7.09 33.70 17.93
C ASN A 310 7.35 33.35 16.47
N THR A 311 7.19 34.34 15.59
CA THR A 311 7.25 34.09 14.16
C THR A 311 8.16 35.10 13.45
N ASN A 312 8.65 36.08 14.19
CA ASN A 312 9.61 37.03 13.65
C ASN A 312 11.03 36.49 13.79
N ILE A 313 11.89 36.84 12.84
CA ILE A 313 13.30 36.49 12.94
C ILE A 313 13.95 37.22 14.12
N TRP A 314 15.02 36.61 14.62
CA TRP A 314 15.91 37.27 15.56
C TRP A 314 16.66 38.41 14.87
N LYS A 315 16.39 39.64 15.29
CA LYS A 315 16.80 40.82 14.55
C LYS A 315 18.32 40.83 14.37
N THR A 316 19.03 40.26 15.34
CA THR A 316 20.48 40.37 15.38
C THR A 316 21.13 39.17 14.71
N GLY A 317 20.31 38.16 14.40
CA GLY A 317 20.81 36.93 13.80
C GLY A 317 21.75 37.18 12.63
N PRO A 318 21.29 37.97 11.65
CA PRO A 318 22.04 38.14 10.41
C PRO A 318 23.37 38.86 10.62
N LEU A 319 23.42 39.78 11.59
CA LEU A 319 24.68 40.38 12.00
C LEU A 319 25.60 39.33 12.61
N PHE A 320 25.07 38.52 13.52
CA PHE A 320 25.86 37.50 14.17
C PHE A 320 26.40 36.50 13.15
N LYS A 321 25.63 36.26 12.11
CA LYS A 321 26.09 35.36 11.05
C LYS A 321 27.29 35.94 10.32
N ARG A 322 27.25 37.25 10.08
CA ARG A 322 28.39 37.92 9.46
C ARG A 322 29.63 37.80 10.33
N VAL A 323 29.46 38.01 11.63
CA VAL A 323 30.57 37.97 12.56
C VAL A 323 31.22 36.59 12.58
N LEU A 324 30.38 35.56 12.61
CA LEU A 324 30.87 34.18 12.55
C LEU A 324 31.64 33.91 11.26
N MET A 325 31.09 34.40 10.15
CA MET A 325 31.65 34.13 8.84
C MET A 325 33.05 34.71 8.72
N SER A 326 33.28 35.82 9.40
CA SER A 326 34.55 36.53 9.31
C SER A 326 35.51 36.05 10.40
N SER A 327 35.09 35.03 11.15
CA SER A 327 35.84 34.56 12.30
C SER A 327 37.06 33.78 11.86
N LYS A 328 38.23 34.19 12.35
CA LYS A 328 39.46 33.46 12.12
C LYS A 328 40.01 32.90 13.42
N TYR A 329 40.23 31.59 13.44
CA TYR A 329 40.80 30.93 14.61
C TYR A 329 41.99 30.06 14.21
N PRO A 330 43.20 30.62 14.26
CA PRO A 330 44.38 29.99 13.66
C PRO A 330 44.85 28.77 14.44
N ASP A 331 44.81 28.87 15.76
CA ASP A 331 45.41 27.86 16.63
C ASP A 331 44.37 26.82 17.04
N GLY A 332 43.72 26.22 16.05
CA GLY A 332 42.64 25.27 16.31
C GLY A 332 43.11 23.83 16.22
N VAL A 333 42.34 22.93 16.83
CA VAL A 333 42.72 21.52 16.93
C VAL A 333 42.71 20.87 15.55
N THR A 334 41.78 21.29 14.70
CA THR A 334 41.69 20.75 13.36
C THR A 334 42.37 21.68 12.35
N GLY A 335 43.26 22.53 12.86
CA GLY A 335 44.02 23.44 12.01
C GLY A 335 43.44 24.85 12.01
N ARG A 336 43.56 25.52 10.86
CA ARG A 336 43.24 26.94 10.77
C ARG A 336 41.79 27.14 10.36
N ILE A 337 41.00 27.69 11.27
CA ILE A 337 39.57 27.83 11.05
C ILE A 337 39.24 29.17 10.39
N GLU A 338 38.90 29.13 9.11
CA GLU A 338 38.16 30.20 8.47
C GLU A 338 37.01 29.65 7.65
N PHE A 339 36.09 30.53 7.25
CA PHE A 339 34.95 30.12 6.46
C PHE A 339 34.92 30.88 5.14
N ASN A 340 34.51 30.20 4.08
CA ASN A 340 34.35 30.84 2.77
C ASN A 340 32.97 31.46 2.62
N GLU A 341 32.65 31.91 1.41
CA GLU A 341 31.48 32.73 1.17
C GLU A 341 30.20 31.93 1.37
N ASP A 342 30.34 30.62 1.52
CA ASP A 342 29.20 29.74 1.74
C ASP A 342 29.13 29.28 3.19
N GLY A 343 30.14 29.66 3.96
CA GLY A 343 30.22 29.27 5.36
C GLY A 343 30.82 27.89 5.52
N ASP A 344 31.39 27.39 4.43
CA ASP A 344 32.15 26.15 4.47
C ASP A 344 33.57 26.40 4.96
N ARG A 345 34.14 25.38 5.60
CA ARG A 345 35.48 25.50 6.21
C ARG A 345 36.56 25.63 5.14
N LYS A 346 37.40 26.64 5.31
CA LYS A 346 38.62 26.76 4.51
C LYS A 346 39.79 26.11 5.26
N PHE A 347 40.86 25.83 4.52
CA PHE A 347 42.12 25.41 5.12
C PHE A 347 41.96 24.07 5.83
N ALA A 348 41.09 23.22 5.30
CA ALA A 348 40.96 21.85 5.77
C ALA A 348 42.19 21.03 5.37
N GLN A 349 42.40 19.93 6.08
CA GLN A 349 43.60 19.12 5.88
C GLN A 349 43.24 17.68 5.52
N TYR A 350 43.91 17.14 4.52
CA TYR A 350 43.55 15.85 3.95
C TYR A 350 44.74 14.90 3.95
N SER A 351 44.49 13.64 4.28
CA SER A 351 45.43 12.56 3.99
C SER A 351 45.31 12.13 2.54
N ILE A 352 46.42 12.14 1.81
CA ILE A 352 46.46 11.63 0.45
C ILE A 352 46.81 10.13 0.47
N MET A 353 45.80 9.32 0.18
CA MET A 353 45.89 7.88 0.40
C MET A 353 46.12 7.17 -0.93
N ASN A 354 46.84 6.06 -0.87
CA ASN A 354 47.19 5.31 -2.06
C ASN A 354 47.09 3.81 -1.80
N LEU A 355 46.24 3.14 -2.57
CA LEU A 355 46.01 1.71 -2.40
C LEU A 355 47.22 0.91 -2.90
N GLN A 356 47.93 0.29 -1.96
CA GLN A 356 49.15 -0.44 -2.28
C GLN A 356 49.05 -1.87 -1.78
N ASN A 357 49.12 -2.83 -2.70
CA ASN A 357 48.86 -4.23 -2.38
C ASN A 357 47.62 -4.35 -1.49
N ARG A 358 46.61 -3.55 -1.79
CA ARG A 358 45.30 -3.71 -1.17
C ARG A 358 45.29 -3.17 0.25
N LYS A 359 46.32 -2.42 0.61
CA LYS A 359 46.32 -1.64 1.84
C LYS A 359 46.31 -0.15 1.53
N LEU A 360 45.43 0.59 2.19
CA LEU A 360 45.44 2.05 2.14
C LEU A 360 46.66 2.60 2.86
N VAL A 361 47.51 3.28 2.11
CA VAL A 361 48.75 3.83 2.64
C VAL A 361 48.79 5.33 2.42
N GLN A 362 49.16 6.08 3.44
CA GLN A 362 49.30 7.53 3.31
C GLN A 362 50.61 7.90 2.62
N VAL A 363 50.51 8.68 1.55
CA VAL A 363 51.67 9.06 0.76
C VAL A 363 51.93 10.56 0.88
N GLY A 364 51.06 11.26 1.59
CA GLY A 364 51.22 12.70 1.80
C GLY A 364 49.99 13.32 2.44
N ILE A 365 50.07 14.61 2.72
CA ILE A 365 48.92 15.37 3.18
C ILE A 365 48.79 16.69 2.43
N PHE A 366 47.55 17.11 2.19
CA PHE A 366 47.25 18.50 1.88
C PHE A 366 47.03 19.28 3.17
N ASN A 367 47.86 20.29 3.40
CA ASN A 367 48.02 20.86 4.73
C ASN A 367 47.15 22.10 4.89
N GLY A 368 46.29 22.34 3.91
CA GLY A 368 45.48 23.54 3.88
C GLY A 368 45.68 24.34 2.61
N SER A 369 46.88 24.26 2.05
CA SER A 369 47.24 25.08 0.90
C SER A 369 48.33 24.40 0.07
N TYR A 370 49.04 23.47 0.70
CA TYR A 370 50.25 22.90 0.10
C TYR A 370 50.21 21.38 0.17
N ILE A 371 50.62 20.73 -0.92
CA ILE A 371 50.83 19.29 -0.91
C ILE A 371 52.20 18.94 -0.34
N ILE A 372 52.21 18.12 0.69
CA ILE A 372 53.46 17.66 1.30
C ILE A 372 53.60 16.15 1.15
N GLN A 373 54.36 15.73 0.15
CA GLN A 373 54.63 14.31 -0.04
C GLN A 373 55.54 13.78 1.06
N ASN A 374 55.16 12.63 1.62
CA ASN A 374 56.00 11.94 2.59
C ASN A 374 56.89 10.90 1.90
N ASP A 375 57.63 10.15 2.72
CA ASP A 375 58.74 9.35 2.22
C ASP A 375 58.27 7.99 1.71
N ARG A 376 56.97 7.71 1.88
CA ARG A 376 56.38 6.49 1.33
C ARG A 376 56.04 6.69 -0.15
N LYS A 377 56.68 5.89 -1.00
CA LYS A 377 56.58 6.08 -2.44
C LYS A 377 55.18 5.73 -2.93
N ILE A 378 54.67 6.56 -3.84
CA ILE A 378 53.41 6.27 -4.52
C ILE A 378 53.57 5.11 -5.50
N ILE A 379 52.58 4.23 -5.52
CA ILE A 379 52.52 3.16 -6.52
C ILE A 379 51.26 3.29 -7.37
N TRP A 380 51.45 3.59 -8.66
CA TRP A 380 50.34 3.81 -9.57
C TRP A 380 49.80 2.48 -10.06
N PRO A 381 48.59 2.50 -10.65
CA PRO A 381 48.01 1.30 -11.25
C PRO A 381 48.93 0.66 -12.29
N GLY A 382 49.19 -0.64 -12.13
CA GLY A 382 50.36 -1.26 -12.74
C GLY A 382 51.59 -1.19 -11.85
N GLY A 383 52.34 -0.11 -11.99
CA GLY A 383 53.66 0.00 -11.37
C GLY A 383 53.69 -0.63 -9.98
N PRO B 1 -21.24 4.02 2.36
CA PRO B 1 -19.85 4.40 2.08
C PRO B 1 -19.09 4.77 3.35
N PRO B 2 -17.83 4.30 3.45
CA PRO B 2 -17.00 4.53 4.62
C PRO B 2 -16.45 5.95 4.69
N SER B 3 -16.05 6.38 5.87
CA SER B 3 -15.72 7.79 6.10
C SER B 3 -14.22 7.96 6.21
N ILE B 4 -13.70 9.00 5.55
CA ILE B 4 -12.32 9.43 5.77
C ILE B 4 -12.30 10.76 6.53
N GLY B 5 -11.37 10.88 7.48
CA GLY B 5 -11.24 12.08 8.29
C GLY B 5 -10.41 13.13 7.60
N ILE B 6 -11.01 14.31 7.42
CA ILE B 6 -10.28 15.45 6.86
C ILE B 6 -10.29 16.61 7.85
N ALA B 7 -9.11 17.00 8.30
CA ALA B 7 -8.97 18.16 9.17
C ALA B 7 -8.87 19.44 8.34
N VAL B 8 -9.73 20.40 8.65
CA VAL B 8 -9.59 21.75 8.13
C VAL B 8 -9.08 22.70 9.21
N ILE B 9 -7.90 23.26 8.99
CA ILE B 9 -7.26 24.10 10.00
C ILE B 9 -7.32 25.56 9.59
N LEU B 10 -7.92 26.38 10.44
CA LEU B 10 -8.11 27.79 10.14
C LEU B 10 -7.36 28.66 11.15
N VAL B 11 -6.34 29.36 10.66
CA VAL B 11 -5.64 30.36 11.47
C VAL B 11 -6.19 31.74 11.20
N GLY B 12 -6.63 32.43 12.26
CA GLY B 12 -7.10 33.79 12.14
C GLY B 12 -8.60 33.86 11.92
N THR B 13 -9.20 34.97 12.36
CA THR B 13 -10.64 35.12 12.32
C THR B 13 -11.23 34.49 11.06
N SER B 14 -12.31 33.74 11.23
CA SER B 14 -12.92 33.02 10.12
C SER B 14 -14.41 32.81 10.37
N ASP B 15 -15.23 33.11 9.36
CA ASP B 15 -16.63 32.73 9.36
C ASP B 15 -16.78 31.21 9.27
N GLU B 16 -16.48 30.52 10.37
CA GLU B 16 -16.56 29.06 10.40
C GLU B 16 -17.91 28.58 9.90
N VAL B 17 -18.93 29.41 10.08
CA VAL B 17 -20.30 29.04 9.70
C VAL B 17 -20.51 29.27 8.20
N ALA B 18 -19.95 30.35 7.67
CA ALA B 18 -19.93 30.58 6.24
C ALA B 18 -19.20 29.45 5.52
N ILE B 19 -18.21 28.88 6.19
CA ILE B 19 -17.37 27.84 5.60
C ILE B 19 -18.11 26.50 5.60
N LYS B 20 -18.64 26.12 6.77
CA LYS B 20 -19.40 24.89 6.89
C LYS B 20 -20.61 24.90 5.96
N ASP B 21 -21.32 26.02 5.92
CA ASP B 21 -22.55 26.12 5.14
C ASP B 21 -22.26 26.08 3.65
N ALA B 22 -21.01 26.36 3.30
CA ALA B 22 -20.63 26.49 1.90
C ALA B 22 -20.34 25.13 1.28
N HIS B 23 -20.27 24.10 2.13
CA HIS B 23 -20.05 22.74 1.66
C HIS B 23 -21.22 21.84 2.05
N HIS B 29 -21.42 14.48 -2.34
CA HIS B 29 -20.29 13.59 -2.55
C HIS B 29 -20.77 12.18 -2.90
N HIS B 30 -20.81 11.87 -4.18
CA HIS B 30 -21.49 10.68 -4.68
C HIS B 30 -20.54 9.49 -4.76
N LEU B 31 -19.36 9.65 -4.17
CA LEU B 31 -18.20 8.85 -4.55
C LEU B 31 -18.20 7.51 -3.84
N SER B 32 -17.02 6.89 -3.74
CA SER B 32 -16.88 5.61 -3.06
C SER B 32 -16.49 5.82 -1.60
N VAL B 33 -16.42 7.08 -1.19
CA VAL B 33 -15.98 7.43 0.16
C VAL B 33 -16.44 8.84 0.51
N VAL B 34 -16.74 9.06 1.78
CA VAL B 34 -17.32 10.34 2.21
C VAL B 34 -16.45 11.01 3.27
N PRO B 35 -16.41 12.34 3.24
CA PRO B 35 -15.60 13.13 4.16
C PRO B 35 -16.25 13.23 5.54
N ARG B 36 -15.45 13.06 6.58
CA ARG B 36 -15.83 13.51 7.91
C ARG B 36 -14.93 14.67 8.35
N VAL B 37 -15.37 15.88 8.03
CA VAL B 37 -14.52 17.06 8.19
C VAL B 37 -14.65 17.63 9.60
N GLU B 38 -13.51 17.89 10.23
CA GLU B 38 -13.47 18.59 11.51
C GLU B 38 -12.70 19.89 11.38
N LEU B 39 -13.34 21.00 11.72
CA LEU B 39 -12.66 22.28 11.84
C LEU B 39 -11.87 22.36 13.15
N VAL B 40 -10.55 22.32 13.04
CA VAL B 40 -9.69 22.85 14.08
C VAL B 40 -9.40 24.32 13.84
N ALA B 41 -9.40 25.12 14.92
CA ALA B 41 -8.88 26.48 14.87
C ALA B 41 -7.52 26.55 15.53
N MET B 42 -6.69 27.48 15.06
CA MET B 42 -5.32 27.60 15.54
C MET B 42 -4.90 29.07 15.58
N ASN B 43 -4.19 29.46 16.64
CA ASN B 43 -3.95 30.86 16.91
C ASN B 43 -2.52 31.27 16.57
N GLU B 44 -1.63 30.27 16.47
CA GLU B 44 -0.20 30.53 16.31
C GLU B 44 0.34 29.78 15.10
N THR B 45 1.41 30.30 14.52
CA THR B 45 1.94 29.77 13.27
C THR B 45 3.47 29.69 13.31
N ASP B 46 4.02 29.55 14.50
CA ASP B 46 5.38 29.07 14.67
C ASP B 46 5.47 27.56 14.43
N PRO B 47 6.69 27.05 14.21
CA PRO B 47 6.90 25.65 13.85
C PRO B 47 6.32 24.69 14.89
N LYS B 48 6.59 24.94 16.16
CA LYS B 48 6.14 24.06 17.23
C LYS B 48 4.62 23.99 17.26
N SER B 49 3.98 25.15 17.21
CA SER B 49 2.53 25.24 17.27
C SER B 49 1.88 24.48 16.11
N ILE B 50 2.41 24.68 14.92
CA ILE B 50 1.86 24.05 13.72
C ILE B 50 2.10 22.53 13.72
N ILE B 51 3.31 22.14 14.12
CA ILE B 51 3.65 20.72 14.16
C ILE B 51 2.84 19.97 15.21
N THR B 52 2.86 20.45 16.45
CA THR B 52 2.18 19.76 17.54
C THR B 52 0.68 19.68 17.29
N ARG B 53 0.12 20.73 16.70
CA ARG B 53 -1.31 20.80 16.47
C ARG B 53 -1.73 19.73 15.47
N ILE B 54 -0.96 19.59 14.40
CA ILE B 54 -1.25 18.62 13.36
C ILE B 54 -0.97 17.20 13.83
N CYS B 55 0.07 17.07 14.66
CA CYS B 55 0.43 15.76 15.22
C CYS B 55 -0.61 15.28 16.22
N ASP B 56 -1.12 16.21 17.02
CA ASP B 56 -2.17 15.89 17.98
C ASP B 56 -3.45 15.46 17.27
N LEU B 57 -3.84 16.20 16.25
CA LEU B 57 -4.96 15.81 15.39
C LEU B 57 -4.79 14.37 14.91
N MET B 58 -3.60 14.09 14.38
CA MET B 58 -3.35 12.84 13.68
C MET B 58 -3.38 11.65 14.64
N SER B 59 -3.31 11.95 15.94
CA SER B 59 -3.24 10.90 16.95
C SER B 59 -4.53 10.82 17.75
N ASP B 60 -5.26 11.93 17.82
CA ASP B 60 -6.55 11.95 18.50
C ASP B 60 -7.68 11.74 17.50
N ARG B 61 -7.35 11.16 16.35
CA ARG B 61 -8.29 11.01 15.26
C ARG B 61 -7.58 10.42 14.03
N LYS B 62 -8.36 9.91 13.08
CA LYS B 62 -7.81 9.30 11.88
C LYS B 62 -7.91 10.25 10.70
N ILE B 63 -6.77 10.80 10.27
CA ILE B 63 -6.77 11.89 9.30
C ILE B 63 -6.19 11.43 7.96
N GLN B 64 -7.03 11.47 6.94
CA GLN B 64 -6.62 11.10 5.59
C GLN B 64 -5.85 12.24 4.92
N GLY B 65 -6.14 13.47 5.34
CA GLY B 65 -5.57 14.65 4.72
C GLY B 65 -5.89 15.92 5.49
N VAL B 66 -5.12 16.97 5.24
CA VAL B 66 -5.32 18.25 5.91
C VAL B 66 -5.60 19.36 4.90
N VAL B 67 -6.58 20.20 5.21
CA VAL B 67 -6.78 21.44 4.48
C VAL B 67 -6.47 22.64 5.37
N PHE B 68 -5.52 23.46 4.93
CA PHE B 68 -4.94 24.49 5.78
C PHE B 68 -5.18 25.88 5.19
N ALA B 69 -5.68 26.79 6.02
CA ALA B 69 -5.83 28.19 5.63
C ALA B 69 -5.41 29.10 6.78
N ASP B 70 -4.63 30.13 6.45
CA ASP B 70 -4.24 31.13 7.44
C ASP B 70 -4.38 32.55 6.90
N ASP B 71 -4.29 33.53 7.79
CA ASP B 71 -4.52 34.92 7.43
C ASP B 71 -3.24 35.74 7.57
N THR B 72 -2.10 35.08 7.43
CA THR B 72 -0.81 35.73 7.65
C THR B 72 -0.11 35.99 6.32
N ASP B 73 1.05 36.65 6.38
CA ASP B 73 1.88 36.85 5.20
C ASP B 73 3.14 35.97 5.27
N GLN B 74 3.02 34.83 5.96
CA GLN B 74 4.19 34.09 6.40
C GLN B 74 4.46 32.89 5.49
N GLU B 75 5.37 33.07 4.54
CA GLU B 75 5.66 32.03 3.55
C GLU B 75 6.32 30.82 4.20
N ALA B 76 6.84 31.00 5.41
CA ALA B 76 7.48 29.93 6.14
C ALA B 76 6.48 28.82 6.48
N ILE B 77 5.22 29.21 6.68
CA ILE B 77 4.18 28.24 6.96
C ILE B 77 4.13 27.16 5.89
N ALA B 78 4.35 27.56 4.64
CA ALA B 78 4.37 26.62 3.53
C ALA B 78 5.52 25.63 3.68
N GLN B 79 6.71 26.15 3.94
CA GLN B 79 7.87 25.31 4.22
C GLN B 79 7.56 24.30 5.31
N ILE B 80 7.03 24.78 6.43
CA ILE B 80 6.73 23.92 7.57
C ILE B 80 5.78 22.80 7.17
N LEU B 81 4.79 23.13 6.35
CA LEU B 81 3.73 22.19 6.00
C LEU B 81 4.24 21.12 5.06
N ASP B 82 5.10 21.52 4.13
CA ASP B 82 5.76 20.57 3.24
C ASP B 82 6.56 19.55 4.04
N PHE B 83 7.37 20.05 4.97
CA PHE B 83 8.15 19.19 5.86
C PHE B 83 7.24 18.20 6.59
N ILE B 84 6.20 18.72 7.26
CA ILE B 84 5.28 17.88 8.00
C ILE B 84 4.64 16.86 7.07
N SER B 85 4.23 17.29 5.88
CA SER B 85 3.57 16.43 4.92
C SER B 85 4.49 15.29 4.49
N ALA B 86 5.75 15.62 4.24
CA ALA B 86 6.70 14.64 3.75
C ALA B 86 7.06 13.63 4.83
N GLN B 87 7.18 14.11 6.07
CA GLN B 87 7.60 13.25 7.18
C GLN B 87 6.51 12.24 7.50
N THR B 88 5.26 12.66 7.41
CA THR B 88 4.13 11.84 7.85
C THR B 88 3.41 11.25 6.66
N LEU B 89 3.93 11.52 5.46
CA LEU B 89 3.24 11.19 4.23
C LEU B 89 1.74 11.42 4.36
N THR B 90 1.38 12.65 4.68
CA THR B 90 -0.02 13.06 4.75
C THR B 90 -0.27 14.18 3.76
N PRO B 91 -1.39 14.10 3.02
CA PRO B 91 -1.73 15.19 2.11
C PRO B 91 -2.12 16.46 2.87
N ILE B 92 -1.43 17.55 2.56
CA ILE B 92 -1.78 18.85 3.10
C ILE B 92 -2.01 19.84 1.96
N LEU B 93 -3.16 20.50 1.98
CA LEU B 93 -3.48 21.55 1.02
C LEU B 93 -3.38 22.91 1.67
N GLY B 94 -2.44 23.73 1.20
CA GLY B 94 -2.35 25.12 1.61
C GLY B 94 -3.15 26.03 0.68
N ILE B 95 -4.29 26.50 1.16
CA ILE B 95 -5.32 27.05 0.27
C ILE B 95 -5.39 28.57 0.38
N HIS B 96 -4.73 29.13 1.39
CA HIS B 96 -4.86 30.56 1.67
C HIS B 96 -3.73 31.03 2.58
N GLY B 97 -3.30 32.27 2.37
CA GLY B 97 -2.35 32.91 3.28
C GLY B 97 -0.95 32.39 3.09
N GLY B 98 -0.17 32.40 4.16
CA GLY B 98 1.20 31.92 4.13
C GLY B 98 1.30 30.50 3.59
N SER B 99 0.30 29.68 3.91
CA SER B 99 0.30 28.29 3.51
C SER B 99 0.31 28.16 1.99
N SER B 100 -0.12 29.20 1.30
CA SER B 100 -0.36 29.13 -0.14
C SER B 100 0.73 29.86 -0.91
N MET B 101 1.66 30.46 -0.18
CA MET B 101 2.73 31.23 -0.79
C MET B 101 3.80 30.29 -1.38
N ILE B 102 4.14 30.51 -2.64
CA ILE B 102 4.76 29.46 -3.44
C ILE B 102 6.02 28.94 -2.76
N MET B 103 6.02 27.64 -2.48
CA MET B 103 7.25 26.95 -2.09
C MET B 103 7.86 26.20 -3.28
N ALA B 104 9.06 26.63 -3.66
CA ALA B 104 9.84 25.91 -4.65
C ALA B 104 10.60 24.75 -4.02
N ASP B 105 10.82 23.69 -4.78
CA ASP B 105 11.60 22.56 -4.31
C ASP B 105 10.98 21.98 -3.04
N LYS B 106 9.73 21.53 -3.16
CA LYS B 106 9.14 20.63 -2.19
C LYS B 106 9.92 19.33 -2.12
N ASP B 107 9.74 18.61 -1.01
CA ASP B 107 10.41 17.33 -0.81
C ASP B 107 9.97 16.32 -1.86
N GLU B 108 10.87 15.40 -2.21
CA GLU B 108 10.56 14.32 -3.13
C GLU B 108 9.26 13.61 -2.75
N SER B 109 9.04 13.44 -1.46
CA SER B 109 7.92 12.64 -0.99
C SER B 109 6.93 13.48 -0.17
N SER B 110 6.85 14.76 -0.50
CA SER B 110 5.77 15.60 0.04
C SER B 110 4.46 15.26 -0.65
N MET B 111 3.37 15.46 0.08
CA MET B 111 2.04 15.41 -0.52
C MET B 111 1.37 16.77 -0.31
N PHE B 112 2.16 17.81 -0.55
CA PHE B 112 1.76 19.17 -0.21
C PHE B 112 1.44 19.95 -1.47
N PHE B 113 0.20 20.43 -1.55
CA PHE B 113 -0.28 21.14 -2.73
C PHE B 113 -0.83 22.50 -2.33
N GLN B 114 -0.58 23.50 -3.18
CA GLN B 114 -0.87 24.89 -2.84
C GLN B 114 -1.82 25.50 -3.86
N PHE B 115 -2.85 26.18 -3.37
CA PHE B 115 -3.66 27.07 -4.21
C PHE B 115 -2.86 28.32 -4.56
N GLY B 116 -2.69 28.57 -5.85
CA GLY B 116 -1.95 29.73 -6.32
C GLY B 116 -1.01 29.36 -7.46
N PRO B 117 -0.41 30.38 -8.09
CA PRO B 117 0.32 30.19 -9.33
C PRO B 117 1.77 29.73 -9.08
N SER B 118 2.28 28.91 -9.98
CA SER B 118 3.70 28.57 -9.98
C SER B 118 4.56 29.82 -10.10
N ILE B 119 5.83 29.69 -9.75
CA ILE B 119 6.79 30.76 -9.97
C ILE B 119 6.96 31.02 -11.46
N GLU B 120 6.93 29.95 -12.26
CA GLU B 120 7.17 30.05 -13.68
C GLU B 120 6.00 30.74 -14.37
N GLN B 121 4.81 30.55 -13.82
CA GLN B 121 3.59 31.11 -14.42
C GLN B 121 3.52 32.61 -14.18
N GLN B 122 3.92 33.03 -12.99
CA GLN B 122 3.92 34.44 -12.65
C GLN B 122 5.00 35.19 -13.43
N ALA B 123 6.11 34.50 -13.70
CA ALA B 123 7.18 35.07 -14.51
C ALA B 123 6.68 35.38 -15.92
N SER B 124 5.86 34.49 -16.47
CA SER B 124 5.39 34.64 -17.83
C SER B 124 4.26 35.67 -17.88
N VAL B 125 3.46 35.74 -16.83
CA VAL B 125 2.43 36.76 -16.71
C VAL B 125 3.07 38.14 -16.67
N MET B 126 4.23 38.23 -16.04
CA MET B 126 4.89 39.52 -15.83
C MET B 126 5.51 40.02 -17.13
N LEU B 127 5.95 39.07 -17.97
CA LEU B 127 6.47 39.41 -19.29
C LEU B 127 5.35 39.78 -20.25
N ASN B 128 4.18 39.17 -20.07
CA ASN B 128 3.00 39.52 -20.84
C ASN B 128 2.56 40.95 -20.54
N ILE B 129 2.61 41.33 -19.27
CA ILE B 129 2.31 42.70 -18.86
C ILE B 129 3.25 43.67 -19.57
N MET B 130 4.54 43.34 -19.58
CA MET B 130 5.55 44.21 -20.15
C MET B 130 5.39 44.33 -21.66
N GLU B 131 4.99 43.22 -22.28
CA GLU B 131 4.76 43.20 -23.73
C GLU B 131 3.61 44.11 -24.11
N GLU B 132 2.56 44.10 -23.29
CA GLU B 132 1.37 44.88 -23.57
C GLU B 132 1.69 46.37 -23.69
N TYR B 133 2.59 46.85 -22.85
CA TYR B 133 2.90 48.26 -22.78
C TYR B 133 4.29 48.54 -23.38
N ASP B 134 4.80 47.57 -24.13
CA ASP B 134 6.08 47.71 -24.81
C ASP B 134 7.17 48.14 -23.82
N TRP B 135 7.20 47.46 -22.66
CA TRP B 135 8.28 47.66 -21.69
C TRP B 135 9.35 46.60 -21.85
N TYR B 136 10.26 46.82 -22.79
CA TYR B 136 11.11 45.74 -23.29
C TYR B 136 12.47 45.74 -22.59
N ILE B 137 12.69 46.76 -21.75
CA ILE B 137 13.99 46.95 -21.13
C ILE B 137 13.86 46.97 -19.61
N PHE B 138 14.54 46.05 -18.95
CA PHE B 138 14.25 45.73 -17.56
C PHE B 138 15.43 45.07 -16.86
N SER B 139 15.40 45.09 -15.53
CA SER B 139 16.34 44.32 -14.73
C SER B 139 15.60 43.45 -13.73
N ILE B 140 16.29 42.43 -13.22
CA ILE B 140 15.72 41.56 -12.19
C ILE B 140 16.46 41.75 -10.87
N VAL B 141 15.71 41.77 -9.78
CA VAL B 141 16.28 41.69 -8.45
C VAL B 141 15.62 40.59 -7.64
N THR B 142 16.44 39.67 -7.11
CA THR B 142 15.95 38.64 -6.21
C THR B 142 16.77 38.59 -4.93
N THR B 143 16.21 37.95 -3.91
CA THR B 143 17.02 37.39 -2.83
C THR B 143 17.28 35.90 -3.06
N TYR B 144 17.75 35.23 -2.03
CA TYR B 144 18.06 33.81 -2.12
C TYR B 144 16.84 32.94 -1.79
N PHE B 145 15.71 33.60 -1.56
CA PHE B 145 14.48 32.88 -1.24
C PHE B 145 14.20 31.84 -2.31
N PRO B 146 14.00 30.58 -1.88
CA PRO B 146 13.81 29.46 -2.80
C PRO B 146 12.84 29.80 -3.91
N GLY B 147 13.20 29.44 -5.14
CA GLY B 147 12.42 29.82 -6.31
C GLY B 147 13.14 30.84 -7.18
N TYR B 148 14.10 31.53 -6.58
CA TYR B 148 14.69 32.70 -7.21
C TYR B 148 15.42 32.33 -8.50
N GLN B 149 15.99 31.12 -8.52
CA GLN B 149 16.62 30.62 -9.74
C GLN B 149 15.57 30.24 -10.77
N ASP B 150 14.55 29.52 -10.33
CA ASP B 150 13.45 29.13 -11.21
C ASP B 150 12.81 30.36 -11.84
N PHE B 151 12.76 31.45 -11.08
CA PHE B 151 12.24 32.71 -11.57
C PHE B 151 13.15 33.28 -12.67
N VAL B 152 14.42 33.45 -12.35
CA VAL B 152 15.37 34.05 -13.27
C VAL B 152 15.50 33.23 -14.55
N ASN B 153 15.52 31.91 -14.38
CA ASN B 153 15.65 31.00 -15.51
C ASN B 153 14.47 31.13 -16.46
N LYS B 154 13.27 31.16 -15.89
CA LYS B 154 12.05 31.25 -16.70
C LYS B 154 12.07 32.50 -17.57
N ILE B 155 12.35 33.64 -16.95
CA ILE B 155 12.55 34.88 -17.69
C ILE B 155 13.56 34.67 -18.80
N ARG B 156 14.77 34.30 -18.43
CA ARG B 156 15.86 34.16 -19.39
C ARG B 156 15.45 33.24 -20.53
N SER B 157 14.84 32.12 -20.18
CA SER B 157 14.44 31.12 -21.15
C SER B 157 13.40 31.70 -22.11
N THR B 158 12.50 32.52 -21.59
CA THR B 158 11.40 33.06 -22.37
C THR B 158 11.93 34.05 -23.41
N ILE B 159 12.87 34.90 -23.00
CA ILE B 159 13.25 36.07 -23.79
C ILE B 159 14.39 35.74 -24.74
N GLU B 160 15.06 34.63 -24.49
CA GLU B 160 16.09 34.13 -25.42
C GLU B 160 15.45 33.36 -26.56
N ASN B 161 14.15 33.08 -26.43
CA ASN B 161 13.42 32.33 -27.45
C ASN B 161 12.39 33.22 -28.14
N SER B 162 12.61 34.53 -28.11
CA SER B 162 11.58 35.50 -28.49
C SER B 162 12.06 36.35 -29.67
N PHE B 163 11.16 36.57 -30.63
CA PHE B 163 11.42 37.49 -31.73
C PHE B 163 11.29 38.94 -31.26
N VAL B 164 10.96 39.11 -29.98
CA VAL B 164 10.78 40.43 -29.40
C VAL B 164 12.12 40.97 -28.90
N GLY B 165 12.24 42.30 -28.86
CA GLY B 165 13.53 42.93 -28.58
C GLY B 165 13.74 43.16 -27.11
N TRP B 166 13.62 42.10 -26.32
CA TRP B 166 13.87 42.16 -24.89
C TRP B 166 15.32 42.56 -24.61
N GLU B 167 15.52 43.35 -23.56
CA GLU B 167 16.86 43.70 -23.11
C GLU B 167 16.96 43.58 -21.59
N LEU B 168 17.47 42.43 -21.14
CA LEU B 168 17.70 42.20 -19.72
C LEU B 168 19.06 42.76 -19.30
N GLU B 169 19.05 43.89 -18.61
CA GLU B 169 20.26 44.68 -18.42
C GLU B 169 21.07 44.15 -17.23
N GLU B 170 20.37 43.86 -16.14
CA GLU B 170 21.03 43.55 -14.88
C GLU B 170 20.21 42.53 -14.09
N VAL B 171 20.89 41.54 -13.54
CA VAL B 171 20.30 40.66 -12.53
C VAL B 171 21.05 40.78 -11.21
N LEU B 172 20.34 41.17 -10.17
CA LEU B 172 20.95 41.35 -8.86
C LEU B 172 20.50 40.25 -7.90
N LEU B 173 21.47 39.68 -7.19
CA LEU B 173 21.18 38.70 -6.15
C LEU B 173 21.55 39.27 -4.79
N LEU B 174 20.52 39.54 -3.98
CA LEU B 174 20.70 40.24 -2.72
C LEU B 174 20.79 39.25 -1.56
N ASP B 175 21.87 39.31 -0.81
CA ASP B 175 22.06 38.43 0.34
C ASP B 175 21.55 39.10 1.62
N MET B 176 20.36 38.73 2.04
CA MET B 176 19.77 39.29 3.26
C MET B 176 19.79 38.28 4.40
N SER B 177 20.67 37.30 4.29
CA SER B 177 21.02 36.45 5.42
C SER B 177 22.10 37.11 6.27
N LEU B 178 22.71 38.16 5.73
CA LEU B 178 23.65 38.97 6.47
C LEU B 178 23.07 40.36 6.74
N ASP B 179 23.64 41.06 7.71
CA ASP B 179 23.20 42.42 8.03
C ASP B 179 23.68 43.39 6.96
N ASP B 180 23.10 44.60 6.96
CA ASP B 180 23.41 45.60 5.95
C ASP B 180 24.10 46.81 6.56
N GLY B 181 25.10 46.55 7.40
CA GLY B 181 25.88 47.62 8.02
C GLY B 181 26.87 48.23 7.06
N ASP B 182 27.33 47.44 6.10
CA ASP B 182 28.29 47.91 5.11
C ASP B 182 27.59 48.54 3.91
N SER B 183 26.31 48.84 4.08
CA SER B 183 25.51 49.42 3.00
C SER B 183 25.81 48.72 1.68
N LYS B 184 25.85 47.40 1.72
CA LYS B 184 26.17 46.60 0.53
C LYS B 184 25.00 46.59 -0.45
N ILE B 185 23.79 46.38 0.08
CA ILE B 185 22.62 46.22 -0.76
C ILE B 185 22.25 47.53 -1.43
N GLN B 186 22.55 48.64 -0.76
CA GLN B 186 22.42 49.96 -1.35
C GLN B 186 23.31 50.10 -2.57
N ASN B 187 24.53 49.56 -2.48
CA ASN B 187 25.52 49.70 -3.54
C ASN B 187 25.14 48.85 -4.75
N GLN B 188 24.48 47.72 -4.49
CA GLN B 188 23.99 46.87 -5.57
C GLN B 188 22.83 47.55 -6.28
N LEU B 189 21.91 48.12 -5.49
CA LEU B 189 20.72 48.76 -6.04
C LEU B 189 21.09 49.97 -6.87
N LYS B 190 22.15 50.66 -6.48
CA LYS B 190 22.60 51.86 -7.19
C LYS B 190 22.94 51.55 -8.64
N LYS B 191 23.18 50.27 -8.92
CA LYS B 191 23.67 49.85 -10.23
C LYS B 191 22.54 49.71 -11.23
N LEU B 192 21.30 49.81 -10.74
CA LEU B 192 20.13 49.65 -11.59
C LEU B 192 19.89 50.90 -12.44
N GLN B 193 19.71 50.69 -13.74
CA GLN B 193 19.39 51.77 -14.66
C GLN B 193 18.02 51.58 -15.30
N SER B 194 17.59 50.33 -15.40
CA SER B 194 16.41 49.98 -16.18
C SER B 194 15.16 50.67 -15.63
N PRO B 195 14.14 50.84 -16.47
CA PRO B 195 12.92 51.52 -16.04
C PRO B 195 11.87 50.53 -15.53
N ILE B 196 11.99 49.28 -15.92
CA ILE B 196 11.24 48.20 -15.29
C ILE B 196 12.13 47.35 -14.39
N ILE B 197 11.61 46.96 -13.24
CA ILE B 197 12.36 46.11 -12.32
C ILE B 197 11.48 44.98 -11.79
N LEU B 198 11.87 43.75 -12.12
CA LEU B 198 11.19 42.57 -11.60
C LEU B 198 11.85 42.12 -10.29
N LEU B 199 11.05 42.03 -9.23
CA LEU B 199 11.56 41.73 -7.91
C LEU B 199 10.96 40.43 -7.38
N TYR B 200 11.83 39.45 -7.14
CA TYR B 200 11.42 38.20 -6.53
C TYR B 200 12.00 38.07 -5.12
N CYS B 201 11.11 38.08 -4.13
CA CYS B 201 11.52 37.95 -2.74
C CYS B 201 10.29 37.82 -1.85
N THR B 202 10.50 37.78 -0.53
CA THR B 202 9.40 37.74 0.42
C THR B 202 8.88 39.14 0.69
N LYS B 203 7.67 39.21 1.26
CA LYS B 203 7.05 40.48 1.60
C LYS B 203 7.94 41.28 2.54
N GLU B 204 8.45 40.61 3.57
CA GLU B 204 9.26 41.26 4.59
C GLU B 204 10.60 41.73 4.01
N GLU B 205 11.13 40.94 3.08
CA GLU B 205 12.35 41.33 2.37
C GLU B 205 12.08 42.53 1.46
N ALA B 206 10.99 42.49 0.74
CA ALA B 206 10.63 43.58 -0.17
C ALA B 206 10.53 44.89 0.59
N THR B 207 9.88 44.85 1.75
CA THR B 207 9.78 46.01 2.62
C THR B 207 11.11 46.74 2.74
N TYR B 208 12.17 45.98 3.03
CA TYR B 208 13.48 46.57 3.28
C TYR B 208 14.12 47.03 1.98
N ILE B 209 14.00 46.23 0.93
CA ILE B 209 14.59 46.55 -0.35
C ILE B 209 14.03 47.85 -0.90
N PHE B 210 12.72 48.05 -0.71
CA PHE B 210 12.07 49.25 -1.20
C PHE B 210 12.52 50.48 -0.41
N GLU B 211 12.69 50.31 0.89
CA GLU B 211 13.23 51.38 1.74
C GLU B 211 14.57 51.87 1.20
N VAL B 212 15.47 50.94 0.91
CA VAL B 212 16.78 51.26 0.36
C VAL B 212 16.64 51.84 -1.04
N ALA B 213 15.87 51.16 -1.88
CA ALA B 213 15.66 51.58 -3.26
C ALA B 213 15.17 53.03 -3.31
N ASN B 214 14.29 53.39 -2.38
CA ASN B 214 13.74 54.73 -2.31
C ASN B 214 14.83 55.73 -1.95
N SER B 215 15.72 55.32 -1.05
CA SER B 215 16.77 56.21 -0.55
C SER B 215 17.75 56.58 -1.66
N VAL B 216 17.84 55.73 -2.68
CA VAL B 216 18.71 56.00 -3.83
C VAL B 216 17.89 56.21 -5.09
N GLY B 217 16.60 56.49 -4.92
CA GLY B 217 15.83 57.23 -5.93
C GLY B 217 15.42 56.35 -7.09
N LEU B 218 14.82 55.21 -6.78
CA LEU B 218 14.45 54.23 -7.80
C LEU B 218 12.99 53.82 -7.67
N THR B 219 12.25 54.55 -6.83
CA THR B 219 10.85 54.23 -6.57
C THR B 219 9.92 55.23 -7.26
N GLY B 220 10.50 56.33 -7.74
CA GLY B 220 9.71 57.45 -8.25
C GLY B 220 9.12 57.17 -9.61
N TYR B 221 8.69 58.24 -10.28
CA TYR B 221 8.35 58.15 -11.70
C TYR B 221 9.58 57.76 -12.50
N GLY B 222 9.37 56.97 -13.55
CA GLY B 222 10.46 56.51 -14.42
C GLY B 222 10.95 55.13 -14.04
N TYR B 223 10.63 54.69 -12.82
CA TYR B 223 10.87 53.32 -12.42
C TYR B 223 9.55 52.63 -12.06
N THR B 224 9.36 51.43 -12.61
CA THR B 224 8.19 50.62 -12.29
C THR B 224 8.60 49.25 -11.80
N TRP B 225 8.08 48.85 -10.64
CA TRP B 225 8.43 47.56 -10.05
C TRP B 225 7.29 46.57 -10.21
N ILE B 226 7.62 45.34 -10.58
CA ILE B 226 6.64 44.28 -10.69
C ILE B 226 7.03 43.10 -9.79
N VAL B 227 6.12 42.71 -8.91
CA VAL B 227 6.42 41.69 -7.91
C VAL B 227 5.37 40.58 -7.97
N PRO B 228 5.71 39.41 -7.40
CA PRO B 228 4.80 38.28 -7.48
C PRO B 228 3.88 38.20 -6.27
N SER B 229 2.93 37.28 -6.31
CA SER B 229 1.82 37.26 -5.37
C SER B 229 2.31 37.46 -3.94
N LEU B 230 3.39 36.78 -3.58
CA LEU B 230 3.74 36.60 -2.18
C LEU B 230 4.30 37.88 -1.56
N VAL B 231 4.79 38.77 -2.41
CA VAL B 231 5.19 40.11 -1.98
C VAL B 231 3.97 40.94 -1.57
N ALA B 232 2.98 41.00 -2.45
CA ALA B 232 1.73 41.67 -2.12
C ALA B 232 1.06 40.99 -0.94
N GLY B 233 1.05 39.66 -0.96
CA GLY B 233 0.42 38.87 0.10
C GLY B 233 -0.97 39.37 0.41
N ASP B 234 -1.25 39.51 1.71
CA ASP B 234 -2.52 40.07 2.16
C ASP B 234 -2.62 41.53 1.77
N THR B 235 -3.58 41.86 0.90
CA THR B 235 -3.62 43.17 0.26
C THR B 235 -4.26 44.21 1.17
N ASP B 236 -4.89 43.74 2.25
CA ASP B 236 -5.37 44.63 3.29
C ASP B 236 -4.23 45.09 4.19
N THR B 237 -3.05 44.51 3.99
CA THR B 237 -1.87 44.88 4.75
C THR B 237 -0.77 45.38 3.83
N VAL B 238 -0.54 46.69 3.87
CA VAL B 238 0.30 47.35 2.88
C VAL B 238 1.42 48.13 3.57
N PRO B 239 2.60 47.51 3.68
CA PRO B 239 3.73 48.21 4.27
C PRO B 239 3.88 49.62 3.72
N SER B 240 4.34 50.54 4.57
CA SER B 240 4.43 51.94 4.20
C SER B 240 5.53 52.18 3.18
N GLU B 241 6.47 51.24 3.10
CA GLU B 241 7.67 51.43 2.30
C GLU B 241 7.43 51.00 0.85
N PHE B 242 6.39 50.21 0.64
CA PHE B 242 5.92 49.89 -0.70
C PHE B 242 5.65 51.17 -1.49
N PRO B 243 6.27 51.31 -2.67
CA PRO B 243 6.08 52.48 -3.51
C PRO B 243 4.76 52.44 -4.27
N THR B 244 4.04 53.56 -4.27
CA THR B 244 2.89 53.73 -5.15
C THR B 244 3.28 53.49 -6.60
N GLY B 245 2.42 52.78 -7.33
CA GLY B 245 2.73 52.37 -8.70
C GLY B 245 3.33 50.98 -8.77
N LEU B 246 3.39 50.31 -7.62
CA LEU B 246 3.78 48.91 -7.56
C LEU B 246 2.74 48.05 -8.27
N ILE B 247 3.21 47.21 -9.18
CA ILE B 247 2.35 46.22 -9.83
C ILE B 247 2.62 44.84 -9.27
N SER B 248 1.56 44.10 -9.01
CA SER B 248 1.68 42.71 -8.55
C SER B 248 0.70 41.80 -9.26
N VAL B 249 1.15 40.60 -9.60
CA VAL B 249 0.27 39.46 -9.76
C VAL B 249 -0.25 39.00 -8.40
N SER B 250 -1.43 38.39 -8.40
CA SER B 250 -2.14 38.14 -7.15
C SER B 250 -3.20 37.07 -7.30
N TYR B 251 -3.18 36.12 -6.38
CA TYR B 251 -4.24 35.13 -6.27
C TYR B 251 -4.92 35.23 -4.90
N ASP B 252 -4.75 36.37 -4.24
CA ASP B 252 -5.32 36.57 -2.91
C ASP B 252 -6.79 36.97 -2.99
N GLU B 253 -7.62 36.05 -3.46
CA GLU B 253 -8.95 35.85 -2.90
C GLU B 253 -9.88 37.03 -3.15
N TRP B 254 -9.98 37.44 -4.42
CA TRP B 254 -11.10 38.26 -4.85
C TRP B 254 -12.30 37.40 -5.19
N ASP B 255 -12.16 36.65 -6.28
CA ASP B 255 -13.30 35.95 -6.87
C ASP B 255 -13.37 34.50 -6.39
N TYR B 256 -12.32 34.06 -5.69
CA TYR B 256 -12.23 32.68 -5.24
C TYR B 256 -12.09 32.63 -3.73
N GLY B 257 -13.23 32.63 -3.04
CA GLY B 257 -13.27 32.97 -1.63
C GLY B 257 -12.97 31.76 -0.76
N LEU B 258 -12.69 32.00 0.51
CA LEU B 258 -12.18 30.96 1.39
C LEU B 258 -13.17 29.80 1.47
N PRO B 259 -14.47 30.10 1.63
CA PRO B 259 -15.46 29.05 1.68
C PRO B 259 -15.38 28.11 0.48
N ALA B 260 -15.19 28.68 -0.71
CA ALA B 260 -15.20 27.90 -1.94
C ALA B 260 -13.95 27.04 -2.04
N ARG B 261 -12.90 27.46 -1.35
CA ARG B 261 -11.62 26.75 -1.39
C ARG B 261 -11.62 25.58 -0.42
N VAL B 262 -12.01 25.83 0.83
CA VAL B 262 -12.26 24.77 1.79
C VAL B 262 -13.18 23.71 1.20
N ARG B 263 -14.14 24.16 0.38
CA ARG B 263 -15.03 23.23 -0.32
C ARG B 263 -14.23 22.32 -1.24
N ASP B 264 -13.37 22.92 -2.06
CA ASP B 264 -12.66 22.17 -3.09
C ASP B 264 -11.55 21.34 -2.47
N GLY B 265 -10.89 21.88 -1.45
CA GLY B 265 -9.92 21.14 -0.67
C GLY B 265 -10.48 19.83 -0.16
N ILE B 266 -11.65 19.89 0.47
CA ILE B 266 -12.31 18.69 0.96
C ILE B 266 -12.70 17.79 -0.21
N ALA B 267 -13.09 18.40 -1.32
CA ALA B 267 -13.50 17.64 -2.50
C ALA B 267 -12.30 16.91 -3.10
N ILE B 268 -11.19 17.63 -3.26
CA ILE B 268 -9.98 17.06 -3.85
C ILE B 268 -9.53 15.84 -3.06
N ILE B 269 -9.41 16.00 -1.75
CA ILE B 269 -8.91 14.93 -0.89
C ILE B 269 -9.85 13.74 -0.90
N THR B 270 -11.15 14.01 -0.83
CA THR B 270 -12.14 12.95 -0.78
C THR B 270 -12.18 12.17 -2.10
N THR B 271 -12.28 12.89 -3.21
CA THR B 271 -12.28 12.27 -4.53
C THR B 271 -11.03 11.44 -4.73
N ALA B 272 -9.88 12.05 -4.50
CA ALA B 272 -8.60 11.39 -4.65
C ALA B 272 -8.60 10.03 -3.96
N ALA B 273 -9.15 9.98 -2.75
CA ALA B 273 -9.17 8.76 -1.95
C ALA B 273 -10.16 7.76 -2.55
N SER B 274 -11.31 8.26 -2.99
CA SER B 274 -12.30 7.41 -3.65
C SER B 274 -11.72 6.77 -4.90
N ASP B 275 -10.97 7.56 -5.67
CA ASP B 275 -10.39 7.08 -6.92
C ASP B 275 -9.40 5.96 -6.66
N MET B 276 -8.61 6.11 -5.60
CA MET B 276 -7.59 5.12 -5.27
C MET B 276 -8.23 3.83 -4.75
N LEU B 277 -9.28 3.98 -3.96
CA LEU B 277 -9.98 2.83 -3.41
C LEU B 277 -10.73 2.08 -4.52
N SER B 278 -11.26 2.82 -5.48
CA SER B 278 -12.02 2.23 -6.57
C SER B 278 -11.10 1.75 -7.69
N GLU B 279 -9.86 1.44 -7.35
CA GLU B 279 -8.90 0.91 -8.32
C GLU B 279 -7.90 -0.03 -7.67
N HIS B 280 -7.69 0.13 -6.37
CA HIS B 280 -6.67 -0.62 -5.65
C HIS B 280 -7.26 -1.35 -4.45
N SER B 281 -8.50 -1.02 -4.11
CA SER B 281 -9.21 -1.70 -3.04
C SER B 281 -8.55 -1.45 -1.69
N PHE B 282 -7.80 -0.35 -1.60
CA PHE B 282 -7.29 0.13 -0.33
C PHE B 282 -6.86 1.60 -0.44
N ILE B 283 -6.94 2.31 0.68
CA ILE B 283 -6.30 3.62 0.79
C ILE B 283 -5.29 3.61 1.93
N PRO B 284 -4.35 4.56 1.91
CA PRO B 284 -3.31 4.66 2.94
C PRO B 284 -3.91 4.88 4.32
N GLU B 285 -3.52 4.06 5.28
CA GLU B 285 -3.99 4.19 6.66
C GLU B 285 -3.44 5.47 7.29
N PRO B 286 -4.33 6.32 7.82
CA PRO B 286 -3.92 7.50 8.56
C PRO B 286 -2.84 7.17 9.59
N LYS B 287 -1.84 8.03 9.69
CA LYS B 287 -0.67 7.75 10.52
C LYS B 287 -1.04 7.89 12.00
N SER B 288 -0.70 6.86 12.78
CA SER B 288 -1.04 6.82 14.19
C SER B 288 -0.43 8.01 14.93
N SER B 289 0.76 8.41 14.51
CA SER B 289 1.45 9.53 15.13
C SER B 289 2.62 10.02 14.28
N CYS B 290 3.22 11.13 14.69
CA CYS B 290 4.43 11.63 14.06
C CYS B 290 5.67 11.01 14.71
N TYR B 291 5.49 10.46 15.90
CA TYR B 291 6.60 10.12 16.77
C TYR B 291 7.05 8.67 16.54
N ASN B 292 6.42 8.02 15.56
CA ASN B 292 6.80 6.68 15.17
C ASN B 292 6.93 6.58 13.65
N THR B 293 7.49 7.61 13.04
CA THR B 293 7.59 7.67 11.58
C THR B 293 8.95 7.14 11.11
N HIS B 294 9.88 6.96 12.04
CA HIS B 294 11.13 6.27 11.75
C HIS B 294 10.90 4.77 11.59
N GLU B 295 9.85 4.27 12.24
CA GLU B 295 9.54 2.85 12.21
C GLU B 295 8.71 2.50 10.98
N LYS B 296 7.64 3.27 10.76
CA LYS B 296 6.61 2.89 9.81
C LYS B 296 6.97 3.36 8.40
N ARG B 297 8.26 3.59 8.17
CA ARG B 297 8.72 4.10 6.88
C ARG B 297 8.27 3.20 5.74
N ILE B 298 8.68 1.94 5.79
CA ILE B 298 8.54 1.04 4.65
C ILE B 298 7.07 0.65 4.45
N TYR B 299 6.22 1.07 5.37
CA TYR B 299 4.82 0.69 5.34
C TYR B 299 3.98 1.83 4.74
N GLN B 300 4.65 2.93 4.41
CA GLN B 300 3.95 4.13 3.96
C GLN B 300 4.45 4.57 2.59
N SER B 301 3.69 5.44 1.95
CA SER B 301 3.90 5.75 0.55
C SER B 301 3.26 7.09 0.21
N ASN B 302 3.78 7.74 -0.84
CA ASN B 302 3.08 8.88 -1.41
C ASN B 302 2.25 8.45 -2.61
N MET B 303 1.76 7.22 -2.53
CA MET B 303 0.98 6.62 -3.62
C MET B 303 -0.18 7.52 -4.02
N LEU B 304 -0.79 8.17 -3.03
CA LEU B 304 -2.08 8.80 -3.21
C LEU B 304 -1.96 10.09 -4.02
N ASN B 305 -0.75 10.38 -4.49
CA ASN B 305 -0.46 11.64 -5.14
C ASN B 305 -1.00 11.66 -6.57
N ARG B 306 -0.87 10.54 -7.28
CA ARG B 306 -1.36 10.44 -8.65
C ARG B 306 -2.79 10.97 -8.73
N TYR B 307 -3.57 10.68 -7.71
CA TYR B 307 -5.00 10.96 -7.74
C TYR B 307 -5.27 12.39 -7.28
N LEU B 308 -4.46 12.87 -6.35
CA LEU B 308 -4.67 14.19 -5.77
C LEU B 308 -4.51 15.28 -6.82
N ILE B 309 -3.73 14.99 -7.86
CA ILE B 309 -3.31 16.01 -8.82
C ILE B 309 -4.14 15.95 -10.09
N ASN B 310 -5.24 15.19 -10.05
CA ASN B 310 -6.03 14.93 -11.24
C ASN B 310 -7.52 14.85 -10.91
N VAL B 311 -7.96 15.68 -9.97
CA VAL B 311 -9.35 15.71 -9.55
C VAL B 311 -10.14 16.71 -10.38
N THR B 312 -11.18 16.22 -11.05
CA THR B 312 -12.22 17.09 -11.59
C THR B 312 -13.49 16.97 -10.75
N PHE B 313 -13.99 18.11 -10.28
CA PHE B 313 -15.15 18.12 -9.39
C PHE B 313 -16.12 19.24 -9.77
N GLU B 314 -17.36 18.87 -10.06
CA GLU B 314 -18.41 19.83 -10.32
C GLU B 314 -18.04 20.75 -11.49
N GLY B 315 -17.43 20.17 -12.51
CA GLY B 315 -17.27 20.86 -13.79
C GLY B 315 -15.94 21.59 -13.91
N ARG B 316 -15.23 21.68 -12.79
CA ARG B 316 -13.96 22.39 -12.76
C ARG B 316 -12.79 21.40 -12.73
N ASP B 317 -11.75 21.69 -13.51
CA ASP B 317 -10.50 20.95 -13.43
C ASP B 317 -9.65 21.49 -12.28
N LEU B 318 -9.63 20.76 -11.17
CA LEU B 318 -8.88 21.16 -10.00
C LEU B 318 -7.51 20.49 -9.97
N SER B 319 -6.99 20.19 -11.16
CA SER B 319 -5.69 19.54 -11.29
C SER B 319 -4.60 20.36 -10.63
N PHE B 320 -3.60 19.69 -10.09
CA PHE B 320 -2.35 20.34 -9.72
C PHE B 320 -1.25 19.99 -10.72
N SER B 321 -0.12 20.69 -10.62
CA SER B 321 1.11 20.22 -11.23
C SER B 321 1.86 19.27 -10.30
N GLU B 322 2.78 18.50 -10.87
CA GLU B 322 3.66 17.65 -10.08
C GLU B 322 4.56 18.50 -9.17
N ASP B 323 4.69 19.78 -9.53
CA ASP B 323 5.50 20.70 -8.74
C ASP B 323 4.70 21.27 -7.56
N GLY B 324 3.39 21.10 -7.59
CA GLY B 324 2.57 21.14 -6.39
C GLY B 324 1.72 22.40 -6.31
N TYR B 325 1.48 23.02 -7.45
CA TYR B 325 0.70 24.25 -7.51
C TYR B 325 -0.51 24.08 -8.42
N GLN B 326 -1.47 24.99 -8.31
CA GLN B 326 -2.67 24.95 -9.13
C GLN B 326 -2.33 25.15 -10.60
N MET B 327 -3.08 24.48 -11.47
CA MET B 327 -2.72 24.39 -12.88
C MET B 327 -3.29 25.57 -13.67
N HIS B 328 -4.57 25.84 -13.48
CA HIS B 328 -5.24 26.92 -14.21
C HIS B 328 -5.95 27.87 -13.23
N PRO B 329 -5.16 28.63 -12.46
CA PRO B 329 -5.70 29.71 -11.64
C PRO B 329 -6.06 30.94 -12.47
N LYS B 330 -7.21 31.54 -12.17
CA LYS B 330 -7.50 32.89 -12.63
C LYS B 330 -6.79 33.92 -11.76
N LEU B 331 -5.83 34.63 -12.35
CA LEU B 331 -4.99 35.56 -11.61
C LEU B 331 -5.48 36.99 -11.82
N VAL B 332 -5.47 37.78 -10.75
CA VAL B 332 -5.75 39.20 -10.84
C VAL B 332 -4.45 40.01 -10.80
N ILE B 333 -4.30 40.93 -11.74
CA ILE B 333 -3.21 41.90 -11.68
C ILE B 333 -3.65 43.15 -10.94
N ILE B 334 -2.88 43.56 -9.95
CA ILE B 334 -3.28 44.64 -9.05
C ILE B 334 -2.23 45.75 -9.03
N LEU B 335 -2.68 46.96 -8.70
CA LEU B 335 -1.82 48.13 -8.71
C LEU B 335 -2.02 48.92 -7.42
N LEU B 336 -0.90 49.26 -6.77
CA LEU B 336 -0.95 50.02 -5.52
C LEU B 336 -1.06 51.52 -5.80
N ASN B 337 -2.21 52.10 -5.47
CA ASN B 337 -2.59 53.39 -6.02
C ASN B 337 -2.29 54.51 -5.02
N LYS B 338 -2.73 55.73 -5.34
CA LYS B 338 -2.28 56.91 -4.64
C LYS B 338 -2.80 56.93 -3.20
N GLU B 339 -3.89 56.19 -2.96
CA GLU B 339 -4.46 56.09 -1.63
C GLU B 339 -3.88 54.90 -0.88
N ARG B 340 -2.78 54.35 -1.39
CA ARG B 340 -2.13 53.21 -0.78
C ARG B 340 -3.09 52.02 -0.69
N LYS B 341 -3.95 51.89 -1.70
CA LYS B 341 -4.87 50.78 -1.78
C LYS B 341 -4.61 49.93 -3.02
N TRP B 342 -4.67 48.61 -2.88
CA TRP B 342 -4.46 47.71 -4.00
C TRP B 342 -5.69 47.66 -4.89
N GLU B 343 -5.47 47.89 -6.19
CA GLU B 343 -6.55 48.12 -7.13
C GLU B 343 -6.43 47.12 -8.27
N ARG B 344 -7.56 46.67 -8.78
CA ARG B 344 -7.57 45.63 -9.82
C ARG B 344 -7.52 46.25 -11.21
N VAL B 345 -6.50 45.84 -11.98
CA VAL B 345 -6.20 46.53 -13.23
C VAL B 345 -6.01 45.54 -14.38
N GLY B 346 -6.06 44.25 -14.06
CA GLY B 346 -6.05 43.22 -15.09
C GLY B 346 -6.58 41.88 -14.62
N LYS B 347 -6.94 41.04 -15.58
CA LYS B 347 -7.16 39.61 -15.32
C LYS B 347 -6.23 38.75 -16.17
N TRP B 348 -5.89 37.58 -15.67
CA TRP B 348 -5.20 36.57 -16.46
C TRP B 348 -6.01 35.27 -16.49
N LYS B 349 -6.64 35.01 -17.62
CA LYS B 349 -7.64 33.95 -17.72
C LYS B 349 -7.55 33.23 -19.06
N ASP B 350 -7.26 31.93 -19.01
CA ASP B 350 -7.05 31.15 -20.22
C ASP B 350 -5.85 31.67 -21.00
N LYS B 351 -4.76 31.90 -20.29
CA LYS B 351 -3.47 32.20 -20.92
C LYS B 351 -3.55 33.47 -21.76
N SER B 352 -4.67 34.19 -21.64
CA SER B 352 -4.78 35.52 -22.22
C SER B 352 -4.75 36.59 -21.12
N LEU B 353 -4.09 37.70 -21.41
CA LEU B 353 -4.01 38.81 -20.47
C LEU B 353 -4.98 39.92 -20.89
N GLN B 354 -5.95 40.20 -20.02
CA GLN B 354 -6.90 41.28 -20.27
C GLN B 354 -6.69 42.43 -19.30
N MET B 355 -5.99 43.47 -19.77
CA MET B 355 -5.67 44.60 -18.91
C MET B 355 -6.80 45.61 -18.91
N LYS B 356 -6.84 46.42 -17.85
CA LYS B 356 -7.83 47.49 -17.73
C LYS B 356 -7.43 48.65 -18.62
N TYR B 357 -6.30 49.27 -18.26
CA TYR B 357 -5.85 50.48 -18.93
C TYR B 357 -5.16 50.14 -20.24
N TYR B 358 -5.27 51.07 -21.19
CA TYR B 358 -4.45 51.02 -22.39
C TYR B 358 -3.21 51.90 -22.20
N VAL B 359 -3.40 53.00 -21.49
CA VAL B 359 -2.29 53.80 -21.00
C VAL B 359 -2.39 53.91 -19.48
N TRP B 360 -1.26 53.79 -18.79
CA TRP B 360 -1.24 53.85 -17.34
C TRP B 360 -1.37 55.28 -16.85
N PRO B 361 -2.31 55.53 -15.93
CA PRO B 361 -2.48 56.84 -15.34
C PRO B 361 -1.52 57.04 -14.18
N ARG B 362 -1.39 58.28 -13.73
CA ARG B 362 -0.49 58.58 -12.62
C ARG B 362 -1.14 59.59 -11.69
N MET B 363 -0.55 60.78 -11.62
CA MET B 363 -1.00 61.80 -10.67
C MET B 363 0.12 62.77 -10.35
N ASP C 1 -31.58 -39.55 35.64
CA ASP C 1 -30.81 -38.83 34.59
C ASP C 1 -31.05 -39.46 33.22
N PRO C 2 -31.57 -38.66 32.28
CA PRO C 2 -31.46 -38.97 30.86
C PRO C 2 -30.09 -38.55 30.31
N LYS C 3 -29.88 -38.79 29.02
CA LYS C 3 -28.71 -38.28 28.33
C LYS C 3 -28.99 -36.89 27.75
N ILE C 4 -28.04 -35.99 27.93
CA ILE C 4 -28.19 -34.61 27.46
C ILE C 4 -27.52 -34.41 26.11
N VAL C 5 -28.30 -33.99 25.13
CA VAL C 5 -27.79 -33.74 23.78
C VAL C 5 -28.00 -32.28 23.40
N ASN C 6 -26.91 -31.56 23.15
CA ASN C 6 -26.97 -30.14 22.88
C ASN C 6 -27.36 -29.87 21.43
N ILE C 7 -28.19 -28.85 21.22
CA ILE C 7 -28.24 -28.15 19.94
C ILE C 7 -27.45 -26.85 20.03
N GLY C 8 -26.85 -26.45 18.90
CA GLY C 8 -26.14 -25.18 18.83
C GLY C 8 -26.88 -24.16 17.99
N ALA C 9 -26.60 -22.89 18.24
CA ALA C 9 -27.16 -21.81 17.42
C ALA C 9 -26.24 -20.59 17.44
N VAL C 10 -26.05 -20.02 16.25
CA VAL C 10 -25.47 -18.69 16.12
C VAL C 10 -26.50 -17.71 15.57
N LEU C 11 -26.92 -16.78 16.40
CA LEU C 11 -28.11 -15.99 16.12
C LEU C 11 -27.84 -14.50 16.30
N SER C 12 -28.79 -13.68 15.89
CA SER C 12 -28.51 -12.28 15.61
C SER C 12 -28.47 -11.47 16.91
N THR C 13 -29.43 -11.72 17.78
CA THR C 13 -29.61 -10.92 18.99
C THR C 13 -29.74 -11.82 20.21
N LYS C 14 -29.79 -11.21 21.38
CA LYS C 14 -30.05 -11.95 22.62
C LYS C 14 -31.51 -12.33 22.73
N LYS C 15 -32.39 -11.52 22.13
CA LYS C 15 -33.81 -11.85 22.04
C LYS C 15 -33.99 -13.18 21.31
N HIS C 16 -33.18 -13.40 20.29
CA HIS C 16 -33.31 -14.57 19.44
C HIS C 16 -32.73 -15.80 20.13
N GLU C 17 -31.61 -15.61 20.82
CA GLU C 17 -31.07 -16.63 21.71
C GLU C 17 -32.14 -17.13 22.67
N GLN C 18 -32.94 -16.21 23.19
CA GLN C 18 -33.97 -16.56 24.17
C GLN C 18 -35.11 -17.33 23.51
N ILE C 19 -35.46 -16.93 22.29
CA ILE C 19 -36.46 -17.65 21.50
C ILE C 19 -35.99 -19.08 21.20
N PHE C 20 -34.69 -19.24 21.01
CA PHE C 20 -34.12 -20.54 20.67
C PHE C 20 -34.15 -21.48 21.89
N ARG C 21 -33.92 -20.90 23.06
CA ARG C 21 -34.11 -21.63 24.32
C ARG C 21 -35.56 -22.04 24.51
N GLU C 22 -36.46 -21.09 24.32
CA GLU C 22 -37.89 -21.37 24.34
C GLU C 22 -38.22 -22.57 23.45
N ALA C 23 -37.69 -22.54 22.23
CA ALA C 23 -38.06 -23.51 21.20
C ALA C 23 -37.60 -24.91 21.60
N VAL C 24 -36.44 -25.00 22.24
CA VAL C 24 -35.84 -26.29 22.57
C VAL C 24 -36.60 -26.97 23.69
N ASN C 25 -37.21 -26.19 24.57
CA ASN C 25 -37.98 -26.74 25.68
C ASN C 25 -39.40 -27.08 25.24
N GLN C 26 -39.86 -26.44 24.18
CA GLN C 26 -41.08 -26.88 23.49
C GLN C 26 -40.89 -28.27 22.89
N ALA C 27 -39.71 -28.51 22.34
CA ALA C 27 -39.39 -29.81 21.77
C ALA C 27 -39.29 -30.87 22.86
N ASN C 28 -38.78 -30.47 24.02
CA ASN C 28 -38.69 -31.37 25.17
C ASN C 28 -40.07 -31.66 25.74
N LYS C 29 -40.95 -30.67 25.69
CA LYS C 29 -42.35 -30.87 26.05
C LYS C 29 -43.02 -31.84 25.08
N ARG C 30 -42.67 -31.72 23.81
CA ARG C 30 -43.38 -32.41 22.74
C ARG C 30 -42.98 -33.88 22.69
N HIS C 31 -41.71 -34.16 22.95
CA HIS C 31 -41.15 -35.49 22.76
C HIS C 31 -41.09 -36.25 24.08
N PHE C 32 -40.91 -37.57 24.00
CA PHE C 32 -40.65 -38.38 25.18
C PHE C 32 -39.17 -38.32 25.56
N THR C 33 -38.87 -37.64 26.65
CA THR C 33 -37.52 -37.16 26.92
C THR C 33 -36.96 -37.79 28.19
N ARG C 34 -37.17 -39.10 28.32
CA ARG C 34 -36.62 -39.85 29.45
C ARG C 34 -35.27 -40.47 29.08
N LYS C 35 -35.12 -40.80 27.80
CA LYS C 35 -33.86 -41.36 27.31
C LYS C 35 -32.91 -40.25 26.86
N ILE C 36 -33.34 -39.47 25.88
CA ILE C 36 -32.59 -38.30 25.44
C ILE C 36 -33.35 -37.01 25.76
N GLN C 37 -32.60 -35.95 26.06
CA GLN C 37 -33.19 -34.64 26.33
C GLN C 37 -32.29 -33.54 25.78
N LEU C 38 -32.91 -32.59 25.08
CA LEU C 38 -32.15 -31.59 24.33
C LEU C 38 -31.74 -30.43 25.23
N GLN C 39 -30.65 -29.77 24.86
CA GLN C 39 -30.18 -28.60 25.60
C GLN C 39 -29.65 -27.53 24.64
N ALA C 40 -30.07 -26.29 24.86
CA ALA C 40 -29.74 -25.20 23.96
C ALA C 40 -28.38 -24.60 24.32
N THR C 41 -27.51 -24.53 23.32
CA THR C 41 -26.29 -23.74 23.43
C THR C 41 -26.17 -22.78 22.25
N SER C 42 -25.94 -21.50 22.54
CA SER C 42 -26.03 -20.47 21.53
C SER C 42 -25.05 -19.34 21.79
N VAL C 43 -24.68 -18.65 20.71
CA VAL C 43 -24.06 -17.34 20.81
C VAL C 43 -24.65 -16.40 19.77
N THR C 44 -24.17 -15.16 19.75
CA THR C 44 -24.46 -14.23 18.67
C THR C 44 -23.25 -14.07 17.76
N HIS C 45 -23.50 -13.61 16.53
CA HIS C 45 -22.44 -13.45 15.55
C HIS C 45 -21.29 -12.61 16.12
N ARG C 46 -20.06 -13.04 15.86
CA ARG C 46 -18.89 -12.25 16.21
C ARG C 46 -18.54 -11.29 15.08
N PRO C 47 -17.76 -10.25 15.40
CA PRO C 47 -17.63 -9.10 14.52
C PRO C 47 -16.93 -9.42 13.20
N ASN C 48 -16.23 -10.55 13.17
CA ASN C 48 -15.53 -10.98 11.97
C ASN C 48 -15.37 -12.50 11.92
N ALA C 49 -14.90 -13.00 10.78
CA ALA C 49 -15.11 -14.39 10.41
C ALA C 49 -14.19 -15.31 11.19
N ILE C 50 -12.99 -14.81 11.50
CA ILE C 50 -12.01 -15.59 12.24
C ILE C 50 -12.42 -15.74 13.70
N GLN C 51 -12.84 -14.64 14.30
CA GLN C 51 -13.45 -14.67 15.63
C GLN C 51 -14.63 -15.66 15.64
N MET C 52 -15.48 -15.58 14.63
CA MET C 52 -16.67 -16.41 14.57
C MET C 52 -16.28 -17.88 14.57
N ALA C 53 -15.29 -18.23 13.75
CA ALA C 53 -14.83 -19.61 13.65
C ALA C 53 -14.37 -20.11 15.00
N LEU C 54 -13.53 -19.32 15.67
CA LEU C 54 -13.06 -19.64 17.01
C LEU C 54 -14.24 -19.86 17.97
N SER C 55 -15.22 -18.96 17.91
CA SER C 55 -16.36 -19.02 18.81
C SER C 55 -17.11 -20.33 18.63
N VAL C 56 -17.20 -20.79 17.39
CA VAL C 56 -17.86 -22.06 17.09
C VAL C 56 -17.14 -23.21 17.79
N CYS C 57 -15.82 -23.11 17.85
CA CYS C 57 -15.02 -24.10 18.55
C CYS C 57 -15.18 -23.98 20.06
N GLU C 58 -15.02 -22.76 20.56
CA GLU C 58 -14.92 -22.53 21.99
C GLU C 58 -16.29 -22.65 22.67
N ASP C 59 -17.32 -22.17 22.01
CA ASP C 59 -18.60 -21.93 22.66
C ASP C 59 -19.60 -23.03 22.32
N LEU C 60 -19.44 -23.65 21.16
CA LEU C 60 -20.44 -24.57 20.64
C LEU C 60 -19.92 -26.01 20.62
N ILE C 61 -18.93 -26.26 19.78
CA ILE C 61 -18.41 -27.61 19.60
C ILE C 61 -17.79 -28.14 20.89
N SER C 62 -17.44 -27.22 21.78
CA SER C 62 -16.90 -27.58 23.08
C SER C 62 -17.98 -28.18 23.98
N SER C 63 -19.24 -28.00 23.59
CA SER C 63 -20.36 -28.57 24.33
C SER C 63 -20.90 -29.80 23.61
N GLN C 64 -20.15 -30.28 22.62
CA GLN C 64 -20.57 -31.42 21.82
C GLN C 64 -21.95 -31.19 21.22
N VAL C 65 -22.03 -30.25 20.29
CA VAL C 65 -23.27 -29.92 19.63
C VAL C 65 -23.51 -30.87 18.45
N TYR C 66 -24.74 -31.38 18.36
CA TYR C 66 -25.10 -32.32 17.30
C TYR C 66 -25.42 -31.58 16.00
N ALA C 67 -25.87 -30.34 16.15
CA ALA C 67 -26.20 -29.51 15.00
C ALA C 67 -26.11 -28.04 15.38
N ILE C 68 -25.96 -27.17 14.38
CA ILE C 68 -25.86 -25.74 14.64
C ILE C 68 -26.78 -24.96 13.71
N LEU C 69 -27.76 -24.28 14.30
CA LEU C 69 -28.55 -23.29 13.57
C LEU C 69 -27.77 -22.00 13.41
N VAL C 70 -27.76 -21.48 12.19
CA VAL C 70 -27.25 -20.13 11.93
C VAL C 70 -28.32 -19.25 11.32
N SER C 71 -28.32 -18.00 11.74
CA SER C 71 -29.05 -16.96 11.02
C SER C 71 -28.10 -16.12 10.18
N HIS C 72 -28.66 -15.32 9.28
CA HIS C 72 -27.91 -14.26 8.63
C HIS C 72 -27.87 -13.03 9.53
N PRO C 73 -26.66 -12.65 9.97
CA PRO C 73 -26.52 -11.34 10.60
C PRO C 73 -27.15 -10.24 9.76
N PRO C 74 -27.81 -9.28 10.41
CA PRO C 74 -28.31 -8.16 9.63
C PRO C 74 -27.34 -6.99 9.67
N ALA C 75 -27.32 -6.20 8.60
CA ALA C 75 -26.29 -5.19 8.44
C ALA C 75 -24.93 -5.76 8.77
N HIS C 79 -22.49 -8.18 5.97
CA HIS C 79 -21.19 -8.52 5.42
C HIS C 79 -20.66 -9.82 6.02
N LEU C 80 -21.27 -10.26 7.11
CA LEU C 80 -20.81 -11.44 7.83
C LEU C 80 -21.75 -12.62 7.58
N THR C 81 -21.21 -13.69 7.03
CA THR C 81 -22.03 -14.79 6.51
C THR C 81 -22.00 -15.99 7.45
N PRO C 82 -22.82 -17.02 7.14
CA PRO C 82 -22.81 -18.27 7.89
C PRO C 82 -21.53 -19.07 7.67
N THR C 83 -20.67 -18.59 6.77
CA THR C 83 -19.72 -19.44 6.09
C THR C 83 -18.69 -20.01 7.05
N PRO C 84 -18.20 -19.19 7.99
CA PRO C 84 -17.21 -19.66 8.95
C PRO C 84 -17.79 -20.71 9.89
N ILE C 85 -19.12 -20.70 10.04
CA ILE C 85 -19.81 -21.69 10.85
C ILE C 85 -19.98 -23.00 10.09
N SER C 86 -20.26 -22.89 8.80
CA SER C 86 -20.39 -24.06 7.94
C SER C 86 -19.05 -24.77 7.77
N TYR C 87 -18.00 -23.97 7.62
CA TYR C 87 -16.65 -24.50 7.46
C TYR C 87 -16.24 -25.32 8.68
N THR C 88 -16.26 -24.68 9.85
CA THR C 88 -15.70 -25.28 11.06
C THR C 88 -16.55 -26.46 11.53
N ALA C 89 -17.87 -26.29 11.44
CA ALA C 89 -18.79 -27.39 11.72
C ALA C 89 -18.62 -28.50 10.69
N GLY C 90 -18.44 -28.10 9.44
CA GLY C 90 -18.29 -29.06 8.34
C GLY C 90 -17.03 -29.89 8.48
N PHE C 91 -15.97 -29.27 9.00
CA PHE C 91 -14.74 -29.98 9.29
C PHE C 91 -15.01 -31.28 10.05
N TYR C 92 -16.01 -31.25 10.92
CA TYR C 92 -16.33 -32.38 11.78
C TYR C 92 -17.56 -33.12 11.26
N ARG C 93 -18.18 -32.58 10.22
CA ARG C 93 -19.39 -33.17 9.66
C ARG C 93 -20.57 -33.01 10.60
N ILE C 94 -20.48 -32.04 11.50
CA ILE C 94 -21.64 -31.53 12.21
C ILE C 94 -22.53 -30.70 11.29
N PRO C 95 -23.81 -31.10 11.19
CA PRO C 95 -24.77 -30.41 10.32
C PRO C 95 -24.99 -28.97 10.72
N VAL C 96 -25.24 -28.12 9.73
CA VAL C 96 -25.55 -26.72 9.98
C VAL C 96 -26.87 -26.38 9.29
N ILE C 97 -27.78 -25.78 10.04
CA ILE C 97 -29.07 -25.40 9.51
C ILE C 97 -29.16 -23.90 9.33
N GLY C 98 -29.09 -23.45 8.08
CA GLY C 98 -29.30 -22.04 7.75
C GLY C 98 -30.75 -21.64 7.93
N LEU C 99 -30.95 -20.48 8.56
CA LEU C 99 -32.30 -20.04 8.91
C LEU C 99 -32.85 -19.06 7.88
N THR C 100 -31.98 -18.24 7.29
CA THR C 100 -32.44 -17.09 6.53
C THR C 100 -31.54 -16.78 5.33
N THR C 101 -30.42 -17.49 5.22
CA THR C 101 -29.50 -17.27 4.11
C THR C 101 -30.07 -17.87 2.82
N ARG C 102 -29.95 -17.13 1.73
CA ARG C 102 -30.73 -17.43 0.54
C ARG C 102 -29.88 -17.45 -0.73
N MET C 103 -28.61 -17.11 -0.58
CA MET C 103 -27.67 -17.21 -1.68
C MET C 103 -27.51 -18.65 -2.14
N SER C 104 -27.50 -18.86 -3.45
CA SER C 104 -27.57 -20.20 -4.01
C SER C 104 -26.26 -20.96 -3.75
N ILE C 105 -25.17 -20.22 -3.57
CA ILE C 105 -23.87 -20.83 -3.39
C ILE C 105 -23.89 -21.88 -2.28
N TYR C 106 -24.81 -21.72 -1.33
CA TYR C 106 -24.86 -22.58 -0.15
C TYR C 106 -25.52 -23.92 -0.47
N SER C 107 -25.87 -24.12 -1.74
CA SER C 107 -26.39 -25.39 -2.21
C SER C 107 -25.25 -26.27 -2.72
N ASP C 108 -24.06 -25.69 -2.78
CA ASP C 108 -22.89 -26.37 -3.35
C ASP C 108 -22.25 -27.29 -2.32
N LYS C 109 -22.40 -28.59 -2.56
CA LYS C 109 -22.01 -29.61 -1.60
C LYS C 109 -20.51 -29.61 -1.38
N SER C 110 -19.77 -29.16 -2.37
CA SER C 110 -18.31 -29.15 -2.32
C SER C 110 -17.81 -28.13 -1.30
N ILE C 111 -18.54 -27.01 -1.21
CA ILE C 111 -18.14 -25.91 -0.35
C ILE C 111 -18.78 -26.05 1.03
N HIS C 112 -19.97 -26.65 1.05
CA HIS C 112 -20.75 -26.77 2.28
C HIS C 112 -21.31 -28.18 2.43
N LEU C 113 -20.52 -29.08 3.03
CA LEU C 113 -20.89 -30.49 3.13
C LEU C 113 -22.22 -30.64 3.87
N SER C 114 -22.26 -30.13 5.09
CA SER C 114 -23.34 -30.44 6.02
C SER C 114 -24.18 -29.21 6.26
N PHE C 115 -24.85 -28.74 5.22
CA PHE C 115 -25.65 -27.52 5.29
C PHE C 115 -27.05 -27.76 4.75
N LEU C 116 -28.04 -27.69 5.63
CA LEU C 116 -29.42 -27.51 5.23
C LEU C 116 -29.89 -26.10 5.57
N ARG C 117 -31.07 -25.72 5.07
CA ARG C 117 -31.67 -24.45 5.45
C ARG C 117 -33.18 -24.49 5.26
N THR C 118 -33.89 -23.67 6.04
CA THR C 118 -35.34 -23.73 6.10
C THR C 118 -35.95 -22.68 5.18
N VAL C 119 -35.10 -21.88 4.54
CA VAL C 119 -35.52 -21.06 3.41
C VAL C 119 -34.82 -21.49 2.14
N PRO C 120 -35.50 -21.37 1.00
CA PRO C 120 -34.94 -21.74 -0.29
C PRO C 120 -33.93 -20.71 -0.78
N PRO C 121 -32.94 -21.16 -1.56
CA PRO C 121 -32.10 -20.23 -2.32
C PRO C 121 -32.92 -19.42 -3.32
N TYR C 122 -32.38 -18.27 -3.73
CA TYR C 122 -33.09 -17.39 -4.66
C TYR C 122 -33.41 -18.11 -5.96
N SER C 123 -32.54 -19.03 -6.35
CA SER C 123 -32.66 -19.71 -7.64
C SER C 123 -33.96 -20.49 -7.73
N HIS C 124 -34.58 -20.71 -6.57
CA HIS C 124 -35.79 -21.52 -6.50
C HIS C 124 -37.00 -20.70 -6.93
N GLN C 125 -36.81 -19.39 -7.05
CA GLN C 125 -37.88 -18.50 -7.50
C GLN C 125 -38.30 -18.86 -8.92
N ALA C 126 -37.48 -19.66 -9.59
CA ALA C 126 -37.79 -20.13 -10.94
C ALA C 126 -39.00 -21.05 -10.94
N LEU C 127 -39.16 -21.81 -9.86
CA LEU C 127 -40.34 -22.65 -9.68
C LEU C 127 -41.62 -21.81 -9.80
N VAL C 128 -41.60 -20.63 -9.20
CA VAL C 128 -42.78 -19.77 -9.18
C VAL C 128 -42.98 -19.10 -10.53
N TRP C 129 -41.89 -18.57 -11.10
CA TRP C 129 -41.90 -18.10 -12.48
C TRP C 129 -42.57 -19.11 -13.40
N PHE C 130 -42.11 -20.36 -13.33
CA PHE C 130 -42.54 -21.39 -14.26
C PHE C 130 -44.05 -21.62 -14.16
N GLU C 131 -44.55 -21.62 -12.93
CA GLU C 131 -45.97 -21.88 -12.68
C GLU C 131 -46.82 -20.68 -13.09
N MET C 132 -46.22 -19.49 -13.05
CA MET C 132 -46.86 -18.30 -13.60
C MET C 132 -46.93 -18.39 -15.12
N MET C 133 -45.85 -18.87 -15.73
CA MET C 133 -45.77 -18.97 -17.18
C MET C 133 -46.83 -19.92 -17.71
N ARG C 134 -47.06 -21.01 -16.97
CA ARG C 134 -48.16 -21.92 -17.28
C ARG C 134 -49.51 -21.23 -17.08
N LEU C 135 -49.64 -20.52 -15.97
CA LEU C 135 -50.91 -19.90 -15.61
C LEU C 135 -51.30 -18.83 -16.63
N PHE C 136 -50.41 -17.87 -16.85
CA PHE C 136 -50.70 -16.76 -17.75
C PHE C 136 -50.27 -17.09 -19.17
N ASN C 137 -49.98 -18.36 -19.43
CA ASN C 137 -49.64 -18.82 -20.77
C ASN C 137 -48.64 -17.88 -21.43
N TRP C 138 -47.55 -17.60 -20.74
CA TRP C 138 -46.37 -17.02 -21.36
C TRP C 138 -45.45 -18.11 -21.89
N ASN C 139 -45.67 -18.52 -23.13
CA ASN C 139 -44.97 -19.65 -23.72
C ASN C 139 -43.64 -19.20 -24.32
N HIS C 140 -43.44 -17.90 -24.40
CA HIS C 140 -42.21 -17.33 -24.93
C HIS C 140 -41.69 -16.24 -24.01
N VAL C 141 -40.50 -16.45 -23.45
CA VAL C 141 -39.92 -15.50 -22.49
C VAL C 141 -38.45 -15.24 -22.81
N ILE C 142 -38.06 -13.97 -22.69
CA ILE C 142 -36.66 -13.61 -22.55
C ILE C 142 -36.22 -13.73 -21.09
N LEU C 143 -35.00 -14.21 -20.88
CA LEU C 143 -34.44 -14.30 -19.54
C LEU C 143 -33.10 -13.58 -19.46
N ILE C 144 -33.09 -12.43 -18.79
CA ILE C 144 -31.84 -11.74 -18.48
C ILE C 144 -31.33 -12.15 -17.11
N VAL C 145 -30.00 -12.28 -17.00
CA VAL C 145 -29.38 -12.87 -15.83
C VAL C 145 -27.97 -12.31 -15.65
N SER C 146 -27.64 -11.96 -14.41
CA SER C 146 -26.30 -11.55 -14.08
C SER C 146 -25.33 -12.72 -14.20
N ASP C 147 -24.17 -12.47 -14.79
CA ASP C 147 -23.16 -13.50 -14.99
C ASP C 147 -22.36 -13.72 -13.70
N ASP C 148 -23.07 -14.05 -12.63
CA ASP C 148 -22.43 -14.56 -11.42
C ASP C 148 -23.06 -15.88 -11.02
N HIS C 149 -22.59 -16.46 -9.92
CA HIS C 149 -23.12 -17.72 -9.44
C HIS C 149 -24.63 -17.69 -9.35
N GLU C 150 -25.16 -16.64 -8.71
CA GLU C 150 -26.58 -16.58 -8.39
C GLU C 150 -27.42 -16.42 -9.65
N GLY C 151 -26.97 -15.57 -10.56
CA GLY C 151 -27.64 -15.40 -11.84
C GLY C 151 -27.69 -16.69 -12.63
N ARG C 152 -26.56 -17.39 -12.68
CA ARG C 152 -26.45 -18.62 -13.45
C ARG C 152 -27.18 -19.77 -12.77
N ALA C 153 -27.34 -19.64 -11.46
CA ALA C 153 -28.12 -20.62 -10.69
C ALA C 153 -29.61 -20.52 -11.04
N ALA C 154 -30.10 -19.29 -11.21
CA ALA C 154 -31.49 -19.07 -11.59
C ALA C 154 -31.74 -19.59 -13.00
N GLN C 155 -30.82 -19.30 -13.91
CA GLN C 155 -30.91 -19.80 -15.28
C GLN C 155 -30.95 -21.33 -15.29
N LYS C 156 -29.96 -21.95 -14.63
CA LYS C 156 -29.87 -23.39 -14.57
C LYS C 156 -31.21 -23.99 -14.14
N LYS C 157 -31.83 -23.38 -13.13
CA LYS C 157 -33.00 -23.96 -12.51
C LYS C 157 -34.23 -23.80 -13.40
N LEU C 158 -34.40 -22.62 -13.98
CA LEU C 158 -35.48 -22.39 -14.92
C LEU C 158 -35.38 -23.33 -16.12
N GLU C 159 -34.17 -23.43 -16.68
CA GLU C 159 -33.95 -24.21 -17.88
C GLU C 159 -34.27 -25.68 -17.65
N THR C 160 -33.91 -26.18 -16.48
CA THR C 160 -34.25 -27.54 -16.08
C THR C 160 -35.76 -27.75 -16.12
N LEU C 161 -36.50 -26.73 -15.71
CA LEU C 161 -37.95 -26.81 -15.63
C LEU C 161 -38.58 -26.73 -17.02
N LEU C 162 -37.91 -26.02 -17.93
CA LEU C 162 -38.40 -25.88 -19.30
C LEU C 162 -37.98 -27.09 -20.14
N GLU C 163 -36.75 -27.55 -19.94
CA GLU C 163 -36.27 -28.78 -20.57
C GLU C 163 -36.41 -29.97 -19.63
N GLY C 187 -45.09 -27.04 -24.09
CA GLY C 187 -44.37 -26.40 -23.01
C GLY C 187 -44.08 -24.94 -23.31
N PRO C 188 -43.75 -24.16 -22.27
CA PRO C 188 -43.17 -22.83 -22.48
C PRO C 188 -41.66 -22.91 -22.70
N LYS C 189 -41.12 -21.89 -23.36
CA LYS C 189 -39.73 -21.92 -23.80
C LYS C 189 -39.05 -20.57 -23.56
N ALA C 190 -37.75 -20.59 -23.31
CA ALA C 190 -36.95 -19.38 -23.26
C ALA C 190 -36.36 -19.07 -24.63
N ASP C 191 -36.92 -18.05 -25.30
CA ASP C 191 -36.51 -17.72 -26.65
C ASP C 191 -35.05 -17.30 -26.70
N LYS C 192 -34.55 -16.78 -25.57
CA LYS C 192 -33.16 -16.37 -25.47
C LYS C 192 -32.75 -16.22 -24.00
N VAL C 193 -31.45 -16.34 -23.75
CA VAL C 193 -30.91 -16.06 -22.43
C VAL C 193 -29.74 -15.09 -22.53
N LEU C 194 -29.83 -13.99 -21.79
CA LEU C 194 -28.85 -12.92 -21.89
C LEU C 194 -28.12 -12.74 -20.57
N GLN C 195 -26.82 -12.51 -20.65
CA GLN C 195 -25.99 -12.38 -19.45
C GLN C 195 -25.15 -11.12 -19.51
N PHE C 196 -25.14 -10.35 -18.43
CA PHE C 196 -24.35 -9.14 -18.36
C PHE C 196 -23.36 -9.22 -17.20
N GLU C 197 -22.22 -8.56 -17.36
CA GLU C 197 -21.20 -8.53 -16.33
C GLU C 197 -21.69 -7.75 -15.11
N PRO C 198 -21.81 -8.43 -13.96
CA PRO C 198 -22.19 -7.76 -12.73
C PRO C 198 -21.36 -6.51 -12.49
N GLY C 199 -22.03 -5.38 -12.33
CA GLY C 199 -21.36 -4.11 -12.06
C GLY C 199 -21.49 -3.15 -13.23
N THR C 200 -22.08 -3.61 -14.31
CA THR C 200 -22.19 -2.81 -15.52
C THR C 200 -23.35 -1.83 -15.40
N LYS C 201 -23.14 -0.61 -15.89
CA LYS C 201 -24.17 0.41 -15.86
C LYS C 201 -24.73 0.65 -17.26
N ASN C 202 -23.90 0.36 -18.26
CA ASN C 202 -24.25 0.64 -19.65
C ASN C 202 -24.82 -0.61 -20.31
N LEU C 203 -26.06 -0.95 -19.95
CA LEU C 203 -26.67 -2.19 -20.41
C LEU C 203 -27.57 -1.92 -21.61
N THR C 204 -27.41 -0.76 -22.22
CA THR C 204 -28.12 -0.42 -23.44
C THR C 204 -27.86 -1.45 -24.53
N ALA C 205 -26.61 -1.88 -24.64
CA ALA C 205 -26.23 -2.89 -25.62
C ALA C 205 -27.07 -4.15 -25.45
N LEU C 206 -27.13 -4.65 -24.22
CA LEU C 206 -27.78 -5.92 -23.94
C LEU C 206 -29.29 -5.83 -24.12
N LEU C 207 -29.87 -4.72 -23.66
CA LEU C 207 -31.32 -4.56 -23.67
C LEU C 207 -31.85 -4.30 -25.08
N LEU C 208 -31.06 -3.59 -25.88
CA LEU C 208 -31.38 -3.39 -27.29
C LEU C 208 -31.48 -4.73 -28.02
N GLU C 209 -30.66 -5.69 -27.59
CA GLU C 209 -30.74 -7.05 -28.11
C GLU C 209 -32.04 -7.71 -27.69
N ALA C 210 -32.48 -7.44 -26.47
CA ALA C 210 -33.73 -7.98 -25.95
C ALA C 210 -34.93 -7.31 -26.60
N LYS C 211 -34.80 -6.02 -26.88
CA LYS C 211 -35.83 -5.28 -27.58
C LYS C 211 -36.05 -5.86 -28.98
N GLU C 212 -34.98 -6.34 -29.58
CA GLU C 212 -35.03 -6.90 -30.93
C GLU C 212 -36.09 -8.00 -31.03
N LEU C 213 -36.11 -8.87 -30.03
CA LEU C 213 -36.89 -10.12 -30.10
C LEU C 213 -38.38 -9.84 -29.93
N GLU C 214 -39.20 -10.81 -30.30
CA GLU C 214 -40.63 -10.59 -30.41
C GLU C 214 -41.36 -11.08 -29.16
N ALA C 215 -40.68 -11.87 -28.35
CA ALA C 215 -41.09 -12.09 -26.97
C ALA C 215 -41.09 -10.79 -26.19
N ARG C 216 -42.14 -10.59 -25.39
CA ARG C 216 -42.31 -9.34 -24.65
C ARG C 216 -42.43 -9.62 -23.15
N VAL C 217 -42.08 -10.83 -22.75
CA VAL C 217 -42.06 -11.20 -21.33
C VAL C 217 -40.62 -11.39 -20.85
N ILE C 218 -40.18 -10.50 -19.97
CA ILE C 218 -38.78 -10.45 -19.57
C ILE C 218 -38.62 -10.87 -18.11
N ILE C 219 -37.87 -11.94 -17.88
CA ILE C 219 -37.54 -12.39 -16.54
C ILE C 219 -36.12 -11.98 -16.18
N LEU C 220 -35.96 -11.45 -14.97
CA LEU C 220 -34.67 -10.91 -14.55
C LEU C 220 -34.17 -11.60 -13.27
N SER C 221 -32.96 -12.12 -13.33
CA SER C 221 -32.20 -12.41 -12.11
C SER C 221 -30.99 -11.49 -12.00
N ALA C 222 -31.02 -10.64 -10.98
CA ALA C 222 -29.90 -9.75 -10.71
C ALA C 222 -29.90 -9.35 -9.23
N SER C 223 -28.74 -8.91 -8.75
CA SER C 223 -28.66 -8.23 -7.47
C SER C 223 -29.44 -6.92 -7.50
N GLU C 224 -29.41 -6.21 -6.38
CA GLU C 224 -30.24 -5.03 -6.19
C GLU C 224 -29.72 -3.87 -7.04
N ASP C 225 -28.42 -3.68 -7.03
CA ASP C 225 -27.79 -2.60 -7.79
C ASP C 225 -27.83 -2.89 -9.29
N ASP C 226 -27.69 -4.16 -9.64
CA ASP C 226 -27.62 -4.57 -11.04
C ASP C 226 -29.00 -4.49 -11.69
N ALA C 227 -30.03 -4.86 -10.93
CA ALA C 227 -31.40 -4.70 -11.38
C ALA C 227 -31.72 -3.24 -11.66
N THR C 228 -31.18 -2.36 -10.81
CA THR C 228 -31.35 -0.93 -11.00
C THR C 228 -30.80 -0.49 -12.35
N ALA C 229 -29.60 -0.99 -12.68
CA ALA C 229 -28.95 -0.64 -13.94
C ALA C 229 -29.78 -1.11 -15.12
N VAL C 230 -30.32 -2.32 -15.02
CA VAL C 230 -31.21 -2.84 -16.04
C VAL C 230 -32.45 -1.95 -16.18
N TYR C 231 -33.03 -1.58 -15.04
CA TYR C 231 -34.30 -0.86 -15.03
C TYR C 231 -34.17 0.50 -15.67
N LYS C 232 -33.07 1.18 -15.37
CA LYS C 232 -32.78 2.49 -15.95
C LYS C 232 -32.67 2.38 -17.48
N SER C 233 -31.78 1.51 -17.94
CA SER C 233 -31.50 1.38 -19.35
C SER C 233 -32.75 0.92 -20.11
N ALA C 234 -33.55 0.09 -19.44
CA ALA C 234 -34.79 -0.40 -20.04
C ALA C 234 -35.78 0.73 -20.23
N ALA C 235 -35.75 1.70 -19.33
CA ALA C 235 -36.65 2.85 -19.39
C ALA C 235 -36.27 3.75 -20.56
N MET C 236 -34.99 4.07 -20.68
CA MET C 236 -34.49 4.90 -21.76
C MET C 236 -34.92 4.35 -23.12
N LEU C 237 -34.95 3.02 -23.21
CA LEU C 237 -35.26 2.36 -24.48
C LEU C 237 -36.75 2.04 -24.57
N ASP C 238 -37.53 2.57 -23.64
CA ASP C 238 -38.99 2.53 -23.73
C ASP C 238 -39.50 1.10 -23.73
N MET C 239 -38.86 0.25 -22.94
CA MET C 239 -39.27 -1.15 -22.83
C MET C 239 -40.02 -1.38 -21.52
N THR C 240 -40.21 -0.31 -20.76
CA THR C 240 -40.96 -0.39 -19.50
C THR C 240 -42.46 -0.32 -19.76
N GLY C 241 -42.83 0.06 -20.97
CA GLY C 241 -44.18 0.55 -21.26
C GLY C 241 -45.17 -0.58 -21.47
N ALA C 242 -46.21 -0.30 -22.24
CA ALA C 242 -47.24 -1.30 -22.53
C ALA C 242 -46.70 -2.34 -23.51
N GLY C 243 -47.24 -3.55 -23.42
CA GLY C 243 -46.75 -4.67 -24.21
C GLY C 243 -45.79 -5.55 -23.43
N TYR C 244 -44.94 -4.92 -22.64
CA TYR C 244 -43.90 -5.65 -21.91
C TYR C 244 -44.43 -6.15 -20.57
N VAL C 245 -44.06 -7.38 -20.22
CA VAL C 245 -44.24 -7.89 -18.87
C VAL C 245 -42.89 -8.11 -18.19
N TRP C 246 -42.73 -7.51 -17.01
CA TRP C 246 -41.51 -7.71 -16.24
C TRP C 246 -41.76 -8.62 -15.05
N LEU C 247 -40.98 -9.69 -14.97
CA LEU C 247 -41.21 -10.74 -13.98
C LEU C 247 -39.90 -11.09 -13.28
N VAL C 248 -39.84 -10.79 -11.99
CA VAL C 248 -38.58 -10.78 -11.28
C VAL C 248 -38.70 -11.47 -9.92
N GLY C 249 -37.62 -11.50 -9.17
CA GLY C 249 -37.62 -12.11 -7.84
C GLY C 249 -37.68 -11.07 -6.74
N GLU C 250 -37.01 -11.35 -5.63
CA GLU C 250 -37.16 -10.55 -4.41
C GLU C 250 -36.12 -9.44 -4.36
N ARG C 251 -34.89 -9.78 -4.74
CA ARG C 251 -33.81 -8.80 -4.72
C ARG C 251 -34.07 -7.68 -5.73
N GLU C 252 -34.75 -8.02 -6.81
CA GLU C 252 -34.90 -7.11 -7.94
C GLU C 252 -36.04 -6.13 -7.69
N ILE C 253 -36.72 -6.29 -6.57
CA ILE C 253 -37.63 -5.27 -6.07
C ILE C 253 -37.31 -4.92 -4.62
N SER C 254 -36.02 -4.78 -4.34
CA SER C 254 -35.56 -4.49 -2.99
C SER C 254 -34.73 -3.21 -2.96
N GLY C 255 -34.73 -2.53 -1.82
CA GLY C 255 -34.00 -1.27 -1.69
C GLY C 255 -34.02 -0.48 -2.99
N SER C 256 -32.83 -0.23 -3.53
CA SER C 256 -32.67 0.80 -4.55
C SER C 256 -33.35 0.40 -5.85
N ALA C 257 -33.61 -0.90 -6.01
CA ALA C 257 -34.20 -1.42 -7.23
C ALA C 257 -35.62 -0.89 -7.41
N LEU C 258 -36.37 -0.83 -6.33
CA LEU C 258 -37.77 -0.41 -6.38
C LEU C 258 -37.88 0.99 -6.96
N ARG C 259 -36.93 1.84 -6.59
CA ARG C 259 -36.98 3.25 -6.98
C ARG C 259 -37.10 3.40 -8.49
N TYR C 260 -36.42 2.53 -9.22
CA TYR C 260 -36.29 2.68 -10.66
C TYR C 260 -37.03 1.57 -11.41
N ALA C 261 -37.55 0.62 -10.64
CA ALA C 261 -38.35 -0.46 -11.20
C ALA C 261 -39.57 0.08 -11.93
N PRO C 262 -39.89 -0.51 -13.09
CA PRO C 262 -41.02 -0.07 -13.90
C PRO C 262 -42.36 -0.43 -13.27
N ASP C 263 -43.29 0.52 -13.26
CA ASP C 263 -44.62 0.28 -12.71
C ASP C 263 -45.32 -0.86 -13.48
N GLY C 264 -45.90 -1.79 -12.73
CA GLY C 264 -46.55 -2.94 -13.31
C GLY C 264 -45.74 -4.21 -13.12
N ILE C 265 -44.49 -4.04 -12.70
CA ILE C 265 -43.60 -5.18 -12.48
C ILE C 265 -44.25 -6.20 -11.55
N ILE C 266 -43.98 -7.48 -11.80
CA ILE C 266 -44.35 -8.53 -10.88
C ILE C 266 -43.11 -9.17 -10.27
N GLY C 267 -43.04 -9.15 -8.94
CA GLY C 267 -41.91 -9.74 -8.23
C GLY C 267 -42.36 -10.67 -7.12
N LEU C 268 -41.40 -11.19 -6.36
CA LEU C 268 -41.69 -12.19 -5.33
C LEU C 268 -41.15 -11.76 -3.98
N GLN C 269 -41.78 -12.25 -2.91
CA GLN C 269 -41.31 -12.01 -1.56
C GLN C 269 -41.55 -13.23 -0.68
N LEU C 270 -40.46 -13.86 -0.25
CA LEU C 270 -40.55 -15.10 0.53
C LEU C 270 -41.23 -14.83 1.86
N ILE C 271 -42.42 -15.41 2.05
CA ILE C 271 -43.21 -15.14 3.23
C ILE C 271 -42.52 -15.69 4.47
N ASN C 272 -42.28 -14.80 5.43
CA ASN C 272 -41.54 -15.17 6.65
C ASN C 272 -40.05 -15.33 6.35
N GLY C 273 -39.65 -14.88 5.16
CA GLY C 273 -38.29 -15.16 4.67
C GLY C 273 -37.21 -14.53 5.53
N LYS C 274 -37.60 -13.53 6.33
CA LYS C 274 -36.64 -12.83 7.17
C LYS C 274 -37.07 -12.85 8.62
N ASN C 275 -38.10 -13.64 8.92
CA ASN C 275 -38.55 -13.82 10.29
C ASN C 275 -37.67 -14.84 11.00
N GLU C 276 -36.61 -14.37 11.62
CA GLU C 276 -35.63 -15.23 12.26
C GLU C 276 -36.29 -16.11 13.32
N SER C 277 -37.20 -15.51 14.09
CA SER C 277 -37.88 -16.23 15.16
C SER C 277 -38.66 -17.42 14.62
N ALA C 278 -39.46 -17.18 13.59
CA ALA C 278 -40.27 -18.22 12.99
C ALA C 278 -39.41 -19.40 12.58
N HIS C 279 -38.24 -19.11 12.00
CA HIS C 279 -37.40 -20.14 11.43
C HIS C 279 -36.57 -20.85 12.50
N ILE C 280 -36.26 -20.14 13.57
CA ILE C 280 -35.75 -20.76 14.78
C ILE C 280 -36.72 -21.82 15.29
N SER C 281 -38.00 -21.47 15.34
CA SER C 281 -39.02 -22.36 15.86
C SER C 281 -39.12 -23.63 15.01
N ASP C 282 -39.08 -23.46 13.70
CA ASP C 282 -39.27 -24.57 12.78
C ASP C 282 -37.99 -25.41 12.68
N ALA C 283 -36.86 -24.74 12.59
CA ALA C 283 -35.56 -25.42 12.55
C ALA C 283 -35.39 -26.34 13.75
N VAL C 284 -35.70 -25.82 14.94
CA VAL C 284 -35.54 -26.58 16.17
C VAL C 284 -36.44 -27.81 16.16
N ALA C 285 -37.64 -27.66 15.59
CA ALA C 285 -38.61 -28.74 15.56
C ALA C 285 -38.11 -29.91 14.74
N VAL C 286 -37.60 -29.63 13.53
CA VAL C 286 -37.15 -30.70 12.64
C VAL C 286 -35.86 -31.33 13.18
N VAL C 287 -34.98 -30.51 13.72
CA VAL C 287 -33.74 -30.99 14.30
C VAL C 287 -34.03 -31.89 15.50
N ALA C 288 -34.96 -31.47 16.34
CA ALA C 288 -35.41 -32.28 17.47
C ALA C 288 -35.93 -33.63 16.98
N GLN C 289 -36.86 -33.58 16.02
CA GLN C 289 -37.45 -34.79 15.47
C GLN C 289 -36.38 -35.74 14.94
N ALA C 290 -35.41 -35.16 14.23
CA ALA C 290 -34.35 -35.96 13.62
C ALA C 290 -33.46 -36.60 14.68
N ILE C 291 -33.27 -35.90 15.79
CA ILE C 291 -32.42 -36.38 16.87
C ILE C 291 -33.04 -37.62 17.52
N HIS C 292 -34.33 -37.56 17.76
CA HIS C 292 -35.05 -38.70 18.32
C HIS C 292 -35.11 -39.85 17.33
N GLU C 293 -35.14 -39.52 16.04
CA GLU C 293 -35.12 -40.53 14.99
C GLU C 293 -33.73 -41.15 14.84
N LEU C 294 -32.71 -40.35 15.10
CA LEU C 294 -31.34 -40.85 15.10
C LEU C 294 -31.13 -41.91 16.18
N PHE C 295 -31.70 -41.65 17.37
CA PHE C 295 -31.33 -42.40 18.56
C PHE C 295 -32.17 -43.67 18.68
N GLU C 296 -33.11 -43.84 17.77
CA GLU C 296 -33.77 -45.13 17.56
C GLU C 296 -32.99 -45.96 16.55
N MET C 297 -31.75 -45.57 16.29
CA MET C 297 -30.80 -46.43 15.60
C MET C 297 -29.64 -46.80 16.52
N GLU C 298 -28.78 -47.70 16.04
CA GLU C 298 -27.76 -48.31 16.89
C GLU C 298 -26.40 -47.69 16.63
N ASN C 299 -25.53 -47.72 17.64
CA ASN C 299 -24.15 -47.29 17.50
C ASN C 299 -24.08 -45.82 17.10
N ILE C 300 -24.78 -44.99 17.86
CA ILE C 300 -24.68 -43.54 17.71
C ILE C 300 -23.54 -42.98 18.56
N THR C 301 -22.59 -42.31 17.92
CA THR C 301 -21.46 -41.74 18.64
C THR C 301 -21.70 -40.26 18.92
N ASP C 302 -21.01 -39.73 19.92
CA ASP C 302 -21.06 -38.31 20.21
C ASP C 302 -20.13 -37.54 19.29
N PRO C 303 -20.50 -36.29 18.96
CA PRO C 303 -19.56 -35.35 18.37
C PRO C 303 -18.38 -35.09 19.30
N PRO C 304 -17.23 -34.69 18.73
CA PRO C 304 -16.04 -34.36 19.51
C PRO C 304 -16.29 -33.22 20.49
N ARG C 305 -15.85 -33.40 21.73
CA ARG C 305 -15.86 -32.33 22.71
C ARG C 305 -14.75 -31.33 22.42
N GLY C 306 -15.08 -30.30 21.66
CA GLY C 306 -14.14 -29.21 21.38
C GLY C 306 -13.36 -29.44 20.10
N CYS C 307 -12.59 -28.44 19.70
CA CYS C 307 -11.82 -28.52 18.46
C CYS C 307 -10.39 -28.99 18.75
N VAL C 308 -9.80 -28.46 19.82
CA VAL C 308 -8.39 -28.67 20.07
C VAL C 308 -8.08 -30.16 20.20
N GLY C 309 -7.18 -30.64 19.34
CA GLY C 309 -6.67 -32.01 19.44
C GLY C 309 -7.53 -32.99 18.68
N ASN C 310 -8.57 -32.50 18.03
CA ASN C 310 -9.51 -33.34 17.31
C ASN C 310 -9.54 -32.99 15.83
N THR C 311 -9.24 -33.98 14.99
CA THR C 311 -9.08 -33.75 13.56
C THR C 311 -9.89 -34.74 12.74
N ASN C 312 -10.47 -35.73 13.41
CA ASN C 312 -11.29 -36.74 12.75
C ASN C 312 -12.74 -36.27 12.70
N ILE C 313 -13.46 -36.70 11.66
CA ILE C 313 -14.87 -36.36 11.54
C ILE C 313 -15.68 -37.09 12.60
N TRP C 314 -16.78 -36.47 13.01
CA TRP C 314 -17.79 -37.13 13.83
C TRP C 314 -18.41 -38.29 13.06
N LYS C 315 -18.17 -39.51 13.54
CA LYS C 315 -18.41 -40.72 12.75
C LYS C 315 -19.89 -40.82 12.37
N THR C 316 -20.75 -40.23 13.19
CA THR C 316 -22.19 -40.37 13.02
C THR C 316 -22.76 -39.20 12.22
N GLY C 317 -21.96 -38.16 12.06
CA GLY C 317 -22.39 -36.96 11.33
C GLY C 317 -23.16 -37.30 10.07
N PRO C 318 -22.53 -38.06 9.16
CA PRO C 318 -23.11 -38.27 7.84
C PRO C 318 -24.44 -39.01 7.89
N LEU C 319 -24.59 -39.89 8.88
CA LEU C 319 -25.87 -40.54 9.12
C LEU C 319 -26.90 -39.52 9.56
N PHE C 320 -26.53 -38.68 10.52
CA PHE C 320 -27.44 -37.68 11.06
C PHE C 320 -27.87 -36.73 9.94
N LYS C 321 -26.97 -36.46 9.01
CA LYS C 321 -27.29 -35.59 7.88
C LYS C 321 -28.35 -36.23 7.00
N ARG C 322 -28.24 -37.55 6.80
CA ARG C 322 -29.22 -38.27 5.99
C ARG C 322 -30.59 -38.23 6.65
N VAL C 323 -30.63 -38.48 7.96
CA VAL C 323 -31.87 -38.43 8.71
C VAL C 323 -32.52 -37.05 8.59
N LEU C 324 -31.72 -36.00 8.75
CA LEU C 324 -32.21 -34.64 8.65
C LEU C 324 -32.83 -34.37 7.28
N MET C 325 -32.13 -34.82 6.23
CA MET C 325 -32.52 -34.47 4.87
C MET C 325 -33.87 -35.08 4.53
N SER C 326 -34.18 -36.20 5.17
CA SER C 326 -35.43 -36.91 4.89
C SER C 326 -36.47 -36.58 5.94
N SER C 327 -36.19 -35.58 6.77
CA SER C 327 -37.11 -35.17 7.82
C SER C 327 -38.25 -34.35 7.24
N LYS C 328 -39.47 -34.73 7.58
CA LYS C 328 -40.66 -33.96 7.21
C LYS C 328 -41.36 -33.42 8.45
N TYR C 329 -41.64 -32.11 8.45
CA TYR C 329 -42.38 -31.49 9.54
C TYR C 329 -43.51 -30.61 8.99
N PRO C 330 -44.72 -31.17 8.90
CA PRO C 330 -45.81 -30.58 8.13
C PRO C 330 -46.38 -29.34 8.81
N ASP C 331 -46.57 -29.41 10.12
CA ASP C 331 -47.29 -28.37 10.86
C ASP C 331 -46.33 -27.30 11.37
N GLY C 332 -45.52 -26.76 10.46
CA GLY C 332 -44.52 -25.77 10.83
C GLY C 332 -45.02 -24.35 10.63
N VAL C 333 -44.38 -23.41 11.32
CA VAL C 333 -44.82 -22.01 11.31
C VAL C 333 -44.69 -21.42 9.91
N THR C 334 -43.65 -21.82 9.19
CA THR C 334 -43.41 -21.31 7.85
C THR C 334 -43.90 -22.30 6.81
N GLY C 335 -44.81 -23.18 7.22
CA GLY C 335 -45.42 -24.13 6.29
C GLY C 335 -44.84 -25.53 6.45
N ARG C 336 -44.88 -26.31 5.37
CA ARG C 336 -44.39 -27.68 5.39
C ARG C 336 -42.88 -27.72 5.20
N ILE C 337 -42.19 -28.29 6.18
CA ILE C 337 -40.73 -28.41 6.12
C ILE C 337 -40.32 -29.75 5.53
N GLU C 338 -39.87 -29.73 4.29
CA GLU C 338 -39.04 -30.80 3.74
C GLU C 338 -37.80 -30.22 3.08
N PHE C 339 -36.82 -31.07 2.80
CA PHE C 339 -35.60 -30.64 2.13
C PHE C 339 -35.40 -31.42 0.83
N ASN C 340 -34.88 -30.74 -0.19
CA ASN C 340 -34.53 -31.40 -1.44
C ASN C 340 -33.11 -31.97 -1.39
N GLU C 341 -32.63 -32.43 -2.53
CA GLU C 341 -31.42 -33.25 -2.58
C GLU C 341 -30.19 -32.45 -2.19
N ASP C 342 -30.35 -31.12 -2.14
CA ASP C 342 -29.25 -30.23 -1.81
C ASP C 342 -29.36 -29.75 -0.37
N GLY C 343 -30.42 -30.17 0.31
CA GLY C 343 -30.68 -29.71 1.67
C GLY C 343 -31.36 -28.36 1.69
N ASP C 344 -31.86 -27.94 0.54
CA ASP C 344 -32.62 -26.70 0.43
C ASP C 344 -34.09 -26.93 0.75
N ARG C 345 -34.74 -25.90 1.28
CA ARG C 345 -36.13 -25.99 1.68
C ARG C 345 -37.04 -26.27 0.48
N LYS C 346 -37.92 -27.26 0.63
CA LYS C 346 -39.04 -27.43 -0.29
C LYS C 346 -40.31 -26.80 0.26
N PHE C 347 -41.27 -26.54 -0.62
CA PHE C 347 -42.61 -26.12 -0.22
C PHE C 347 -42.57 -24.77 0.50
N ALA C 348 -41.67 -23.91 0.05
CA ALA C 348 -41.65 -22.52 0.51
C ALA C 348 -42.85 -21.76 -0.05
N GLN C 349 -43.18 -20.64 0.60
CA GLN C 349 -44.36 -19.87 0.24
C GLN C 349 -44.00 -18.42 -0.08
N TYR C 350 -44.52 -17.91 -1.19
CA TYR C 350 -44.11 -16.61 -1.71
C TYR C 350 -45.31 -15.70 -1.87
N SER C 351 -45.13 -14.42 -1.55
CA SER C 351 -46.04 -13.38 -2.00
C SER C 351 -45.74 -12.99 -3.44
N ILE C 352 -46.75 -13.06 -4.30
CA ILE C 352 -46.65 -12.50 -5.63
C ILE C 352 -47.02 -11.02 -5.62
N MET C 353 -46.00 -10.18 -5.77
CA MET C 353 -46.16 -8.75 -5.59
C MET C 353 -46.28 -8.05 -6.94
N ASN C 354 -47.01 -6.93 -6.96
CA ASN C 354 -47.22 -6.18 -8.19
C ASN C 354 -47.20 -4.69 -7.89
N LEU C 355 -46.44 -3.95 -8.68
CA LEU C 355 -46.19 -2.53 -8.42
C LEU C 355 -47.35 -1.67 -8.89
N GLN C 356 -48.25 -1.35 -7.97
CA GLN C 356 -49.44 -0.57 -8.27
C GLN C 356 -49.39 0.80 -7.59
N ASN C 357 -49.74 1.84 -8.35
CA ASN C 357 -49.96 3.15 -7.77
C ASN C 357 -48.89 3.45 -6.70
N ARG C 358 -47.68 2.97 -6.96
CA ARG C 358 -46.52 3.36 -6.18
C ARG C 358 -46.45 2.58 -4.88
N LYS C 359 -47.27 1.55 -4.78
CA LYS C 359 -47.16 0.57 -3.70
C LYS C 359 -46.85 -0.81 -4.24
N LEU C 360 -46.06 -1.57 -3.50
CA LEU C 360 -45.98 -3.01 -3.70
C LEU C 360 -47.19 -3.70 -3.11
N VAL C 361 -47.90 -4.47 -3.94
CA VAL C 361 -49.23 -4.96 -3.60
C VAL C 361 -49.32 -6.45 -3.86
N GLN C 362 -49.91 -7.17 -2.91
CA GLN C 362 -49.99 -8.62 -2.99
C GLN C 362 -51.17 -9.05 -3.85
N VAL C 363 -50.89 -9.63 -5.01
CA VAL C 363 -51.94 -10.06 -5.93
C VAL C 363 -52.17 -11.56 -5.84
N GLY C 364 -51.40 -12.22 -4.99
CA GLY C 364 -51.58 -13.64 -4.73
C GLY C 364 -50.41 -14.24 -3.99
N ILE C 365 -50.48 -15.55 -3.75
CA ILE C 365 -49.36 -16.27 -3.15
C ILE C 365 -49.10 -17.57 -3.89
N PHE C 366 -47.85 -18.04 -3.83
CA PHE C 366 -47.52 -19.40 -4.20
C PHE C 366 -47.45 -20.28 -2.96
N ASN C 367 -48.38 -21.22 -2.84
CA ASN C 367 -48.69 -21.83 -1.55
C ASN C 367 -47.75 -22.98 -1.23
N GLY C 368 -46.94 -23.35 -2.21
CA GLY C 368 -45.98 -24.44 -2.05
C GLY C 368 -46.02 -25.39 -3.22
N SER C 369 -47.07 -25.29 -4.02
CA SER C 369 -47.21 -26.11 -5.21
C SER C 369 -48.14 -25.46 -6.23
N TYR C 370 -49.03 -24.58 -5.74
CA TYR C 370 -50.04 -23.96 -6.57
C TYR C 370 -50.06 -22.46 -6.39
N ILE C 371 -50.31 -21.73 -7.46
CA ILE C 371 -50.58 -20.30 -7.38
C ILE C 371 -52.02 -20.04 -6.98
N ILE C 372 -52.20 -19.21 -5.95
CA ILE C 372 -53.54 -18.78 -5.55
C ILE C 372 -53.70 -17.28 -5.72
N GLN C 373 -54.42 -16.88 -6.77
CA GLN C 373 -54.71 -15.47 -7.00
C GLN C 373 -55.74 -14.95 -6.01
N ASN C 374 -55.47 -13.77 -5.46
CA ASN C 374 -56.44 -13.10 -4.59
C ASN C 374 -57.27 -12.10 -5.40
N ASP C 375 -58.09 -11.32 -4.70
CA ASP C 375 -59.14 -10.55 -5.35
C ASP C 375 -58.58 -9.33 -6.06
N ARG C 376 -57.30 -9.05 -5.81
CA ARG C 376 -56.69 -7.80 -6.25
C ARG C 376 -56.29 -7.88 -7.72
N LYS C 377 -56.87 -7.02 -8.54
CA LYS C 377 -56.60 -7.01 -9.97
C LYS C 377 -55.14 -6.64 -10.24
N ILE C 378 -54.47 -7.45 -11.04
CA ILE C 378 -53.11 -7.15 -11.47
C ILE C 378 -53.10 -6.00 -12.47
N ILE C 379 -52.14 -5.10 -12.33
CA ILE C 379 -51.99 -3.99 -13.25
C ILE C 379 -50.63 -4.05 -13.95
N TRP C 380 -50.65 -4.33 -15.25
CA TRP C 380 -49.43 -4.55 -16.01
C TRP C 380 -48.82 -3.22 -16.43
N PRO C 381 -47.58 -3.25 -16.93
CA PRO C 381 -46.91 -2.05 -17.43
C PRO C 381 -47.68 -1.42 -18.59
N GLY C 382 -47.93 -0.12 -18.50
CA GLY C 382 -49.01 0.51 -19.26
C GLY C 382 -50.29 0.59 -18.46
N GLY C 383 -51.08 -0.48 -18.51
CA GLY C 383 -52.34 -0.52 -17.79
C GLY C 383 -53.31 -1.52 -18.40
N PRO D 1 19.80 -2.64 5.15
CA PRO D 1 18.48 -3.10 4.74
C PRO D 1 17.60 -3.50 5.92
N PRO D 2 16.31 -3.14 5.87
CA PRO D 2 15.36 -3.42 6.95
C PRO D 2 14.89 -4.88 6.95
N SER D 3 14.39 -5.33 8.09
CA SER D 3 14.01 -6.74 8.25
C SER D 3 12.49 -6.89 8.18
N ILE D 4 12.04 -7.88 7.42
CA ILE D 4 10.65 -8.33 7.49
C ILE D 4 10.55 -9.66 8.22
N GLY D 5 9.50 -9.81 9.02
CA GLY D 5 9.31 -11.01 9.83
C GLY D 5 8.64 -12.12 9.04
N ILE D 6 9.29 -13.28 9.00
CA ILE D 6 8.70 -14.46 8.37
C ILE D 6 8.61 -15.62 9.36
N ALA D 7 7.39 -16.02 9.69
CA ALA D 7 7.17 -17.17 10.56
C ALA D 7 7.16 -18.46 9.76
N VAL D 8 7.96 -19.42 10.20
CA VAL D 8 7.99 -20.74 9.59
C VAL D 8 7.43 -21.77 10.56
N ILE D 9 6.26 -22.31 10.23
CA ILE D 9 5.55 -23.19 11.15
C ILE D 9 5.76 -24.65 10.77
N LEU D 10 6.12 -25.47 11.76
CA LEU D 10 6.47 -26.86 11.52
C LEU D 10 5.64 -27.77 12.42
N VAL D 11 4.67 -28.44 11.80
CA VAL D 11 3.86 -29.43 12.51
C VAL D 11 4.47 -30.82 12.37
N GLY D 12 4.55 -31.53 13.48
CA GLY D 12 5.17 -32.86 13.49
C GLY D 12 6.69 -32.76 13.46
N THR D 13 7.34 -33.91 13.40
CA THR D 13 8.80 -33.98 13.51
C THR D 13 9.45 -33.18 12.38
N SER D 14 10.44 -32.38 12.74
CA SER D 14 11.36 -31.80 11.78
C SER D 14 12.73 -31.55 12.40
N ASP D 15 13.78 -31.83 11.65
CA ASP D 15 15.12 -31.39 12.02
C ASP D 15 15.24 -29.87 11.89
N GLU D 16 14.84 -29.16 12.94
CA GLU D 16 14.85 -27.70 12.94
C GLU D 16 16.25 -27.18 12.61
N VAL D 17 17.27 -27.96 12.96
CA VAL D 17 18.65 -27.55 12.75
C VAL D 17 19.06 -27.76 11.30
N ALA D 18 18.59 -28.86 10.71
CA ALA D 18 18.85 -29.14 9.30
C ALA D 18 18.16 -28.11 8.42
N ILE D 19 17.10 -27.51 8.94
CA ILE D 19 16.30 -26.55 8.18
C ILE D 19 16.89 -25.15 8.29
N LYS D 20 17.22 -24.76 9.52
CA LYS D 20 17.84 -23.45 9.77
C LYS D 20 19.19 -23.36 9.08
N ASP D 21 19.97 -24.45 9.14
CA ASP D 21 21.30 -24.47 8.56
C ASP D 21 21.22 -24.66 7.05
N ALA D 22 20.00 -24.64 6.52
CA ALA D 22 19.80 -24.75 5.07
C ALA D 22 19.42 -23.41 4.48
N HIS D 23 19.06 -22.47 5.34
CA HIS D 23 18.67 -21.13 4.91
C HIS D 23 19.81 -20.15 5.12
N GLU D 24 20.95 -20.67 5.57
CA GLU D 24 22.12 -19.84 5.82
C GLU D 24 22.67 -19.25 4.52
N LYS D 25 21.99 -19.55 3.41
CA LYS D 25 22.07 -18.70 2.22
C LYS D 25 21.32 -17.40 2.43
N ASP D 26 21.18 -16.99 3.69
CA ASP D 26 20.81 -15.62 4.03
C ASP D 26 21.95 -14.66 3.73
N ASP D 27 23.17 -15.19 3.69
CA ASP D 27 24.30 -14.48 3.09
C ASP D 27 24.06 -14.26 1.60
N PHE D 28 22.99 -14.85 1.08
CA PHE D 28 22.64 -14.70 -0.32
C PHE D 28 21.31 -13.98 -0.47
N HIS D 29 21.06 -13.02 0.42
CA HIS D 29 19.97 -12.07 0.23
C HIS D 29 20.51 -10.68 -0.09
N HIS D 30 20.66 -10.40 -1.38
CA HIS D 30 21.25 -9.15 -1.84
C HIS D 30 20.17 -8.23 -2.39
N LEU D 31 19.16 -7.97 -1.57
CA LEU D 31 17.93 -7.35 -2.03
C LEU D 31 17.66 -6.06 -1.27
N SER D 32 16.46 -5.51 -1.43
CA SER D 32 16.07 -4.30 -0.73
C SER D 32 15.72 -4.60 0.73
N VAL D 33 15.48 -5.88 1.02
CA VAL D 33 14.97 -6.28 2.32
C VAL D 33 15.55 -7.63 2.73
N VAL D 34 15.64 -7.86 4.04
CA VAL D 34 16.12 -9.13 4.55
C VAL D 34 15.09 -9.80 5.47
N PRO D 35 15.08 -11.14 5.50
CA PRO D 35 14.18 -11.92 6.35
C PRO D 35 14.62 -11.89 7.81
N ARG D 36 13.64 -11.88 8.71
CA ARG D 36 13.88 -12.19 10.12
C ARG D 36 13.10 -13.43 10.52
N VAL D 37 13.73 -14.60 10.36
CA VAL D 37 13.00 -15.85 10.37
C VAL D 37 12.79 -16.34 11.80
N GLU D 38 11.55 -16.71 12.12
CA GLU D 38 11.24 -17.32 13.40
C GLU D 38 10.55 -18.66 13.22
N LEU D 39 11.18 -19.72 13.74
CA LEU D 39 10.55 -21.04 13.76
C LEU D 39 9.58 -21.17 14.92
N VAL D 40 8.29 -21.14 14.62
CA VAL D 40 7.29 -21.67 15.53
C VAL D 40 7.09 -23.17 15.28
N ALA D 41 6.97 -23.94 16.35
CA ALA D 41 6.57 -25.33 16.26
C ALA D 41 5.16 -25.52 16.81
N MET D 42 4.40 -26.40 16.16
CA MET D 42 3.00 -26.61 16.52
C MET D 42 2.71 -28.09 16.61
N ASN D 43 1.69 -28.46 17.40
CA ASN D 43 1.46 -29.85 17.74
C ASN D 43 0.12 -30.35 17.19
N GLU D 44 -0.82 -29.42 17.01
CA GLU D 44 -2.18 -29.79 16.63
C GLU D 44 -2.58 -29.10 15.33
N THR D 45 -3.48 -29.73 14.60
CA THR D 45 -3.86 -29.24 13.28
C THR D 45 -5.38 -29.24 13.12
N ASP D 46 -6.08 -29.05 14.23
CA ASP D 46 -7.48 -28.61 14.19
C ASP D 46 -7.57 -27.12 13.87
N PRO D 47 -8.77 -26.64 13.53
CA PRO D 47 -8.98 -25.25 13.16
C PRO D 47 -8.53 -24.27 14.24
N LYS D 48 -9.03 -24.46 15.45
CA LYS D 48 -8.74 -23.55 16.55
C LYS D 48 -7.24 -23.45 16.79
N SER D 49 -6.57 -24.60 16.84
CA SER D 49 -5.14 -24.64 17.09
C SER D 49 -4.39 -23.87 16.03
N ILE D 50 -4.75 -24.08 14.76
CA ILE D 50 -4.06 -23.46 13.65
C ILE D 50 -4.33 -21.96 13.59
N ILE D 51 -5.59 -21.58 13.86
CA ILE D 51 -5.99 -20.19 13.82
C ILE D 51 -5.34 -19.40 14.95
N THR D 52 -5.49 -19.90 16.18
CA THR D 52 -5.00 -19.20 17.35
C THR D 52 -3.48 -19.07 17.31
N ARG D 53 -2.82 -20.10 16.79
CA ARG D 53 -1.36 -20.13 16.74
C ARG D 53 -0.83 -19.06 15.80
N ILE D 54 -1.46 -18.96 14.63
CA ILE D 54 -1.07 -17.96 13.64
C ILE D 54 -1.45 -16.56 14.08
N CYS D 55 -2.61 -16.45 14.74
CA CYS D 55 -3.10 -15.15 15.19
C CYS D 55 -2.27 -14.61 16.35
N ASP D 56 -1.83 -15.50 17.23
CA ASP D 56 -0.95 -15.13 18.33
C ASP D 56 0.40 -14.64 17.80
N LEU D 57 0.95 -15.37 16.84
CA LEU D 57 2.16 -14.94 16.15
C LEU D 57 2.01 -13.52 15.62
N MET D 58 0.89 -13.27 14.95
CA MET D 58 0.71 -12.03 14.20
C MET D 58 0.54 -10.85 15.15
N SER D 59 0.31 -11.14 16.42
CA SER D 59 0.09 -10.11 17.42
C SER D 59 1.28 -9.97 18.36
N ASP D 60 1.99 -11.07 18.57
CA ASP D 60 3.23 -11.05 19.34
C ASP D 60 4.44 -10.99 18.42
N ARG D 61 4.29 -10.29 17.29
CA ARG D 61 5.37 -10.09 16.35
C ARG D 61 4.84 -9.51 15.05
N LYS D 62 5.72 -8.92 14.26
CA LYS D 62 5.33 -8.31 12.99
C LYS D 62 5.64 -9.25 11.83
N ILE D 63 4.60 -9.88 11.29
CA ILE D 63 4.79 -11.01 10.37
C ILE D 63 4.30 -10.65 8.97
N GLN D 64 5.24 -10.63 8.03
CA GLN D 64 4.94 -10.27 6.64
C GLN D 64 4.29 -11.45 5.92
N GLY D 65 4.58 -12.66 6.38
CA GLY D 65 4.17 -13.87 5.67
C GLY D 65 4.48 -15.13 6.45
N VAL D 66 3.80 -16.22 6.09
CA VAL D 66 3.94 -17.47 6.82
C VAL D 66 4.40 -18.59 5.89
N VAL D 67 5.33 -19.40 6.36
CA VAL D 67 5.72 -20.62 5.67
C VAL D 67 5.35 -21.86 6.49
N PHE D 68 4.48 -22.69 5.94
CA PHE D 68 3.82 -23.74 6.72
C PHE D 68 4.16 -25.11 6.19
N ALA D 69 4.62 -26.00 7.07
CA ALA D 69 4.89 -27.38 6.71
C ALA D 69 4.38 -28.32 7.80
N ASP D 70 3.70 -29.38 7.39
CA ASP D 70 3.21 -30.38 8.33
C ASP D 70 3.46 -31.80 7.82
N ASP D 71 3.28 -32.77 8.69
CA ASP D 71 3.64 -34.16 8.39
C ASP D 71 2.40 -35.03 8.33
N THR D 72 1.24 -34.40 8.11
CA THR D 72 -0.04 -35.11 8.15
C THR D 72 -0.53 -35.40 6.73
N ASP D 73 -1.65 -36.11 6.64
CA ASP D 73 -2.36 -36.29 5.38
C ASP D 73 -3.68 -35.54 5.39
N GLN D 74 -3.71 -34.42 6.10
CA GLN D 74 -4.96 -33.69 6.31
C GLN D 74 -5.08 -32.51 5.34
N GLU D 75 -5.90 -32.71 4.31
CA GLU D 75 -6.06 -31.69 3.26
C GLU D 75 -6.85 -30.49 3.77
N ALA D 76 -7.52 -30.66 4.91
CA ALA D 76 -8.30 -29.59 5.51
C ALA D 76 -7.40 -28.46 5.98
N ILE D 77 -6.16 -28.79 6.33
CA ILE D 77 -5.18 -27.79 6.74
C ILE D 77 -5.03 -26.72 5.67
N ALA D 78 -5.03 -27.14 4.41
CA ALA D 78 -4.95 -26.21 3.29
C ALA D 78 -6.15 -25.27 3.27
N GLN D 79 -7.34 -25.84 3.38
CA GLN D 79 -8.56 -25.05 3.46
C GLN D 79 -8.45 -23.99 4.55
N ILE D 80 -8.00 -24.40 5.73
CA ILE D 80 -7.94 -23.52 6.89
C ILE D 80 -6.96 -22.38 6.65
N LEU D 81 -5.88 -22.68 5.92
CA LEU D 81 -4.82 -21.70 5.69
C LEU D 81 -5.25 -20.67 4.67
N ASP D 82 -5.94 -21.12 3.63
CA ASP D 82 -6.58 -20.22 2.68
C ASP D 82 -7.49 -19.23 3.41
N PHE D 83 -8.40 -19.77 4.22
CA PHE D 83 -9.33 -18.95 4.99
C PHE D 83 -8.59 -17.91 5.81
N ILE D 84 -7.64 -18.36 6.63
CA ILE D 84 -6.85 -17.46 7.46
C ILE D 84 -6.13 -16.43 6.60
N SER D 85 -5.57 -16.88 5.48
CA SER D 85 -4.80 -15.99 4.61
C SER D 85 -5.67 -14.90 4.02
N ALA D 86 -6.89 -15.27 3.64
CA ALA D 86 -7.81 -14.31 3.01
C ALA D 86 -8.33 -13.32 4.03
N GLN D 87 -8.62 -13.79 5.24
CA GLN D 87 -9.21 -12.95 6.28
C GLN D 87 -8.21 -11.91 6.76
N THR D 88 -6.94 -12.28 6.81
CA THR D 88 -5.91 -11.43 7.39
C THR D 88 -5.06 -10.77 6.30
N LEU D 89 -5.41 -11.03 5.05
CA LEU D 89 -4.56 -10.67 3.92
C LEU D 89 -3.09 -10.82 4.30
N THR D 90 -2.72 -12.05 4.64
CA THR D 90 -1.34 -12.39 4.93
C THR D 90 -0.88 -13.56 4.07
N PRO D 91 0.30 -13.45 3.45
CA PRO D 91 0.77 -14.52 2.59
C PRO D 91 1.12 -15.79 3.37
N ILE D 92 0.54 -16.91 2.95
CA ILE D 92 0.81 -18.19 3.57
C ILE D 92 1.21 -19.22 2.51
N LEU D 93 2.39 -19.81 2.70
CA LEU D 93 2.87 -20.84 1.79
C LEU D 93 2.73 -22.22 2.42
N GLY D 94 1.90 -23.06 1.79
CA GLY D 94 1.80 -24.47 2.18
C GLY D 94 2.73 -25.35 1.38
N ILE D 95 3.82 -25.77 2.00
CA ILE D 95 4.98 -26.28 1.27
C ILE D 95 5.11 -27.79 1.40
N HIS D 96 4.37 -28.37 2.34
CA HIS D 96 4.52 -29.80 2.65
C HIS D 96 3.31 -30.33 3.42
N GLY D 97 2.97 -31.59 3.17
CA GLY D 97 1.94 -32.28 3.96
C GLY D 97 0.54 -31.86 3.58
N GLY D 98 -0.35 -31.84 4.56
CA GLY D 98 -1.73 -31.41 4.36
C GLY D 98 -1.82 -30.02 3.77
N SER D 99 -0.92 -29.13 4.20
CA SER D 99 -0.95 -27.75 3.76
C SER D 99 -0.79 -27.65 2.25
N SER D 100 -0.18 -28.68 1.66
CA SER D 100 0.25 -28.61 0.26
C SER D 100 -0.70 -29.40 -0.64
N MET D 101 -1.72 -30.01 -0.04
CA MET D 101 -2.67 -30.82 -0.79
C MET D 101 -3.71 -29.93 -1.46
N ILE D 102 -3.87 -30.12 -2.77
CA ILE D 102 -4.54 -29.13 -3.60
C ILE D 102 -5.77 -28.57 -2.88
N MET D 103 -5.82 -27.25 -2.76
CA MET D 103 -7.08 -26.55 -2.62
C MET D 103 -7.51 -25.95 -3.96
N ALA D 104 -8.61 -26.45 -4.49
CA ALA D 104 -9.30 -25.78 -5.59
C ALA D 104 -10.20 -24.67 -5.07
N ASP D 105 -10.39 -23.63 -5.88
CA ASP D 105 -11.26 -22.53 -5.52
C ASP D 105 -10.83 -21.90 -4.21
N LYS D 106 -9.59 -21.41 -4.17
CA LYS D 106 -9.15 -20.46 -3.15
C LYS D 106 -9.99 -19.19 -3.21
N ASP D 107 -9.97 -18.43 -2.12
CA ASP D 107 -10.74 -17.20 -2.03
C ASP D 107 -10.23 -16.17 -3.02
N GLU D 108 -11.11 -15.27 -3.45
CA GLU D 108 -10.73 -14.17 -4.31
C GLU D 108 -9.52 -13.44 -3.75
N SER D 109 -9.54 -13.17 -2.44
CA SER D 109 -8.57 -12.28 -1.84
C SER D 109 -7.59 -13.07 -0.98
N SER D 110 -7.47 -14.35 -1.26
CA SER D 110 -6.47 -15.19 -0.62
C SER D 110 -5.08 -14.83 -1.12
N MET D 111 -4.08 -14.99 -0.25
CA MET D 111 -2.69 -14.98 -0.67
C MET D 111 -2.04 -16.31 -0.28
N PHE D 112 -2.73 -17.40 -0.57
CA PHE D 112 -2.29 -18.73 -0.18
C PHE D 112 -1.75 -19.49 -1.38
N PHE D 113 -0.48 -19.86 -1.31
CA PHE D 113 0.18 -20.57 -2.40
C PHE D 113 0.73 -21.91 -1.92
N GLN D 114 0.73 -22.90 -2.81
CA GLN D 114 1.04 -24.27 -2.42
C GLN D 114 2.15 -24.84 -3.28
N PHE D 115 3.08 -25.55 -2.64
CA PHE D 115 4.03 -26.38 -3.35
C PHE D 115 3.36 -27.68 -3.80
N GLY D 116 3.41 -27.94 -5.11
CA GLY D 116 2.73 -29.10 -5.67
C GLY D 116 1.93 -28.75 -6.90
N PRO D 117 1.34 -29.77 -7.56
CA PRO D 117 0.88 -29.64 -8.93
C PRO D 117 -0.59 -29.28 -9.01
N SER D 118 -0.94 -28.43 -9.97
CA SER D 118 -2.33 -28.17 -10.31
C SER D 118 -3.13 -29.47 -10.34
N ILE D 119 -4.44 -29.36 -10.14
CA ILE D 119 -5.35 -30.45 -10.46
C ILE D 119 -5.31 -30.77 -11.95
N GLU D 120 -5.26 -29.72 -12.77
CA GLU D 120 -5.34 -29.87 -14.21
C GLU D 120 -4.06 -30.47 -14.77
N GLN D 121 -2.95 -30.22 -14.08
CA GLN D 121 -1.66 -30.74 -14.50
C GLN D 121 -1.54 -32.23 -14.22
N GLN D 122 -2.02 -32.65 -13.06
CA GLN D 122 -2.03 -34.06 -12.69
C GLN D 122 -2.95 -34.85 -13.63
N ALA D 123 -4.02 -34.22 -14.07
CA ALA D 123 -4.95 -34.85 -14.99
C ALA D 123 -4.27 -35.14 -16.32
N SER D 124 -3.45 -34.20 -16.77
CA SER D 124 -2.80 -34.32 -18.07
C SER D 124 -1.63 -35.29 -17.98
N VAL D 125 -1.00 -35.35 -16.81
CA VAL D 125 0.05 -36.31 -16.55
C VAL D 125 -0.51 -37.73 -16.54
N MET D 126 -1.74 -37.87 -16.05
CA MET D 126 -2.37 -39.17 -15.94
C MET D 126 -2.78 -39.70 -17.30
N LEU D 127 -3.16 -38.78 -18.19
CA LEU D 127 -3.50 -39.15 -19.56
C LEU D 127 -2.24 -39.47 -20.36
N ASN D 128 -1.14 -38.81 -20.03
CA ASN D 128 0.14 -39.10 -20.66
C ASN D 128 0.63 -40.49 -20.30
N ILE D 129 0.48 -40.87 -19.04
CA ILE D 129 0.75 -42.24 -18.60
C ILE D 129 -0.07 -43.23 -19.41
N MET D 130 -1.36 -42.93 -19.56
CA MET D 130 -2.27 -43.83 -20.25
C MET D 130 -1.92 -43.95 -21.73
N GLU D 131 -1.47 -42.84 -22.32
CA GLU D 131 -1.10 -42.83 -23.73
C GLU D 131 0.13 -43.68 -23.98
N GLU D 132 1.04 -43.67 -23.02
CA GLU D 132 2.30 -44.40 -23.14
C GLU D 132 2.06 -45.90 -23.27
N TYR D 133 1.07 -46.40 -22.53
CA TYR D 133 0.76 -47.83 -22.53
C TYR D 133 -0.56 -48.11 -23.25
N ASP D 134 -0.97 -47.19 -24.12
CA ASP D 134 -2.18 -47.36 -24.90
C ASP D 134 -3.35 -47.79 -24.02
N TRP D 135 -3.50 -47.13 -22.87
CA TRP D 135 -4.66 -47.32 -22.03
C TRP D 135 -5.76 -46.32 -22.37
N TYR D 136 -6.50 -46.60 -23.44
CA TYR D 136 -7.35 -45.60 -24.07
C TYR D 136 -8.78 -45.70 -23.55
N ILE D 137 -9.04 -46.73 -22.74
CA ILE D 137 -10.39 -47.00 -22.28
C ILE D 137 -10.45 -47.02 -20.75
N PHE D 138 -11.28 -46.14 -20.19
CA PHE D 138 -11.18 -45.79 -18.78
C PHE D 138 -12.49 -45.20 -18.26
N SER D 139 -12.65 -45.19 -16.93
CA SER D 139 -13.70 -44.43 -16.29
C SER D 139 -13.12 -43.48 -15.24
N ILE D 140 -13.92 -42.51 -14.83
CA ILE D 140 -13.54 -41.61 -13.75
C ILE D 140 -14.43 -41.80 -12.53
N VAL D 141 -13.83 -41.77 -11.35
CA VAL D 141 -14.59 -41.72 -10.11
C VAL D 141 -14.11 -40.58 -9.23
N THR D 142 -15.03 -39.75 -8.79
CA THR D 142 -14.73 -38.67 -7.86
C THR D 142 -15.69 -38.69 -6.67
N THR D 143 -15.29 -38.06 -5.59
CA THR D 143 -16.24 -37.53 -4.62
C THR D 143 -16.52 -36.06 -4.94
N TYR D 144 -17.06 -35.35 -3.96
CA TYR D 144 -17.43 -33.95 -4.15
C TYR D 144 -16.30 -33.03 -3.68
N PHE D 145 -15.21 -33.63 -3.23
CA PHE D 145 -14.07 -32.86 -2.76
C PHE D 145 -13.69 -31.81 -3.78
N PRO D 146 -13.64 -30.53 -3.36
CA PRO D 146 -13.41 -29.43 -4.28
C PRO D 146 -12.31 -29.77 -5.29
N GLY D 147 -12.55 -29.46 -6.55
CA GLY D 147 -11.57 -29.73 -7.61
C GLY D 147 -12.03 -30.84 -8.52
N TYR D 148 -13.07 -31.55 -8.10
CA TYR D 148 -13.49 -32.75 -8.80
C TYR D 148 -14.09 -32.40 -10.16
N GLN D 149 -14.71 -31.23 -10.25
CA GLN D 149 -15.20 -30.71 -11.52
C GLN D 149 -14.04 -30.31 -12.42
N ASP D 150 -13.11 -29.53 -11.86
CA ASP D 150 -11.90 -29.14 -12.57
C ASP D 150 -11.18 -30.35 -13.13
N PHE D 151 -11.17 -31.43 -12.36
CA PHE D 151 -10.48 -32.65 -12.75
C PHE D 151 -11.18 -33.32 -13.93
N VAL D 152 -12.48 -33.53 -13.78
CA VAL D 152 -13.28 -34.16 -14.82
C VAL D 152 -13.24 -33.35 -16.10
N ASN D 153 -13.39 -32.04 -15.98
CA ASN D 153 -13.46 -31.16 -17.13
C ASN D 153 -12.15 -31.19 -17.92
N LYS D 154 -11.04 -31.23 -17.21
CA LYS D 154 -9.72 -31.26 -17.84
C LYS D 154 -9.56 -32.52 -18.68
N ILE D 155 -9.87 -33.67 -18.10
CA ILE D 155 -9.93 -34.92 -18.84
C ILE D 155 -10.80 -34.77 -20.08
N ARG D 156 -12.08 -34.47 -19.85
CA ARG D 156 -13.05 -34.38 -20.93
C ARG D 156 -12.56 -33.47 -22.04
N SER D 157 -12.08 -32.29 -21.65
CA SER D 157 -11.60 -31.30 -22.61
C SER D 157 -10.45 -31.86 -23.43
N THR D 158 -9.61 -32.66 -22.78
CA THR D 158 -8.37 -33.12 -23.40
C THR D 158 -8.65 -34.19 -24.46
N ILE D 159 -9.65 -35.01 -24.20
CA ILE D 159 -9.90 -36.18 -25.04
C ILE D 159 -10.95 -35.88 -26.12
N GLU D 160 -11.62 -34.75 -25.99
CA GLU D 160 -12.46 -34.23 -27.06
C GLU D 160 -11.59 -33.59 -28.16
N ASN D 161 -10.41 -33.12 -27.75
CA ASN D 161 -9.52 -32.43 -28.66
C ASN D 161 -8.40 -33.36 -29.15
N SER D 162 -8.72 -34.66 -29.23
CA SER D 162 -7.71 -35.68 -29.48
C SER D 162 -8.07 -36.52 -30.70
N PHE D 163 -7.10 -36.67 -31.59
CA PHE D 163 -7.21 -37.64 -32.68
C PHE D 163 -6.99 -39.06 -32.17
N VAL D 164 -6.73 -39.18 -30.86
CA VAL D 164 -6.52 -40.48 -30.24
C VAL D 164 -7.86 -41.11 -29.87
N GLY D 165 -7.89 -42.44 -29.83
CA GLY D 165 -9.14 -43.18 -29.68
C GLY D 165 -9.50 -43.37 -28.22
N TRP D 166 -9.61 -42.27 -27.49
CA TRP D 166 -10.04 -42.31 -26.10
C TRP D 166 -11.48 -42.78 -26.01
N GLU D 167 -11.78 -43.59 -24.98
CA GLU D 167 -13.15 -43.96 -24.67
C GLU D 167 -13.42 -43.79 -23.18
N LEU D 168 -14.08 -42.69 -22.83
CA LEU D 168 -14.52 -42.46 -21.46
C LEU D 168 -15.88 -43.11 -21.21
N GLU D 169 -15.87 -44.21 -20.46
CA GLU D 169 -17.03 -45.09 -20.40
C GLU D 169 -18.02 -44.63 -19.34
N GLU D 170 -17.50 -44.26 -18.17
CA GLU D 170 -18.34 -43.92 -17.03
C GLU D 170 -17.68 -42.83 -16.18
N VAL D 171 -18.49 -41.88 -15.73
CA VAL D 171 -18.08 -40.97 -14.67
C VAL D 171 -19.01 -41.09 -13.48
N LEU D 172 -18.44 -41.43 -12.32
CA LEU D 172 -19.23 -41.58 -11.10
C LEU D 172 -18.96 -40.44 -10.12
N LEU D 173 -20.03 -39.95 -9.50
CA LEU D 173 -19.92 -38.94 -8.46
C LEU D 173 -20.44 -39.51 -7.15
N LEU D 174 -19.52 -39.76 -6.21
CA LEU D 174 -19.87 -40.44 -4.97
C LEU D 174 -20.11 -39.43 -3.85
N ASP D 175 -21.31 -39.45 -3.30
CA ASP D 175 -21.68 -38.52 -2.22
C ASP D 175 -21.38 -39.12 -0.86
N MET D 176 -20.22 -38.79 -0.31
CA MET D 176 -19.76 -39.40 0.93
C MET D 176 -19.99 -38.45 2.10
N SER D 177 -20.82 -37.44 1.89
CA SER D 177 -21.32 -36.62 2.97
C SER D 177 -22.44 -37.33 3.72
N LEU D 178 -22.99 -38.37 3.08
CA LEU D 178 -24.03 -39.18 3.70
C LEU D 178 -23.46 -40.54 4.10
N ASP D 179 -24.14 -41.21 5.03
CA ASP D 179 -23.73 -42.54 5.46
C ASP D 179 -23.99 -43.56 4.35
N ASP D 180 -23.26 -44.67 4.40
CA ASP D 180 -23.36 -45.70 3.37
C ASP D 180 -24.02 -46.96 3.92
N GLY D 181 -25.09 -46.78 4.67
CA GLY D 181 -25.88 -47.91 5.15
C GLY D 181 -26.69 -48.57 4.07
N ASP D 182 -27.11 -47.77 3.08
CA ASP D 182 -27.92 -48.27 1.98
C ASP D 182 -27.04 -48.87 0.88
N SER D 183 -25.76 -49.07 1.20
CA SER D 183 -24.81 -49.58 0.23
C SER D 183 -25.01 -48.94 -1.14
N LYS D 184 -25.07 -47.61 -1.15
CA LYS D 184 -25.33 -46.86 -2.37
C LYS D 184 -24.09 -46.82 -3.26
N ILE D 185 -22.95 -46.50 -2.66
CA ILE D 185 -21.73 -46.29 -3.43
C ILE D 185 -21.17 -47.61 -3.93
N GLN D 186 -21.57 -48.70 -3.28
CA GLN D 186 -21.31 -50.04 -3.80
C GLN D 186 -22.07 -50.27 -5.11
N ASN D 187 -23.30 -49.78 -5.17
CA ASN D 187 -24.13 -49.96 -6.34
C ASN D 187 -23.61 -49.14 -7.52
N GLN D 188 -23.05 -47.97 -7.21
CA GLN D 188 -22.44 -47.14 -8.23
C GLN D 188 -21.17 -47.78 -8.77
N LEU D 189 -20.36 -48.32 -7.85
CA LEU D 189 -19.09 -48.90 -8.22
C LEU D 189 -19.28 -50.13 -9.10
N LYS D 190 -20.38 -50.85 -8.87
CA LYS D 190 -20.67 -52.08 -9.59
C LYS D 190 -20.90 -51.79 -11.08
N LYS D 191 -21.12 -50.52 -11.41
CA LYS D 191 -21.45 -50.12 -12.77
C LYS D 191 -20.19 -50.05 -13.64
N LEU D 192 -19.03 -50.11 -13.00
CA LEU D 192 -17.77 -49.86 -13.68
C LEU D 192 -17.36 -51.08 -14.51
N GLN D 193 -16.96 -50.83 -15.76
CA GLN D 193 -16.49 -51.89 -16.65
C GLN D 193 -15.01 -51.71 -16.96
N SER D 194 -14.57 -50.46 -17.05
CA SER D 194 -13.29 -50.13 -17.66
C SER D 194 -12.14 -50.79 -16.93
N PRO D 195 -11.00 -50.94 -17.61
CA PRO D 195 -9.80 -51.52 -17.00
C PRO D 195 -8.92 -50.48 -16.32
N ILE D 196 -9.03 -49.23 -16.78
CA ILE D 196 -8.41 -48.10 -16.08
C ILE D 196 -9.46 -47.29 -15.36
N ILE D 197 -9.13 -46.84 -14.14
CA ILE D 197 -10.03 -46.00 -13.36
C ILE D 197 -9.28 -44.85 -12.73
N LEU D 198 -9.67 -43.63 -13.09
CA LEU D 198 -9.11 -42.43 -12.49
C LEU D 198 -9.94 -41.98 -11.30
N LEU D 199 -9.30 -41.86 -10.15
CA LEU D 199 -10.00 -41.56 -8.91
C LEU D 199 -9.54 -40.23 -8.34
N TYR D 200 -10.47 -39.30 -8.18
CA TYR D 200 -10.19 -38.03 -7.52
C TYR D 200 -10.97 -37.92 -6.21
N CYS D 201 -10.23 -37.78 -5.11
CA CYS D 201 -10.82 -37.73 -3.78
C CYS D 201 -9.72 -37.60 -2.75
N THR D 202 -10.10 -37.59 -1.46
CA THR D 202 -9.12 -37.47 -0.39
C THR D 202 -8.55 -38.84 -0.05
N LYS D 203 -7.47 -38.83 0.73
CA LYS D 203 -6.84 -40.08 1.16
C LYS D 203 -7.81 -40.92 1.98
N GLU D 204 -8.46 -40.28 2.96
CA GLU D 204 -9.44 -40.96 3.80
C GLU D 204 -10.58 -41.52 2.96
N GLU D 205 -11.08 -40.70 2.04
CA GLU D 205 -12.18 -41.11 1.16
C GLU D 205 -11.74 -42.28 0.28
N ALA D 206 -10.57 -42.16 -0.33
CA ALA D 206 -10.03 -43.22 -1.15
C ALA D 206 -10.00 -44.53 -0.39
N THR D 207 -9.58 -44.48 0.87
CA THR D 207 -9.47 -45.67 1.70
C THR D 207 -10.78 -46.44 1.74
N TYR D 208 -11.89 -45.73 1.87
CA TYR D 208 -13.20 -46.35 1.93
C TYR D 208 -13.62 -46.86 0.54
N ILE D 209 -13.38 -46.05 -0.48
CA ILE D 209 -13.79 -46.39 -1.84
C ILE D 209 -13.10 -47.65 -2.32
N PHE D 210 -11.84 -47.82 -1.93
CA PHE D 210 -11.08 -49.01 -2.28
C PHE D 210 -11.64 -50.23 -1.57
N GLU D 211 -11.95 -50.08 -0.28
CA GLU D 211 -12.56 -51.16 0.48
C GLU D 211 -13.79 -51.71 -0.25
N VAL D 212 -14.67 -50.80 -0.66
CA VAL D 212 -15.90 -51.19 -1.34
C VAL D 212 -15.59 -51.76 -2.72
N ALA D 213 -14.72 -51.06 -3.45
CA ALA D 213 -14.32 -51.51 -4.79
C ALA D 213 -13.77 -52.93 -4.74
N ASN D 214 -13.00 -53.22 -3.70
CA ASN D 214 -12.41 -54.54 -3.53
C ASN D 214 -13.48 -55.58 -3.24
N SER D 215 -14.51 -55.17 -2.50
CA SER D 215 -15.61 -56.05 -2.16
C SER D 215 -16.34 -56.53 -3.41
N VAL D 216 -16.35 -55.69 -4.44
CA VAL D 216 -17.06 -56.02 -5.68
C VAL D 216 -16.08 -56.22 -6.82
N GLY D 217 -14.82 -56.49 -6.48
CA GLY D 217 -13.90 -57.18 -7.37
C GLY D 217 -13.37 -56.29 -8.48
N LEU D 218 -12.88 -55.12 -8.10
CA LEU D 218 -12.40 -54.14 -9.07
C LEU D 218 -10.98 -53.69 -8.77
N THR D 219 -10.29 -54.44 -7.90
CA THR D 219 -8.97 -54.03 -7.44
C THR D 219 -7.89 -54.98 -7.93
N GLY D 220 -8.31 -56.07 -8.57
CA GLY D 220 -7.40 -57.16 -8.90
C GLY D 220 -6.48 -56.80 -10.05
N TYR D 221 -5.85 -57.80 -10.64
CA TYR D 221 -5.40 -57.73 -12.03
C TYR D 221 -6.57 -57.34 -12.93
N GLY D 222 -6.27 -56.62 -14.01
CA GLY D 222 -7.27 -56.28 -15.01
C GLY D 222 -7.96 -54.96 -14.71
N TYR D 223 -7.85 -54.50 -13.47
CA TYR D 223 -8.19 -53.13 -13.13
C TYR D 223 -6.98 -52.39 -12.59
N THR D 224 -6.76 -51.18 -13.12
CA THR D 224 -5.68 -50.33 -12.64
C THR D 224 -6.23 -48.96 -12.25
N TRP D 225 -5.96 -48.57 -11.00
CA TRP D 225 -6.43 -47.29 -10.48
C TRP D 225 -5.31 -46.25 -10.52
N ILE D 226 -5.64 -45.05 -10.95
CA ILE D 226 -4.69 -43.94 -10.95
C ILE D 226 -5.25 -42.77 -10.14
N VAL D 227 -4.49 -42.35 -9.13
CA VAL D 227 -4.94 -41.33 -8.20
C VAL D 227 -3.95 -40.17 -8.16
N PRO D 228 -4.39 -39.01 -7.63
CA PRO D 228 -3.51 -37.85 -7.60
C PRO D 228 -2.76 -37.73 -6.29
N SER D 229 -1.79 -36.82 -6.26
CA SER D 229 -0.85 -36.70 -5.15
C SER D 229 -1.53 -36.95 -3.81
N LEU D 230 -2.67 -36.32 -3.60
CA LEU D 230 -3.22 -36.14 -2.25
C LEU D 230 -3.77 -37.45 -1.69
N VAL D 231 -4.09 -38.38 -2.59
CA VAL D 231 -4.53 -39.70 -2.18
C VAL D 231 -3.37 -40.51 -1.62
N ALA D 232 -2.28 -40.58 -2.38
CA ALA D 232 -1.04 -41.17 -1.89
C ALA D 232 -0.57 -40.46 -0.64
N GLY D 233 -0.66 -39.13 -0.65
CA GLY D 233 -0.16 -38.32 0.44
C GLY D 233 1.21 -38.78 0.94
N ASP D 234 1.36 -38.86 2.25
CA ASP D 234 2.59 -39.35 2.85
C ASP D 234 2.81 -40.81 2.50
N THR D 235 3.87 -41.09 1.74
CA THR D 235 4.05 -42.39 1.13
C THR D 235 4.65 -43.38 2.13
N ASP D 236 5.10 -42.86 3.27
CA ASP D 236 5.50 -43.70 4.40
C ASP D 236 4.28 -44.24 5.12
N THR D 237 3.10 -43.76 4.74
CA THR D 237 1.86 -44.20 5.36
C THR D 237 0.89 -44.74 4.33
N VAL D 238 0.71 -46.06 4.34
CA VAL D 238 0.05 -46.76 3.23
C VAL D 238 -1.12 -47.59 3.75
N PRO D 239 -2.33 -47.03 3.69
CA PRO D 239 -3.51 -47.76 4.15
C PRO D 239 -3.55 -49.17 3.56
N SER D 240 -3.85 -50.15 4.40
CA SER D 240 -3.89 -51.54 3.97
C SER D 240 -4.95 -51.73 2.87
N GLU D 241 -5.87 -50.78 2.77
CA GLU D 241 -6.99 -50.91 1.86
C GLU D 241 -6.59 -50.52 0.44
N PHE D 242 -5.51 -49.76 0.31
CA PHE D 242 -4.95 -49.43 -0.99
C PHE D 242 -4.56 -50.70 -1.72
N PRO D 243 -5.02 -50.85 -2.98
CA PRO D 243 -4.70 -52.02 -3.79
C PRO D 243 -3.29 -51.97 -4.36
N THR D 244 -2.56 -53.07 -4.24
CA THR D 244 -1.32 -53.27 -4.99
C THR D 244 -1.54 -53.00 -6.47
N GLY D 245 -0.64 -52.25 -7.08
CA GLY D 245 -0.79 -51.86 -8.47
C GLY D 245 -1.42 -50.48 -8.62
N LEU D 246 -1.61 -49.81 -7.49
CA LEU D 246 -2.06 -48.42 -7.49
C LEU D 246 -0.99 -47.51 -8.08
N ILE D 247 -1.38 -46.69 -9.06
CA ILE D 247 -0.50 -45.67 -9.60
C ILE D 247 -0.89 -44.29 -9.08
N SER D 248 0.11 -43.50 -8.71
CA SER D 248 -0.09 -42.12 -8.31
C SER D 248 0.97 -41.23 -8.94
N VAL D 249 0.53 -40.08 -9.44
CA VAL D 249 1.38 -38.90 -9.47
C VAL D 249 1.70 -38.46 -8.05
N SER D 250 2.91 -37.97 -7.85
CA SER D 250 3.31 -37.53 -6.51
C SER D 250 4.20 -36.30 -6.57
N TYR D 251 3.81 -35.28 -5.82
CA TYR D 251 4.74 -34.33 -5.26
C TYR D 251 4.76 -34.51 -3.75
N ASP D 252 5.74 -35.28 -3.30
CA ASP D 252 5.98 -35.52 -1.89
C ASP D 252 7.46 -35.35 -1.59
N GLU D 253 7.87 -35.79 -0.41
CA GLU D 253 9.28 -35.76 -0.04
C GLU D 253 10.09 -36.76 -0.86
N TRP D 254 10.32 -36.44 -2.13
CA TRP D 254 11.09 -37.34 -3.00
C TRP D 254 12.53 -36.87 -3.16
N ASP D 255 12.72 -35.84 -3.97
CA ASP D 255 14.07 -35.35 -4.26
C ASP D 255 14.17 -33.84 -4.10
N TYR D 256 13.08 -33.23 -3.64
CA TYR D 256 13.07 -31.81 -3.34
C TYR D 256 12.51 -31.56 -1.94
N GLY D 257 13.39 -31.65 -0.94
CA GLY D 257 12.98 -31.98 0.42
C GLY D 257 12.75 -30.74 1.27
N LEU D 258 12.33 -30.96 2.51
CA LEU D 258 11.81 -29.88 3.34
C LEU D 258 12.81 -28.71 3.39
N PRO D 259 14.00 -28.95 3.94
CA PRO D 259 15.00 -27.91 4.10
C PRO D 259 15.08 -26.99 2.89
N ALA D 260 15.02 -27.58 1.70
CA ALA D 260 15.15 -26.82 0.46
C ALA D 260 13.90 -25.96 0.23
N ARG D 261 12.77 -26.42 0.77
CA ARG D 261 11.50 -25.75 0.55
C ARG D 261 11.32 -24.59 1.51
N VAL D 262 11.43 -24.88 2.80
CA VAL D 262 11.51 -23.85 3.82
C VAL D 262 12.47 -22.74 3.38
N ARG D 263 13.55 -23.12 2.73
CA ARG D 263 14.44 -22.16 2.08
C ARG D 263 13.64 -21.28 1.12
N ASP D 264 13.09 -21.92 0.08
CA ASP D 264 12.52 -21.19 -1.05
C ASP D 264 11.29 -20.38 -0.61
N GLY D 265 10.54 -20.93 0.33
CA GLY D 265 9.44 -20.20 0.95
C GLY D 265 9.88 -18.85 1.48
N ILE D 266 10.95 -18.85 2.27
CA ILE D 266 11.49 -17.62 2.82
C ILE D 266 12.03 -16.72 1.71
N ALA D 267 12.58 -17.34 0.68
CA ALA D 267 13.13 -16.62 -0.46
C ALA D 267 12.03 -15.93 -1.25
N ILE D 268 10.95 -16.66 -1.48
CA ILE D 268 9.81 -16.14 -2.23
C ILE D 268 9.20 -14.92 -1.55
N ILE D 269 9.04 -15.03 -0.24
CA ILE D 269 8.32 -14.00 0.52
C ILE D 269 9.15 -12.72 0.61
N THR D 270 10.45 -12.86 0.89
CA THR D 270 11.33 -11.71 1.02
C THR D 270 11.58 -11.06 -0.32
N THR D 271 11.79 -11.87 -1.35
CA THR D 271 12.00 -11.36 -2.70
C THR D 271 10.77 -10.61 -3.19
N ALA D 272 9.60 -11.17 -2.93
CA ALA D 272 8.34 -10.52 -3.28
C ALA D 272 8.24 -9.14 -2.62
N ALA D 273 8.58 -9.08 -1.34
CA ALA D 273 8.51 -7.83 -0.59
C ALA D 273 9.52 -6.83 -1.12
N SER D 274 10.73 -7.30 -1.39
CA SER D 274 11.79 -6.45 -1.92
C SER D 274 11.39 -5.87 -3.27
N ASP D 275 10.78 -6.69 -4.11
CA ASP D 275 10.34 -6.24 -5.43
C ASP D 275 9.29 -5.15 -5.31
N MET D 276 8.34 -5.34 -4.39
CA MET D 276 7.28 -4.36 -4.17
C MET D 276 7.85 -3.07 -3.59
N LEU D 277 8.78 -3.20 -2.66
CA LEU D 277 9.34 -2.04 -1.96
C LEU D 277 10.18 -1.20 -2.91
N SER D 278 11.01 -1.84 -3.71
CA SER D 278 11.86 -1.13 -4.65
C SER D 278 11.13 -0.87 -5.95
N GLU D 279 9.84 -0.57 -5.85
CA GLU D 279 9.09 -0.04 -6.97
C GLU D 279 7.91 0.83 -6.51
N HIS D 280 7.46 0.60 -5.29
CA HIS D 280 6.34 1.37 -4.73
C HIS D 280 6.76 2.11 -3.47
N SER D 281 7.97 1.84 -3.01
CA SER D 281 8.51 2.52 -1.83
C SER D 281 7.64 2.27 -0.61
N PHE D 282 6.98 1.11 -0.60
CA PHE D 282 6.30 0.63 0.60
C PHE D 282 5.93 -0.84 0.48
N ILE D 283 5.79 -1.51 1.63
CA ILE D 283 5.13 -2.82 1.68
C ILE D 283 3.97 -2.80 2.67
N PRO D 284 3.10 -3.82 2.60
CA PRO D 284 1.96 -3.92 3.50
C PRO D 284 2.38 -4.08 4.95
N GLU D 285 1.82 -3.27 5.83
CA GLU D 285 2.08 -3.41 7.27
C GLU D 285 1.44 -4.67 7.81
N PRO D 286 2.25 -5.55 8.41
CA PRO D 286 1.76 -6.75 9.07
C PRO D 286 0.57 -6.47 9.96
N LYS D 287 -0.45 -7.33 9.89
CA LYS D 287 -1.70 -7.10 10.60
C LYS D 287 -1.49 -7.22 12.10
N SER D 288 -1.94 -6.20 12.84
CA SER D 288 -1.75 -6.16 14.29
C SER D 288 -2.43 -7.37 14.96
N SER D 289 -3.54 -7.80 14.39
CA SER D 289 -4.28 -8.94 14.93
C SER D 289 -5.29 -9.48 13.93
N CYS D 290 -5.92 -10.59 14.29
CA CYS D 290 -7.03 -11.13 13.51
C CYS D 290 -8.36 -10.54 13.97
N TYR D 291 -8.37 -9.96 15.17
CA TYR D 291 -9.60 -9.55 15.81
C TYR D 291 -10.08 -8.20 15.28
N ASN D 292 -9.22 -7.54 14.52
CA ASN D 292 -9.46 -6.15 14.12
C ASN D 292 -9.43 -6.01 12.60
N THR D 293 -9.92 -7.03 11.90
CA THR D 293 -9.81 -7.10 10.45
C THR D 293 -11.08 -6.60 9.79
N HIS D 294 -12.15 -6.53 10.56
CA HIS D 294 -13.38 -5.88 10.11
C HIS D 294 -13.20 -4.37 10.00
N GLU D 295 -12.29 -3.83 10.80
CA GLU D 295 -12.02 -2.39 10.81
C GLU D 295 -11.05 -2.01 9.70
N LYS D 296 -9.91 -2.70 9.66
CA LYS D 296 -8.85 -2.38 8.73
C LYS D 296 -9.18 -2.91 7.34
N ARG D 297 -10.41 -2.66 6.89
CA ARG D 297 -10.94 -3.33 5.71
C ARG D 297 -10.55 -2.58 4.44
N ILE D 298 -10.49 -1.26 4.53
CA ILE D 298 -10.22 -0.42 3.36
C ILE D 298 -8.77 0.03 3.34
N TYR D 299 -8.00 -0.43 4.33
CA TYR D 299 -6.59 -0.08 4.42
C TYR D 299 -5.72 -1.21 3.89
N GLN D 300 -6.34 -2.36 3.61
CA GLN D 300 -5.61 -3.56 3.25
C GLN D 300 -5.90 -3.96 1.81
N SER D 301 -5.02 -4.77 1.25
CA SER D 301 -4.97 -4.95 -0.20
C SER D 301 -4.55 -6.37 -0.55
N ASN D 302 -4.61 -6.67 -1.84
CA ASN D 302 -4.16 -7.96 -2.36
C ASN D 302 -2.74 -7.84 -2.90
N MET D 303 -2.16 -6.66 -2.73
CA MET D 303 -1.30 -6.08 -3.76
C MET D 303 -0.04 -6.91 -3.91
N LEU D 304 0.38 -7.53 -2.82
CA LEU D 304 1.70 -8.16 -2.76
C LEU D 304 1.70 -9.46 -3.56
N ASN D 305 0.57 -9.77 -4.19
CA ASN D 305 0.41 -11.04 -4.89
C ASN D 305 1.12 -11.01 -6.24
N ARG D 306 1.03 -9.89 -6.94
CA ARG D 306 1.76 -9.73 -8.20
C ARG D 306 3.14 -10.35 -8.08
N TYR D 307 3.80 -10.06 -6.96
CA TYR D 307 5.23 -10.29 -6.83
C TYR D 307 5.49 -11.68 -6.27
N LEU D 308 4.54 -12.19 -5.49
CA LEU D 308 4.68 -13.49 -4.86
C LEU D 308 4.69 -14.60 -5.91
N ILE D 309 4.08 -14.32 -7.06
CA ILE D 309 3.83 -15.37 -8.05
C ILE D 309 4.83 -15.29 -9.21
N ASN D 310 5.88 -14.50 -9.02
CA ASN D 310 6.78 -14.15 -10.13
C ASN D 310 8.23 -14.06 -9.66
N VAL D 311 8.57 -14.87 -8.67
CA VAL D 311 9.87 -14.75 -8.00
C VAL D 311 10.90 -15.62 -8.70
N THR D 312 12.01 -15.00 -9.10
CA THR D 312 13.24 -15.73 -9.41
C THR D 312 14.37 -15.29 -8.51
N PHE D 313 14.89 -16.23 -7.72
CA PHE D 313 15.94 -15.93 -6.75
C PHE D 313 17.18 -16.78 -7.02
N GLU D 314 18.21 -16.16 -7.59
CA GLU D 314 19.40 -16.88 -8.02
C GLU D 314 19.02 -18.09 -8.86
N GLY D 315 18.14 -17.88 -9.83
CA GLY D 315 18.26 -18.53 -11.14
C GLY D 315 17.36 -19.73 -11.29
N ARG D 316 16.29 -19.78 -10.50
CA ARG D 316 15.22 -20.75 -10.72
C ARG D 316 13.86 -20.05 -10.64
N ASP D 317 12.98 -20.38 -11.58
CA ASP D 317 11.69 -19.72 -11.66
C ASP D 317 10.73 -20.32 -10.64
N LEU D 318 10.68 -19.71 -9.47
CA LEU D 318 9.82 -20.18 -8.39
C LEU D 318 8.39 -19.66 -8.57
N SER D 319 7.99 -19.47 -9.83
CA SER D 319 6.71 -18.86 -10.15
C SER D 319 5.57 -19.68 -9.56
N PHE D 320 4.46 -19.02 -9.27
CA PHE D 320 3.20 -19.71 -9.05
C PHE D 320 2.23 -19.43 -10.19
N SER D 321 1.10 -20.13 -10.19
CA SER D 321 -0.06 -19.72 -10.97
C SER D 321 -0.96 -18.78 -10.18
N GLU D 322 -1.80 -18.04 -10.88
CA GLU D 322 -2.82 -17.21 -10.23
C GLU D 322 -3.78 -18.09 -9.42
N ASP D 323 -3.83 -19.37 -9.76
CA ASP D 323 -4.71 -20.31 -9.08
C ASP D 323 -4.04 -20.89 -7.85
N GLY D 324 -2.76 -20.61 -7.68
CA GLY D 324 -2.10 -20.71 -6.39
C GLY D 324 -1.22 -21.95 -6.28
N TYR D 325 -0.79 -22.45 -7.43
CA TYR D 325 -0.01 -23.68 -7.47
C TYR D 325 1.39 -23.43 -8.02
N GLN D 326 2.28 -24.39 -7.81
CA GLN D 326 3.62 -24.33 -8.38
C GLN D 326 3.58 -24.55 -9.89
N MET D 327 4.45 -23.82 -10.58
CA MET D 327 4.35 -23.73 -12.04
C MET D 327 4.88 -24.98 -12.71
N HIS D 328 6.13 -25.33 -12.41
CA HIS D 328 6.82 -26.40 -13.11
C HIS D 328 7.42 -27.39 -12.13
N PRO D 329 6.57 -28.10 -11.37
CA PRO D 329 7.09 -29.06 -10.43
C PRO D 329 7.64 -30.29 -11.15
N LYS D 330 8.77 -30.79 -10.68
CA LYS D 330 9.22 -32.14 -11.03
C LYS D 330 8.37 -33.18 -10.34
N LEU D 331 7.50 -33.83 -11.11
CA LEU D 331 6.56 -34.80 -10.57
C LEU D 331 7.09 -36.21 -10.71
N VAL D 332 6.90 -37.03 -9.68
CA VAL D 332 7.34 -38.42 -9.70
C VAL D 332 6.14 -39.34 -9.81
N ILE D 333 6.20 -40.27 -10.75
CA ILE D 333 5.19 -41.34 -10.84
C ILE D 333 5.58 -42.51 -9.95
N ILE D 334 4.66 -42.93 -9.09
CA ILE D 334 4.96 -43.96 -8.10
C ILE D 334 3.94 -45.09 -8.19
N LEU D 335 4.38 -46.28 -7.78
CA LEU D 335 3.58 -47.49 -7.95
C LEU D 335 3.65 -48.32 -6.68
N LEU D 336 2.48 -48.63 -6.13
CA LEU D 336 2.39 -49.39 -4.89
C LEU D 336 2.57 -50.88 -5.17
N ASN D 337 3.71 -51.42 -4.75
CA ASN D 337 4.20 -52.67 -5.31
C ASN D 337 3.83 -53.84 -4.42
N LYS D 338 4.35 -55.03 -4.75
CA LYS D 338 3.89 -56.27 -4.13
C LYS D 338 4.33 -56.33 -2.67
N GLU D 339 5.28 -55.47 -2.30
CA GLU D 339 5.75 -55.41 -0.92
C GLU D 339 5.11 -54.25 -0.17
N ARG D 340 4.04 -53.70 -0.73
CA ARG D 340 3.31 -52.60 -0.10
C ARG D 340 4.22 -51.41 0.15
N LYS D 341 5.11 -51.14 -0.80
CA LYS D 341 5.93 -49.93 -0.76
C LYS D 341 5.73 -49.12 -2.03
N TRP D 342 5.64 -47.80 -1.86
CA TRP D 342 5.59 -46.89 -3.01
C TRP D 342 6.97 -46.76 -3.65
N GLU D 343 7.05 -47.06 -4.94
CA GLU D 343 8.33 -47.14 -5.64
C GLU D 343 8.30 -46.30 -6.90
N ARG D 344 9.41 -45.59 -7.15
CA ARG D 344 9.49 -44.66 -8.27
C ARG D 344 9.54 -45.42 -9.60
N VAL D 345 8.83 -44.90 -10.59
CA VAL D 345 8.49 -45.68 -11.78
C VAL D 345 8.42 -44.78 -13.00
N GLY D 346 8.49 -43.47 -12.76
CA GLY D 346 8.52 -42.48 -13.84
C GLY D 346 8.83 -41.09 -13.32
N LYS D 347 9.26 -40.22 -14.22
CA LYS D 347 9.42 -38.80 -13.91
C LYS D 347 8.62 -37.95 -14.90
N TRP D 348 8.12 -36.82 -14.42
CA TRP D 348 7.51 -35.83 -15.30
C TRP D 348 8.29 -34.51 -15.23
N LYS D 349 9.05 -34.24 -16.28
CA LYS D 349 10.00 -33.13 -16.27
C LYS D 349 10.07 -32.47 -17.64
N ASP D 350 9.79 -31.18 -17.69
CA ASP D 350 9.78 -30.45 -18.95
C ASP D 350 8.69 -30.98 -19.87
N LYS D 351 7.50 -31.22 -19.30
CA LYS D 351 6.32 -31.54 -20.10
C LYS D 351 6.53 -32.83 -20.89
N SER D 352 7.62 -33.52 -20.61
CA SER D 352 7.84 -34.86 -21.14
C SER D 352 7.72 -35.90 -20.04
N LEU D 353 7.12 -37.04 -20.36
CA LEU D 353 6.99 -38.15 -19.42
C LEU D 353 8.03 -39.24 -19.74
N GLN D 354 8.92 -39.48 -18.78
CA GLN D 354 9.88 -40.59 -18.90
C GLN D 354 9.52 -41.71 -17.93
N MET D 355 8.94 -42.79 -18.46
CA MET D 355 8.61 -43.96 -17.65
C MET D 355 9.78 -44.93 -17.60
N LYS D 356 9.86 -45.68 -16.52
CA LYS D 356 10.87 -46.72 -16.38
C LYS D 356 10.54 -47.92 -17.26
N TYR D 357 9.34 -48.47 -17.08
CA TYR D 357 8.91 -49.62 -17.85
C TYR D 357 8.38 -49.19 -19.22
N TYR D 358 8.45 -50.10 -20.20
CA TYR D 358 7.75 -49.90 -21.46
C TYR D 358 6.78 -51.04 -21.74
N VAL D 359 6.93 -52.14 -21.00
CA VAL D 359 5.82 -53.06 -20.77
C VAL D 359 5.42 -53.04 -19.29
N TRP D 360 4.20 -52.57 -19.03
CA TRP D 360 3.77 -52.36 -17.66
C TRP D 360 3.72 -53.68 -16.91
N PRO D 361 4.48 -53.77 -15.80
CA PRO D 361 4.58 -54.98 -15.02
C PRO D 361 3.25 -55.38 -14.38
N ARG D 362 3.14 -56.65 -14.01
CA ARG D 362 1.91 -57.17 -13.43
C ARG D 362 2.07 -57.36 -11.92
N MET D 363 1.23 -56.67 -11.16
CA MET D 363 1.42 -56.56 -9.72
C MET D 363 0.49 -57.52 -8.98
#